data_3KSH
# 
_entry.id   3KSH 
# 
_audit_conform.dict_name       mmcif_pdbx.dic 
_audit_conform.dict_version    5.398 
_audit_conform.dict_location   http://mmcif.pdb.org/dictionaries/ascii/mmcif_pdbx.dic 
# 
loop_
_database_2.database_id 
_database_2.database_code 
_database_2.pdbx_database_accession 
_database_2.pdbx_DOI 
PDB   3KSH         pdb_00003ksh 10.2210/pdb3ksh/pdb 
RCSB  RCSB056391   ?            ?                   
WWPDB D_1000056391 ?            ?                   
# 
loop_
_pdbx_audit_revision_history.ordinal 
_pdbx_audit_revision_history.data_content_type 
_pdbx_audit_revision_history.major_revision 
_pdbx_audit_revision_history.minor_revision 
_pdbx_audit_revision_history.revision_date 
1 'Structure model' 1 0 2010-05-26 
2 'Structure model' 1 1 2011-07-13 
3 'Structure model' 1 2 2023-11-01 
4 'Structure model' 1 3 2024-10-30 
# 
_pdbx_audit_revision_details.ordinal             1 
_pdbx_audit_revision_details.revision_ordinal    1 
_pdbx_audit_revision_details.data_content_type   'Structure model' 
_pdbx_audit_revision_details.provider            repository 
_pdbx_audit_revision_details.type                'Initial release' 
_pdbx_audit_revision_details.description         ? 
_pdbx_audit_revision_details.details             ? 
# 
loop_
_pdbx_audit_revision_group.ordinal 
_pdbx_audit_revision_group.revision_ordinal 
_pdbx_audit_revision_group.data_content_type 
_pdbx_audit_revision_group.group 
1 2 'Structure model' 'Version format compliance' 
2 3 'Structure model' 'Data collection'           
3 3 'Structure model' 'Database references'       
4 3 'Structure model' 'Derived calculations'      
5 3 'Structure model' 'Refinement description'    
6 4 'Structure model' 'Structure summary'         
# 
loop_
_pdbx_audit_revision_category.ordinal 
_pdbx_audit_revision_category.revision_ordinal 
_pdbx_audit_revision_category.data_content_type 
_pdbx_audit_revision_category.category 
1 3 'Structure model' chem_comp_atom                
2 3 'Structure model' chem_comp_bond                
3 3 'Structure model' database_2                    
4 3 'Structure model' pdbx_initial_refinement_model 
5 3 'Structure model' struct_ref_seq_dif            
6 3 'Structure model' struct_site                   
7 4 'Structure model' pdbx_entry_details            
8 4 'Structure model' pdbx_modification_feature     
# 
loop_
_pdbx_audit_revision_item.ordinal 
_pdbx_audit_revision_item.revision_ordinal 
_pdbx_audit_revision_item.data_content_type 
_pdbx_audit_revision_item.item 
1 3 'Structure model' '_database_2.pdbx_DOI'                
2 3 'Structure model' '_database_2.pdbx_database_accession' 
3 3 'Structure model' '_struct_ref_seq_dif.details'         
4 3 'Structure model' '_struct_site.pdbx_auth_asym_id'      
5 3 'Structure model' '_struct_site.pdbx_auth_comp_id'      
6 3 'Structure model' '_struct_site.pdbx_auth_seq_id'       
# 
_pdbx_database_status.status_code                     REL 
_pdbx_database_status.entry_id                        3KSH 
_pdbx_database_status.recvd_initial_deposition_date   2009-11-23 
_pdbx_database_status.deposit_site                    RCSB 
_pdbx_database_status.process_site                    PDBJ 
_pdbx_database_status.status_code_sf                  REL 
_pdbx_database_status.status_code_mr                  ? 
_pdbx_database_status.SG_entry                        ? 
_pdbx_database_status.pdb_format_compatible           Y 
_pdbx_database_status.status_code_cs                  ? 
_pdbx_database_status.status_code_nmr_data            ? 
_pdbx_database_status.methods_development_category    ? 
# 
loop_
_pdbx_database_related.db_name 
_pdbx_database_related.db_id 
_pdbx_database_related.details 
_pdbx_database_related.content_type 
PDB 3KSF . unspecified 
PDB 3KSG . unspecified 
PDB 3KSI . unspecified 
# 
loop_
_audit_author.name 
_audit_author.pdbx_ordinal 
'Bong, S.M.' 1 
'Chi, Y.M.'  2 
# 
_citation.id                        primary 
_citation.title                     'Structure of fRMsr of Staphylococcus aureus' 
_citation.journal_abbrev            'To be Published' 
_citation.journal_volume            ? 
_citation.page_first                ? 
_citation.page_last                 ? 
_citation.year                      ? 
_citation.journal_id_ASTM           ? 
_citation.country                   ? 
_citation.journal_id_ISSN           ? 
_citation.journal_id_CSD            0353 
_citation.book_publisher            ? 
_citation.pdbx_database_id_PubMed   ? 
_citation.pdbx_database_id_DOI      ? 
# 
loop_
_citation_author.citation_id 
_citation_author.name 
_citation_author.ordinal 
_citation_author.identifier_ORCID 
primary 'Bong, S.M.' 1 ? 
primary 'Chi, Y.M.'  2 ? 
# 
loop_
_entity.id 
_entity.type 
_entity.src_method 
_entity.pdbx_description 
_entity.formula_weight 
_entity.pdbx_number_of_molecules 
_entity.pdbx_ec 
_entity.pdbx_mutation 
_entity.pdbx_fragment 
_entity.details 
1 polymer     man 'Putative uncharacterized protein' 17944.475 1   1.8.4.14 ? ? ? 
2 non-polymer syn 'SULFATE ION'                      96.063    2   ?        ? ? ? 
3 water       nat water                              18.015    118 ?        ? ? ? 
# 
_entity_name_com.entity_id   1 
_entity_name_com.name        'Free-methionine (R)-S-oxide reductase, free-R-methionine sulfoxide reductase' 
# 
_entity_poly.entity_id                      1 
_entity_poly.type                           'polypeptide(L)' 
_entity_poly.nstd_linkage                   no 
_entity_poly.nstd_monomer                   no 
_entity_poly.pdbx_seq_one_letter_code       
;HHHHHHMTTINPTNYTLLKKQAASLIEDEHHMIAILSNMSALLNDNLDQINWVGFYLLEQNELILGPFQGHPACVHIPIG
KGVCGTAVSERRTQVVADVHQFKGHIACDANSKSEIVVPIFKDDKIIGVLDIDAPITDRFDDNDKEHLEAIVKIIEKQLA
;
_entity_poly.pdbx_seq_one_letter_code_can   
;HHHHHHMTTINPTNYTLLKKQAASLIEDEHHMIAILSNMSALLNDNLDQINWVGFYLLEQNELILGPFQGHPACVHIPIG
KGVCGTAVSERRTQVVADVHQFKGHIACDANSKSEIVVPIFKDDKIIGVLDIDAPITDRFDDNDKEHLEAIVKIIEKQLA
;
_entity_poly.pdbx_strand_id                 A 
_entity_poly.pdbx_target_identifier         ? 
# 
loop_
_pdbx_entity_nonpoly.entity_id 
_pdbx_entity_nonpoly.name 
_pdbx_entity_nonpoly.comp_id 
2 'SULFATE ION' SO4 
3 water         HOH 
# 
loop_
_entity_poly_seq.entity_id 
_entity_poly_seq.num 
_entity_poly_seq.mon_id 
_entity_poly_seq.hetero 
1 1   HIS n 
1 2   HIS n 
1 3   HIS n 
1 4   HIS n 
1 5   HIS n 
1 6   HIS n 
1 7   MET n 
1 8   THR n 
1 9   THR n 
1 10  ILE n 
1 11  ASN n 
1 12  PRO n 
1 13  THR n 
1 14  ASN n 
1 15  TYR n 
1 16  THR n 
1 17  LEU n 
1 18  LEU n 
1 19  LYS n 
1 20  LYS n 
1 21  GLN n 
1 22  ALA n 
1 23  ALA n 
1 24  SER n 
1 25  LEU n 
1 26  ILE n 
1 27  GLU n 
1 28  ASP n 
1 29  GLU n 
1 30  HIS n 
1 31  HIS n 
1 32  MET n 
1 33  ILE n 
1 34  ALA n 
1 35  ILE n 
1 36  LEU n 
1 37  SER n 
1 38  ASN n 
1 39  MET n 
1 40  SER n 
1 41  ALA n 
1 42  LEU n 
1 43  LEU n 
1 44  ASN n 
1 45  ASP n 
1 46  ASN n 
1 47  LEU n 
1 48  ASP n 
1 49  GLN n 
1 50  ILE n 
1 51  ASN n 
1 52  TRP n 
1 53  VAL n 
1 54  GLY n 
1 55  PHE n 
1 56  TYR n 
1 57  LEU n 
1 58  LEU n 
1 59  GLU n 
1 60  GLN n 
1 61  ASN n 
1 62  GLU n 
1 63  LEU n 
1 64  ILE n 
1 65  LEU n 
1 66  GLY n 
1 67  PRO n 
1 68  PHE n 
1 69  GLN n 
1 70  GLY n 
1 71  HIS n 
1 72  PRO n 
1 73  ALA n 
1 74  CYS n 
1 75  VAL n 
1 76  HIS n 
1 77  ILE n 
1 78  PRO n 
1 79  ILE n 
1 80  GLY n 
1 81  LYS n 
1 82  GLY n 
1 83  VAL n 
1 84  CYS n 
1 85  GLY n 
1 86  THR n 
1 87  ALA n 
1 88  VAL n 
1 89  SER n 
1 90  GLU n 
1 91  ARG n 
1 92  ARG n 
1 93  THR n 
1 94  GLN n 
1 95  VAL n 
1 96  VAL n 
1 97  ALA n 
1 98  ASP n 
1 99  VAL n 
1 100 HIS n 
1 101 GLN n 
1 102 PHE n 
1 103 LYS n 
1 104 GLY n 
1 105 HIS n 
1 106 ILE n 
1 107 ALA n 
1 108 CYS n 
1 109 ASP n 
1 110 ALA n 
1 111 ASN n 
1 112 SER n 
1 113 LYS n 
1 114 SER n 
1 115 GLU n 
1 116 ILE n 
1 117 VAL n 
1 118 VAL n 
1 119 PRO n 
1 120 ILE n 
1 121 PHE n 
1 122 LYS n 
1 123 ASP n 
1 124 ASP n 
1 125 LYS n 
1 126 ILE n 
1 127 ILE n 
1 128 GLY n 
1 129 VAL n 
1 130 LEU n 
1 131 ASP n 
1 132 ILE n 
1 133 ASP n 
1 134 ALA n 
1 135 PRO n 
1 136 ILE n 
1 137 THR n 
1 138 ASP n 
1 139 ARG n 
1 140 PHE n 
1 141 ASP n 
1 142 ASP n 
1 143 ASN n 
1 144 ASP n 
1 145 LYS n 
1 146 GLU n 
1 147 HIS n 
1 148 LEU n 
1 149 GLU n 
1 150 ALA n 
1 151 ILE n 
1 152 VAL n 
1 153 LYS n 
1 154 ILE n 
1 155 ILE n 
1 156 GLU n 
1 157 LYS n 
1 158 GLN n 
1 159 LEU n 
1 160 ALA n 
# 
_entity_src_gen.entity_id                          1 
_entity_src_gen.pdbx_src_id                        1 
_entity_src_gen.pdbx_alt_source_flag               sample 
_entity_src_gen.pdbx_seq_type                      ? 
_entity_src_gen.pdbx_beg_seq_num                   ? 
_entity_src_gen.pdbx_end_seq_num                   ? 
_entity_src_gen.gene_src_common_name               ? 
_entity_src_gen.gene_src_genus                     ? 
_entity_src_gen.pdbx_gene_src_gene                 SAR1796 
_entity_src_gen.gene_src_species                   ? 
_entity_src_gen.gene_src_strain                    MRSA252 
_entity_src_gen.gene_src_tissue                    ? 
_entity_src_gen.gene_src_tissue_fraction           ? 
_entity_src_gen.gene_src_details                   ? 
_entity_src_gen.pdbx_gene_src_fragment             ? 
_entity_src_gen.pdbx_gene_src_scientific_name      'Staphylococcus aureus' 
_entity_src_gen.pdbx_gene_src_ncbi_taxonomy_id     282458 
_entity_src_gen.pdbx_gene_src_variant              ? 
_entity_src_gen.pdbx_gene_src_cell_line            ? 
_entity_src_gen.pdbx_gene_src_atcc                 ? 
_entity_src_gen.pdbx_gene_src_organ                ? 
_entity_src_gen.pdbx_gene_src_organelle            ? 
_entity_src_gen.pdbx_gene_src_cell                 ? 
_entity_src_gen.pdbx_gene_src_cellular_location    ? 
_entity_src_gen.host_org_common_name               ? 
_entity_src_gen.pdbx_host_org_scientific_name      'Escherichia coli' 
_entity_src_gen.pdbx_host_org_ncbi_taxonomy_id     562 
_entity_src_gen.host_org_genus                     ? 
_entity_src_gen.pdbx_host_org_gene                 ? 
_entity_src_gen.pdbx_host_org_organ                ? 
_entity_src_gen.host_org_species                   ? 
_entity_src_gen.pdbx_host_org_tissue               ? 
_entity_src_gen.pdbx_host_org_tissue_fraction      ? 
_entity_src_gen.pdbx_host_org_strain               'BL21(DE3)' 
_entity_src_gen.pdbx_host_org_variant              ? 
_entity_src_gen.pdbx_host_org_cell_line            ? 
_entity_src_gen.pdbx_host_org_atcc                 ? 
_entity_src_gen.pdbx_host_org_culture_collection   ? 
_entity_src_gen.pdbx_host_org_cell                 ? 
_entity_src_gen.pdbx_host_org_organelle            ? 
_entity_src_gen.pdbx_host_org_cellular_location    ? 
_entity_src_gen.pdbx_host_org_vector_type          plasmid 
_entity_src_gen.pdbx_host_org_vector               ? 
_entity_src_gen.host_org_details                   ? 
_entity_src_gen.expression_system_id               ? 
_entity_src_gen.plasmid_name                       pET28a 
_entity_src_gen.plasmid_details                    ? 
_entity_src_gen.pdbx_description                   ? 
# 
loop_
_chem_comp.id 
_chem_comp.type 
_chem_comp.mon_nstd_flag 
_chem_comp.name 
_chem_comp.pdbx_synonyms 
_chem_comp.formula 
_chem_comp.formula_weight 
ALA 'L-peptide linking' y ALANINE         ? 'C3 H7 N O2'     89.093  
ARG 'L-peptide linking' y ARGININE        ? 'C6 H15 N4 O2 1' 175.209 
ASN 'L-peptide linking' y ASPARAGINE      ? 'C4 H8 N2 O3'    132.118 
ASP 'L-peptide linking' y 'ASPARTIC ACID' ? 'C4 H7 N O4'     133.103 
CYS 'L-peptide linking' y CYSTEINE        ? 'C3 H7 N O2 S'   121.158 
GLN 'L-peptide linking' y GLUTAMINE       ? 'C5 H10 N2 O3'   146.144 
GLU 'L-peptide linking' y 'GLUTAMIC ACID' ? 'C5 H9 N O4'     147.129 
GLY 'peptide linking'   y GLYCINE         ? 'C2 H5 N O2'     75.067  
HIS 'L-peptide linking' y HISTIDINE       ? 'C6 H10 N3 O2 1' 156.162 
HOH non-polymer         . WATER           ? 'H2 O'           18.015  
ILE 'L-peptide linking' y ISOLEUCINE      ? 'C6 H13 N O2'    131.173 
LEU 'L-peptide linking' y LEUCINE         ? 'C6 H13 N O2'    131.173 
LYS 'L-peptide linking' y LYSINE          ? 'C6 H15 N2 O2 1' 147.195 
MET 'L-peptide linking' y METHIONINE      ? 'C5 H11 N O2 S'  149.211 
PHE 'L-peptide linking' y PHENYLALANINE   ? 'C9 H11 N O2'    165.189 
PRO 'L-peptide linking' y PROLINE         ? 'C5 H9 N O2'     115.130 
SER 'L-peptide linking' y SERINE          ? 'C3 H7 N O3'     105.093 
SO4 non-polymer         . 'SULFATE ION'   ? 'O4 S -2'        96.063  
THR 'L-peptide linking' y THREONINE       ? 'C4 H9 N O3'     119.119 
TRP 'L-peptide linking' y TRYPTOPHAN      ? 'C11 H12 N2 O2'  204.225 
TYR 'L-peptide linking' y TYROSINE        ? 'C9 H11 N O3'    181.189 
VAL 'L-peptide linking' y VALINE          ? 'C5 H11 N O2'    117.146 
# 
loop_
_pdbx_poly_seq_scheme.asym_id 
_pdbx_poly_seq_scheme.entity_id 
_pdbx_poly_seq_scheme.seq_id 
_pdbx_poly_seq_scheme.mon_id 
_pdbx_poly_seq_scheme.ndb_seq_num 
_pdbx_poly_seq_scheme.pdb_seq_num 
_pdbx_poly_seq_scheme.auth_seq_num 
_pdbx_poly_seq_scheme.pdb_mon_id 
_pdbx_poly_seq_scheme.auth_mon_id 
_pdbx_poly_seq_scheme.pdb_strand_id 
_pdbx_poly_seq_scheme.pdb_ins_code 
_pdbx_poly_seq_scheme.hetero 
A 1 1   HIS 1   -5  ?   ?   ?   A . n 
A 1 2   HIS 2   -4  ?   ?   ?   A . n 
A 1 3   HIS 3   -3  ?   ?   ?   A . n 
A 1 4   HIS 4   -2  ?   ?   ?   A . n 
A 1 5   HIS 5   -1  ?   ?   ?   A . n 
A 1 6   HIS 6   0   ?   ?   ?   A . n 
A 1 7   MET 7   1   ?   ?   ?   A . n 
A 1 8   THR 8   2   ?   ?   ?   A . n 
A 1 9   THR 9   3   3   THR THR A . n 
A 1 10  ILE 10  4   4   ILE ILE A . n 
A 1 11  ASN 11  5   5   ASN ASN A . n 
A 1 12  PRO 12  6   6   PRO PRO A . n 
A 1 13  THR 13  7   7   THR THR A . n 
A 1 14  ASN 14  8   8   ASN ASN A . n 
A 1 15  TYR 15  9   9   TYR TYR A . n 
A 1 16  THR 16  10  10  THR THR A . n 
A 1 17  LEU 17  11  11  LEU LEU A . n 
A 1 18  LEU 18  12  12  LEU LEU A . n 
A 1 19  LYS 19  13  13  LYS LYS A . n 
A 1 20  LYS 20  14  14  LYS LYS A . n 
A 1 21  GLN 21  15  15  GLN GLN A . n 
A 1 22  ALA 22  16  16  ALA ALA A . n 
A 1 23  ALA 23  17  17  ALA ALA A . n 
A 1 24  SER 24  18  18  SER SER A . n 
A 1 25  LEU 25  19  19  LEU LEU A . n 
A 1 26  ILE 26  20  20  ILE ILE A . n 
A 1 27  GLU 27  21  21  GLU GLU A . n 
A 1 28  ASP 28  22  22  ASP ASP A . n 
A 1 29  GLU 29  23  23  GLU GLU A . n 
A 1 30  HIS 30  24  24  HIS HIS A . n 
A 1 31  HIS 31  25  25  HIS HIS A . n 
A 1 32  MET 32  26  26  MET MET A . n 
A 1 33  ILE 33  27  27  ILE ILE A . n 
A 1 34  ALA 34  28  28  ALA ALA A . n 
A 1 35  ILE 35  29  29  ILE ILE A . n 
A 1 36  LEU 36  30  30  LEU LEU A . n 
A 1 37  SER 37  31  31  SER SER A . n 
A 1 38  ASN 38  32  32  ASN ASN A . n 
A 1 39  MET 39  33  33  MET MET A . n 
A 1 40  SER 40  34  34  SER SER A . n 
A 1 41  ALA 41  35  35  ALA ALA A . n 
A 1 42  LEU 42  36  36  LEU LEU A . n 
A 1 43  LEU 43  37  37  LEU LEU A . n 
A 1 44  ASN 44  38  38  ASN ASN A . n 
A 1 45  ASP 45  39  39  ASP ASP A . n 
A 1 46  ASN 46  40  40  ASN ASN A . n 
A 1 47  LEU 47  41  41  LEU LEU A . n 
A 1 48  ASP 48  42  42  ASP ASP A . n 
A 1 49  GLN 49  43  43  GLN GLN A . n 
A 1 50  ILE 50  44  44  ILE ILE A . n 
A 1 51  ASN 51  45  45  ASN ASN A . n 
A 1 52  TRP 52  46  46  TRP TRP A . n 
A 1 53  VAL 53  47  47  VAL VAL A . n 
A 1 54  GLY 54  48  48  GLY GLY A . n 
A 1 55  PHE 55  49  49  PHE PHE A . n 
A 1 56  TYR 56  50  50  TYR TYR A . n 
A 1 57  LEU 57  51  51  LEU LEU A . n 
A 1 58  LEU 58  52  52  LEU LEU A . n 
A 1 59  GLU 59  53  53  GLU GLU A . n 
A 1 60  GLN 60  54  54  GLN GLN A . n 
A 1 61  ASN 61  55  55  ASN ASN A . n 
A 1 62  GLU 62  56  56  GLU GLU A . n 
A 1 63  LEU 63  57  57  LEU LEU A . n 
A 1 64  ILE 64  58  58  ILE ILE A . n 
A 1 65  LEU 65  59  59  LEU LEU A . n 
A 1 66  GLY 66  60  60  GLY GLY A . n 
A 1 67  PRO 67  61  61  PRO PRO A . n 
A 1 68  PHE 68  62  62  PHE PHE A . n 
A 1 69  GLN 69  63  63  GLN GLN A . n 
A 1 70  GLY 70  64  64  GLY GLY A . n 
A 1 71  HIS 71  65  65  HIS HIS A . n 
A 1 72  PRO 72  66  66  PRO PRO A . n 
A 1 73  ALA 73  67  67  ALA ALA A . n 
A 1 74  CYS 74  68  68  CYS CYS A . n 
A 1 75  VAL 75  69  69  VAL VAL A . n 
A 1 76  HIS 76  70  70  HIS HIS A . n 
A 1 77  ILE 77  71  71  ILE ILE A . n 
A 1 78  PRO 78  72  72  PRO PRO A . n 
A 1 79  ILE 79  73  73  ILE ILE A . n 
A 1 80  GLY 80  74  74  GLY GLY A . n 
A 1 81  LYS 81  75  75  LYS LYS A . n 
A 1 82  GLY 82  76  76  GLY GLY A . n 
A 1 83  VAL 83  77  77  VAL VAL A . n 
A 1 84  CYS 84  78  78  CYS CYS A . n 
A 1 85  GLY 85  79  79  GLY GLY A . n 
A 1 86  THR 86  80  80  THR THR A . n 
A 1 87  ALA 87  81  81  ALA ALA A . n 
A 1 88  VAL 88  82  82  VAL VAL A . n 
A 1 89  SER 89  83  83  SER SER A . n 
A 1 90  GLU 90  84  84  GLU GLU A . n 
A 1 91  ARG 91  85  85  ARG ARG A . n 
A 1 92  ARG 92  86  86  ARG ARG A . n 
A 1 93  THR 93  87  87  THR THR A . n 
A 1 94  GLN 94  88  88  GLN GLN A . n 
A 1 95  VAL 95  89  89  VAL VAL A . n 
A 1 96  VAL 96  90  90  VAL VAL A . n 
A 1 97  ALA 97  91  91  ALA ALA A . n 
A 1 98  ASP 98  92  92  ASP ASP A . n 
A 1 99  VAL 99  93  93  VAL VAL A . n 
A 1 100 HIS 100 94  94  HIS HIS A . n 
A 1 101 GLN 101 95  95  GLN GLN A . n 
A 1 102 PHE 102 96  96  PHE PHE A . n 
A 1 103 LYS 103 97  97  LYS LYS A . n 
A 1 104 GLY 104 98  98  GLY GLY A . n 
A 1 105 HIS 105 99  99  HIS HIS A . n 
A 1 106 ILE 106 100 100 ILE ILE A . n 
A 1 107 ALA 107 101 101 ALA ALA A . n 
A 1 108 CYS 108 102 102 CYS CYS A . n 
A 1 109 ASP 109 103 103 ASP ASP A . n 
A 1 110 ALA 110 104 104 ALA ALA A . n 
A 1 111 ASN 111 105 105 ASN ASN A . n 
A 1 112 SER 112 106 106 SER SER A . n 
A 1 113 LYS 113 107 107 LYS LYS A . n 
A 1 114 SER 114 108 108 SER SER A . n 
A 1 115 GLU 115 109 109 GLU GLU A . n 
A 1 116 ILE 116 110 110 ILE ILE A . n 
A 1 117 VAL 117 111 111 VAL VAL A . n 
A 1 118 VAL 118 112 112 VAL VAL A . n 
A 1 119 PRO 119 113 113 PRO PRO A . n 
A 1 120 ILE 120 114 114 ILE ILE A . n 
A 1 121 PHE 121 115 115 PHE PHE A . n 
A 1 122 LYS 122 116 116 LYS LYS A . n 
A 1 123 ASP 123 117 117 ASP ASP A . n 
A 1 124 ASP 124 118 118 ASP ASP A . n 
A 1 125 LYS 125 119 119 LYS LYS A . n 
A 1 126 ILE 126 120 120 ILE ILE A . n 
A 1 127 ILE 127 121 121 ILE ILE A . n 
A 1 128 GLY 128 122 122 GLY GLY A . n 
A 1 129 VAL 129 123 123 VAL VAL A . n 
A 1 130 LEU 130 124 124 LEU LEU A . n 
A 1 131 ASP 131 125 125 ASP ASP A . n 
A 1 132 ILE 132 126 126 ILE ILE A . n 
A 1 133 ASP 133 127 127 ASP ASP A . n 
A 1 134 ALA 134 128 128 ALA ALA A . n 
A 1 135 PRO 135 129 129 PRO PRO A . n 
A 1 136 ILE 136 130 130 ILE ILE A . n 
A 1 137 THR 137 131 131 THR THR A . n 
A 1 138 ASP 138 132 132 ASP ASP A . n 
A 1 139 ARG 139 133 133 ARG ARG A . n 
A 1 140 PHE 140 134 134 PHE PHE A . n 
A 1 141 ASP 141 135 135 ASP ASP A . n 
A 1 142 ASP 142 136 136 ASP ASP A . n 
A 1 143 ASN 143 137 137 ASN ASN A . n 
A 1 144 ASP 144 138 138 ASP ASP A . n 
A 1 145 LYS 145 139 139 LYS LYS A . n 
A 1 146 GLU 146 140 140 GLU GLU A . n 
A 1 147 HIS 147 141 141 HIS HIS A . n 
A 1 148 LEU 148 142 142 LEU LEU A . n 
A 1 149 GLU 149 143 143 GLU GLU A . n 
A 1 150 ALA 150 144 144 ALA ALA A . n 
A 1 151 ILE 151 145 145 ILE ILE A . n 
A 1 152 VAL 152 146 146 VAL VAL A . n 
A 1 153 LYS 153 147 147 LYS LYS A . n 
A 1 154 ILE 154 148 148 ILE ILE A . n 
A 1 155 ILE 155 149 149 ILE ILE A . n 
A 1 156 GLU 156 150 150 GLU GLU A . n 
A 1 157 LYS 157 151 151 LYS LYS A . n 
A 1 158 GLN 158 152 152 GLN GLN A . n 
A 1 159 LEU 159 153 153 LEU LEU A . n 
A 1 160 ALA 160 154 154 ALA ALA A . n 
# 
loop_
_pdbx_nonpoly_scheme.asym_id 
_pdbx_nonpoly_scheme.entity_id 
_pdbx_nonpoly_scheme.mon_id 
_pdbx_nonpoly_scheme.ndb_seq_num 
_pdbx_nonpoly_scheme.pdb_seq_num 
_pdbx_nonpoly_scheme.auth_seq_num 
_pdbx_nonpoly_scheme.pdb_mon_id 
_pdbx_nonpoly_scheme.auth_mon_id 
_pdbx_nonpoly_scheme.pdb_strand_id 
_pdbx_nonpoly_scheme.pdb_ins_code 
B 2 SO4 1   6576 6576 SO4 SO4 A . 
C 2 SO4 1   155  6576 SO4 SO4 A . 
D 3 HOH 1   156  2    HOH HOH A . 
D 3 HOH 2   157  3    HOH HOH A . 
D 3 HOH 3   158  4    HOH HOH A . 
D 3 HOH 4   159  5    HOH HOH A . 
D 3 HOH 5   160  6    HOH HOH A . 
D 3 HOH 6   161  7    HOH HOH A . 
D 3 HOH 7   162  8    HOH HOH A . 
D 3 HOH 8   163  9    HOH HOH A . 
D 3 HOH 9   164  10   HOH HOH A . 
D 3 HOH 10  165  11   HOH HOH A . 
D 3 HOH 11  166  12   HOH HOH A . 
D 3 HOH 12  167  13   HOH HOH A . 
D 3 HOH 13  168  14   HOH HOH A . 
D 3 HOH 14  169  15   HOH HOH A . 
D 3 HOH 15  170  17   HOH HOH A . 
D 3 HOH 16  171  18   HOH HOH A . 
D 3 HOH 17  172  19   HOH HOH A . 
D 3 HOH 18  173  20   HOH HOH A . 
D 3 HOH 19  174  21   HOH HOH A . 
D 3 HOH 20  175  22   HOH HOH A . 
D 3 HOH 21  176  23   HOH HOH A . 
D 3 HOH 22  177  24   HOH HOH A . 
D 3 HOH 23  178  25   HOH HOH A . 
D 3 HOH 24  179  26   HOH HOH A . 
D 3 HOH 25  180  27   HOH HOH A . 
D 3 HOH 26  181  28   HOH HOH A . 
D 3 HOH 27  182  29   HOH HOH A . 
D 3 HOH 28  183  31   HOH HOH A . 
D 3 HOH 29  184  32   HOH HOH A . 
D 3 HOH 30  185  33   HOH HOH A . 
D 3 HOH 31  186  34   HOH HOH A . 
D 3 HOH 32  187  35   HOH HOH A . 
D 3 HOH 33  188  36   HOH HOH A . 
D 3 HOH 34  189  37   HOH HOH A . 
D 3 HOH 35  190  38   HOH HOH A . 
D 3 HOH 36  191  39   HOH HOH A . 
D 3 HOH 37  192  40   HOH HOH A . 
D 3 HOH 38  193  41   HOH HOH A . 
D 3 HOH 39  194  42   HOH HOH A . 
D 3 HOH 40  195  43   HOH HOH A . 
D 3 HOH 41  196  44   HOH HOH A . 
D 3 HOH 42  197  45   HOH HOH A . 
D 3 HOH 43  198  46   HOH HOH A . 
D 3 HOH 44  199  47   HOH HOH A . 
D 3 HOH 45  200  48   HOH HOH A . 
D 3 HOH 46  201  49   HOH HOH A . 
D 3 HOH 47  202  50   HOH HOH A . 
D 3 HOH 48  203  51   HOH HOH A . 
D 3 HOH 49  204  52   HOH HOH A . 
D 3 HOH 50  205  53   HOH HOH A . 
D 3 HOH 51  206  54   HOH HOH A . 
D 3 HOH 52  207  55   HOH HOH A . 
D 3 HOH 53  208  56   HOH HOH A . 
D 3 HOH 54  209  57   HOH HOH A . 
D 3 HOH 55  210  58   HOH HOH A . 
D 3 HOH 56  211  60   HOH HOH A . 
D 3 HOH 57  212  61   HOH HOH A . 
D 3 HOH 58  213  62   HOH HOH A . 
D 3 HOH 59  214  63   HOH HOH A . 
D 3 HOH 60  215  64   HOH HOH A . 
D 3 HOH 61  216  65   HOH HOH A . 
D 3 HOH 62  217  66   HOH HOH A . 
D 3 HOH 63  218  67   HOH HOH A . 
D 3 HOH 64  219  68   HOH HOH A . 
D 3 HOH 65  220  69   HOH HOH A . 
D 3 HOH 66  221  70   HOH HOH A . 
D 3 HOH 67  222  71   HOH HOH A . 
D 3 HOH 68  223  72   HOH HOH A . 
D 3 HOH 69  224  73   HOH HOH A . 
D 3 HOH 70  225  74   HOH HOH A . 
D 3 HOH 71  226  75   HOH HOH A . 
D 3 HOH 72  227  76   HOH HOH A . 
D 3 HOH 73  228  77   HOH HOH A . 
D 3 HOH 74  229  78   HOH HOH A . 
D 3 HOH 75  230  79   HOH HOH A . 
D 3 HOH 76  231  80   HOH HOH A . 
D 3 HOH 77  232  81   HOH HOH A . 
D 3 HOH 78  233  83   HOH HOH A . 
D 3 HOH 79  234  84   HOH HOH A . 
D 3 HOH 80  235  85   HOH HOH A . 
D 3 HOH 81  236  86   HOH HOH A . 
D 3 HOH 82  237  87   HOH HOH A . 
D 3 HOH 83  238  88   HOH HOH A . 
D 3 HOH 84  239  89   HOH HOH A . 
D 3 HOH 85  240  90   HOH HOH A . 
D 3 HOH 86  241  91   HOH HOH A . 
D 3 HOH 87  242  92   HOH HOH A . 
D 3 HOH 88  243  93   HOH HOH A . 
D 3 HOH 89  244  94   HOH HOH A . 
D 3 HOH 90  245  97   HOH HOH A . 
D 3 HOH 91  246  98   HOH HOH A . 
D 3 HOH 92  247  99   HOH HOH A . 
D 3 HOH 93  248  100  HOH HOH A . 
D 3 HOH 94  249  101  HOH HOH A . 
D 3 HOH 95  250  102  HOH HOH A . 
D 3 HOH 96  251  103  HOH HOH A . 
D 3 HOH 97  252  104  HOH HOH A . 
D 3 HOH 98  253  105  HOH HOH A . 
D 3 HOH 99  254  106  HOH HOH A . 
D 3 HOH 100 255  107  HOH HOH A . 
D 3 HOH 101 256  108  HOH HOH A . 
D 3 HOH 102 257  109  HOH HOH A . 
D 3 HOH 103 258  110  HOH HOH A . 
D 3 HOH 104 259  111  HOH HOH A . 
D 3 HOH 105 260  112  HOH HOH A . 
D 3 HOH 106 261  113  HOH HOH A . 
D 3 HOH 107 262  114  HOH HOH A . 
D 3 HOH 108 263  115  HOH HOH A . 
D 3 HOH 109 264  116  HOH HOH A . 
D 3 HOH 110 265  117  HOH HOH A . 
D 3 HOH 111 266  118  HOH HOH A . 
D 3 HOH 112 267  119  HOH HOH A . 
D 3 HOH 113 268  120  HOH HOH A . 
D 3 HOH 114 269  121  HOH HOH A . 
D 3 HOH 115 270  122  HOH HOH A . 
D 3 HOH 116 271  123  HOH HOH A . 
D 3 HOH 117 272  124  HOH HOH A . 
D 3 HOH 118 273  125  HOH HOH A . 
# 
loop_
_software.name 
_software.classification 
_software.version 
_software.citation_id 
_software.pdbx_ordinal 
ADSC     'data collection' Quantum ? 1 
CNS      refinement        1.2     ? 2 
HKL-2000 'data reduction'  .       ? 3 
HKL-2000 'data scaling'    .       ? 4 
CNS      phasing           1.2     ? 5 
# 
_cell.entry_id           3KSH 
_cell.length_a           89.993 
_cell.length_b           89.993 
_cell.length_c           88.538 
_cell.angle_alpha        90.00 
_cell.angle_beta         90.00 
_cell.angle_gamma        120.00 
_cell.Z_PDB              12 
_cell.pdbx_unique_axis   ? 
_cell.length_a_esd       ? 
_cell.length_b_esd       ? 
_cell.length_c_esd       ? 
_cell.angle_alpha_esd    ? 
_cell.angle_beta_esd     ? 
_cell.angle_gamma_esd    ? 
# 
_symmetry.entry_id                         3KSH 
_symmetry.space_group_name_H-M             'P 61 2 2' 
_symmetry.pdbx_full_space_group_name_H-M   ? 
_symmetry.cell_setting                     ? 
_symmetry.Int_Tables_number                178 
_symmetry.space_group_name_Hall            ? 
# 
_exptl.entry_id          3KSH 
_exptl.method            'X-RAY DIFFRACTION' 
_exptl.crystals_number   1 
# 
_exptl_crystal.id                    1 
_exptl_crystal.density_meas          ? 
_exptl_crystal.density_Matthews      2.88 
_exptl_crystal.density_percent_sol   57.35 
_exptl_crystal.description           ? 
_exptl_crystal.F_000                 ? 
_exptl_crystal.preparation           ? 
# 
_exptl_crystal_grow.crystal_id      1 
_exptl_crystal_grow.method          'VAPOR DIFFUSION, HANGING DROP' 
_exptl_crystal_grow.temp            295 
_exptl_crystal_grow.temp_details    ? 
_exptl_crystal_grow.pH              ? 
_exptl_crystal_grow.pdbx_details    '2M ammonium sulfate, 7% 2-propanol, VAPOR DIFFUSION, HANGING DROP, temperature 295K' 
_exptl_crystal_grow.pdbx_pH_range   . 
# 
_diffrn.id                     1 
_diffrn.ambient_temp           100 
_diffrn.ambient_temp_details   ? 
_diffrn.crystal_id             1 
# 
_diffrn_detector.diffrn_id              1 
_diffrn_detector.detector               CCD 
_diffrn_detector.type                   'ADSC QUANTUM 210' 
_diffrn_detector.pdbx_collection_date   2008-03-31 
_diffrn_detector.details                ? 
# 
_diffrn_radiation.diffrn_id                        1 
_diffrn_radiation.wavelength_id                    1 
_diffrn_radiation.pdbx_monochromatic_or_laue_m_l   M 
_diffrn_radiation.monochromator                    diamond 
_diffrn_radiation.pdbx_diffrn_protocol             'SINGLE WAVELENGTH' 
_diffrn_radiation.pdbx_scattering_type             x-ray 
# 
_diffrn_radiation_wavelength.id           1 
_diffrn_radiation_wavelength.wavelength   1.2386 
_diffrn_radiation_wavelength.wt           1.0 
# 
_diffrn_source.diffrn_id                   1 
_diffrn_source.source                      SYNCHROTRON 
_diffrn_source.type                        'PAL/PLS BEAMLINE 4A' 
_diffrn_source.pdbx_synchrotron_site       PAL/PLS 
_diffrn_source.pdbx_synchrotron_beamline   4A 
_diffrn_source.pdbx_wavelength             ? 
_diffrn_source.pdbx_wavelength_list        1.2386 
# 
_reflns.entry_id                     3KSH 
_reflns.observed_criterion_sigma_I   0.0 
_reflns.observed_criterion_sigma_F   0.0 
_reflns.d_resolution_low             50.0 
_reflns.d_resolution_high            1.5 
_reflns.number_obs                   33964 
_reflns.number_all                   ? 
_reflns.percent_possible_obs         87.1 
_reflns.pdbx_Rmerge_I_obs            ? 
_reflns.pdbx_Rsym_value              ? 
_reflns.pdbx_netI_over_sigmaI        ? 
_reflns.B_iso_Wilson_estimate        ? 
_reflns.pdbx_redundancy              ? 
_reflns.R_free_details               ? 
_reflns.limit_h_max                  ? 
_reflns.limit_h_min                  ? 
_reflns.limit_k_max                  ? 
_reflns.limit_k_min                  ? 
_reflns.limit_l_max                  ? 
_reflns.limit_l_min                  ? 
_reflns.observed_criterion_F_max     ? 
_reflns.observed_criterion_F_min     ? 
_reflns.pdbx_chi_squared             ? 
_reflns.pdbx_scaling_rejects         ? 
_reflns.pdbx_diffrn_id               1 
_reflns.pdbx_ordinal                 1 
# 
_refine.entry_id                                 3KSH 
_refine.ls_number_reflns_obs                     30548 
_refine.ls_number_reflns_all                     33928 
_refine.pdbx_ls_sigma_I                          ? 
_refine.pdbx_ls_sigma_F                          0.0 
_refine.pdbx_data_cutoff_high_absF               ? 
_refine.pdbx_data_cutoff_low_absF                ? 
_refine.pdbx_data_cutoff_high_rms_absF           ? 
_refine.ls_d_res_low                             40.11 
_refine.ls_d_res_high                            1.50 
_refine.ls_percent_reflns_obs                    ? 
_refine.ls_R_factor_obs                          0.292 
_refine.ls_R_factor_all                          0.292 
_refine.ls_R_factor_R_work                       0.245 
_refine.ls_R_factor_R_free                       0.259 
_refine.ls_R_factor_R_free_error                 ? 
_refine.ls_R_factor_R_free_error_details         ? 
_refine.ls_percent_reflns_R_free                 ? 
_refine.ls_number_reflns_R_free                  3385 
_refine.ls_number_parameters                     ? 
_refine.ls_number_restraints                     ? 
_refine.occupancy_min                            ? 
_refine.occupancy_max                            ? 
_refine.correlation_coeff_Fo_to_Fc               ? 
_refine.correlation_coeff_Fo_to_Fc_free          ? 
_refine.B_iso_mean                               22.770 
_refine.solvent_model_param_bsol                 46.991 
_refine.aniso_B[1][1]                            1.459 
_refine.aniso_B[2][2]                            1.459 
_refine.aniso_B[3][3]                            -2.918 
_refine.aniso_B[1][2]                            0.000 
_refine.aniso_B[1][3]                            0.000 
_refine.aniso_B[2][3]                            0.000 
_refine.solvent_model_details                    ? 
_refine.solvent_model_param_ksol                 ? 
_refine.pdbx_solvent_vdw_probe_radii             ? 
_refine.pdbx_solvent_ion_probe_radii             ? 
_refine.pdbx_solvent_shrinkage_radii             ? 
_refine.pdbx_ls_cross_valid_method               ? 
_refine.details                                  ? 
_refine.pdbx_starting_model                      'PDB ENTRY 1VHM' 
_refine.pdbx_method_to_determine_struct          'MOLECULAR REPLACEMENT' 
_refine.pdbx_isotropic_thermal_model             ? 
_refine.pdbx_stereochemistry_target_values       'Engh & Huber' 
_refine.pdbx_stereochem_target_val_spec_case     ? 
_refine.pdbx_R_Free_selection_details            random 
_refine.pdbx_overall_ESU_R_Free                  ? 
_refine.overall_SU_ML                            ? 
_refine.overall_SU_B                             ? 
_refine.ls_redundancy_reflns_obs                 ? 
_refine.B_iso_min                                ? 
_refine.B_iso_max                                ? 
_refine.overall_SU_R_Cruickshank_DPI             ? 
_refine.overall_SU_R_free                        ? 
_refine.ls_wR_factor_R_free                      ? 
_refine.ls_wR_factor_R_work                      ? 
_refine.overall_FOM_free_R_set                   ? 
_refine.overall_FOM_work_R_set                   ? 
_refine.pdbx_refine_id                           'X-RAY DIFFRACTION' 
_refine.pdbx_overall_phase_error                 ? 
_refine.pdbx_overall_ESU_R                       ? 
_refine.pdbx_diffrn_id                           1 
_refine.pdbx_TLS_residual_ADP_flag               ? 
_refine.pdbx_overall_SU_R_free_Cruickshank_DPI   ? 
_refine.pdbx_overall_SU_R_Blow_DPI               ? 
_refine.pdbx_overall_SU_R_free_Blow_DPI          ? 
# 
_refine_analyze.entry_id                        3KSH 
_refine_analyze.Luzzati_coordinate_error_obs    0.22 
_refine_analyze.Luzzati_sigma_a_obs             0.18 
_refine_analyze.Luzzati_d_res_low_obs           5.00 
_refine_analyze.Luzzati_coordinate_error_free   0.23 
_refine_analyze.Luzzati_sigma_a_free            0.20 
_refine_analyze.Luzzati_d_res_low_free          ? 
_refine_analyze.number_disordered_residues      ? 
_refine_analyze.occupancy_sum_hydrogen          ? 
_refine_analyze.occupancy_sum_non_hydrogen      ? 
_refine_analyze.pdbx_Luzzati_d_res_high_obs     ? 
_refine_analyze.pdbx_refine_id                  'X-RAY DIFFRACTION' 
# 
_refine_hist.pdbx_refine_id                   'X-RAY DIFFRACTION' 
_refine_hist.cycle_id                         LAST 
_refine_hist.pdbx_number_atoms_protein        1186 
_refine_hist.pdbx_number_atoms_nucleic_acid   0 
_refine_hist.pdbx_number_atoms_ligand         10 
_refine_hist.number_atoms_solvent             118 
_refine_hist.number_atoms_total               1314 
_refine_hist.d_res_high                       1.50 
_refine_hist.d_res_low                        40.11 
# 
loop_
_refine_ls_restr.type 
_refine_ls_restr.dev_ideal 
_refine_ls_restr.dev_ideal_target 
_refine_ls_restr.weight 
_refine_ls_restr.number 
_refine_ls_restr.pdbx_refine_id 
_refine_ls_restr.pdbx_restraint_function 
c_angle_d          0.004 ? ? ? 'X-RAY DIFFRACTION' ? 
c_angle_deg        1.1   ? ? ? 'X-RAY DIFFRACTION' ? 
c_dihedral_angle_d 23.0  ? ? ? 'X-RAY DIFFRACTION' ? 
c_improper_angle_d 0.72  ? ? ? 'X-RAY DIFFRACTION' ? 
# 
_refine_ls_shell.pdbx_total_number_of_bins_used   ? 
_refine_ls_shell.d_res_high                       1.50 
_refine_ls_shell.d_res_low                        1.59 
_refine_ls_shell.number_reflns_R_work             ? 
_refine_ls_shell.R_factor_R_work                  0.304 
_refine_ls_shell.percent_reflns_obs               92.1 
_refine_ls_shell.R_factor_R_free                  0.326 
_refine_ls_shell.R_factor_R_free_error            0.014 
_refine_ls_shell.percent_reflns_R_free            ? 
_refine_ls_shell.number_reflns_R_free             508 
_refine_ls_shell.number_reflns_all                ? 
_refine_ls_shell.R_factor_all                     ? 
_refine_ls_shell.number_reflns_obs                4645 
_refine_ls_shell.redundancy_reflns_obs            ? 
_refine_ls_shell.pdbx_refine_id                   'X-RAY DIFFRACTION' 
# 
_struct.entry_id                  3KSH 
_struct.title                     'Structure of fRMsr of Staphylococcus aureus (oxidized form)' 
_struct.pdbx_model_details        ? 
_struct.pdbx_CASP_flag            ? 
_struct.pdbx_model_type_details   ? 
# 
_struct_keywords.entry_id        3KSH 
_struct_keywords.pdbx_keywords   OXIDOREDUCTASE 
_struct_keywords.text            'fRMsr, free-Met-R-SO, oxidoreductase' 
# 
loop_
_struct_asym.id 
_struct_asym.pdbx_blank_PDB_chainid_flag 
_struct_asym.pdbx_modified 
_struct_asym.entity_id 
_struct_asym.details 
A N N 1 ? 
B N N 2 ? 
C N N 2 ? 
D N N 3 ? 
# 
_struct_ref.id                         1 
_struct_ref.db_name                    UNP 
_struct_ref.db_code                    Q6GFY9_STAAR 
_struct_ref.pdbx_db_accession          Q6GFY9 
_struct_ref.entity_id                  1 
_struct_ref.pdbx_seq_one_letter_code   
;MTTINPTNYTLLKKQAASLIEDEHHMIAILSNMSALLNDNLDQINWVGFYLLEQNELILGPFQGHPACVHIPIGKGVCGT
AVSERRTQVVADVHQFKGHIACDANSKSEIVVPIFKDDKIIGVLDIDAPITDRFDDNDKEHLEAIVKIIEKQLA
;
_struct_ref.pdbx_align_begin           1 
_struct_ref.pdbx_db_isoform            ? 
# 
_struct_ref_seq.align_id                      1 
_struct_ref_seq.ref_id                        1 
_struct_ref_seq.pdbx_PDB_id_code              3KSH 
_struct_ref_seq.pdbx_strand_id                A 
_struct_ref_seq.seq_align_beg                 7 
_struct_ref_seq.pdbx_seq_align_beg_ins_code   ? 
_struct_ref_seq.seq_align_end                 160 
_struct_ref_seq.pdbx_seq_align_end_ins_code   ? 
_struct_ref_seq.pdbx_db_accession             Q6GFY9 
_struct_ref_seq.db_align_beg                  1 
_struct_ref_seq.pdbx_db_align_beg_ins_code    ? 
_struct_ref_seq.db_align_end                  154 
_struct_ref_seq.pdbx_db_align_end_ins_code    ? 
_struct_ref_seq.pdbx_auth_seq_align_beg       1 
_struct_ref_seq.pdbx_auth_seq_align_end       154 
# 
loop_
_struct_ref_seq_dif.align_id 
_struct_ref_seq_dif.pdbx_pdb_id_code 
_struct_ref_seq_dif.mon_id 
_struct_ref_seq_dif.pdbx_pdb_strand_id 
_struct_ref_seq_dif.seq_num 
_struct_ref_seq_dif.pdbx_pdb_ins_code 
_struct_ref_seq_dif.pdbx_seq_db_name 
_struct_ref_seq_dif.pdbx_seq_db_accession_code 
_struct_ref_seq_dif.db_mon_id 
_struct_ref_seq_dif.pdbx_seq_db_seq_num 
_struct_ref_seq_dif.details 
_struct_ref_seq_dif.pdbx_auth_seq_num 
_struct_ref_seq_dif.pdbx_ordinal 
1 3KSH HIS A 1 ? UNP Q6GFY9 ? ? 'expression tag' -5 1 
1 3KSH HIS A 2 ? UNP Q6GFY9 ? ? 'expression tag' -4 2 
1 3KSH HIS A 3 ? UNP Q6GFY9 ? ? 'expression tag' -3 3 
1 3KSH HIS A 4 ? UNP Q6GFY9 ? ? 'expression tag' -2 4 
1 3KSH HIS A 5 ? UNP Q6GFY9 ? ? 'expression tag' -1 5 
1 3KSH HIS A 6 ? UNP Q6GFY9 ? ? 'expression tag' 0  6 
# 
_pdbx_struct_assembly.id                   1 
_pdbx_struct_assembly.details              author_and_software_defined_assembly 
_pdbx_struct_assembly.method_details       PISA 
_pdbx_struct_assembly.oligomeric_details   dimeric 
_pdbx_struct_assembly.oligomeric_count     2 
# 
loop_
_pdbx_struct_assembly_prop.biol_id 
_pdbx_struct_assembly_prop.type 
_pdbx_struct_assembly_prop.value 
_pdbx_struct_assembly_prop.details 
1 'ABSA (A^2)' 1910  ? 
1 MORE         -7    ? 
1 'SSA (A^2)'  13910 ? 
# 
_pdbx_struct_assembly_gen.assembly_id       1 
_pdbx_struct_assembly_gen.oper_expression   1,2 
_pdbx_struct_assembly_gen.asym_id_list      A,B,C,D 
# 
loop_
_pdbx_struct_oper_list.id 
_pdbx_struct_oper_list.type 
_pdbx_struct_oper_list.name 
_pdbx_struct_oper_list.symmetry_operation 
_pdbx_struct_oper_list.matrix[1][1] 
_pdbx_struct_oper_list.matrix[1][2] 
_pdbx_struct_oper_list.matrix[1][3] 
_pdbx_struct_oper_list.vector[1] 
_pdbx_struct_oper_list.matrix[2][1] 
_pdbx_struct_oper_list.matrix[2][2] 
_pdbx_struct_oper_list.matrix[2][3] 
_pdbx_struct_oper_list.vector[2] 
_pdbx_struct_oper_list.matrix[3][1] 
_pdbx_struct_oper_list.matrix[3][2] 
_pdbx_struct_oper_list.matrix[3][3] 
_pdbx_struct_oper_list.vector[3] 
1 'identity operation'         1_555 x,y,z       1.0000000000 0.0000000000 0.0000000000 0.0000000000 0.0000000000 1.0000000000  0.0000000000 0.0000000000 0.0000000000 0.0000000000 1.0000000000  0.0000000000   
2 'crystal symmetry operation' 8_554 x-y,-y,-z-1 0.9142842122 0.0970464455 0.3932764507 4.6694043245 0.0970464455 -0.9950801388 0.0199375210 6.2264361198 0.3932764507 0.0199375210 -0.9192040734 -24.2649170972 
# 
_struct_biol.id        1 
_struct_biol.details   ? 
# 
loop_
_struct_conf.conf_type_id 
_struct_conf.id 
_struct_conf.pdbx_PDB_helix_id 
_struct_conf.beg_label_comp_id 
_struct_conf.beg_label_asym_id 
_struct_conf.beg_label_seq_id 
_struct_conf.pdbx_beg_PDB_ins_code 
_struct_conf.end_label_comp_id 
_struct_conf.end_label_asym_id 
_struct_conf.end_label_seq_id 
_struct_conf.pdbx_end_PDB_ins_code 
_struct_conf.beg_auth_comp_id 
_struct_conf.beg_auth_asym_id 
_struct_conf.beg_auth_seq_id 
_struct_conf.end_auth_comp_id 
_struct_conf.end_auth_asym_id 
_struct_conf.end_auth_seq_id 
_struct_conf.pdbx_PDB_helix_class 
_struct_conf.details 
_struct_conf.pdbx_PDB_helix_length 
HELX_P HELX_P1 1 ASN A 14  ? LEU A 25  ? ASN A 8   LEU A 19  1 ? 12 
HELX_P HELX_P2 2 HIS A 31  ? LEU A 47  ? HIS A 25  LEU A 41  1 ? 17 
HELX_P HELX_P3 3 LYS A 81  ? ARG A 91  ? LYS A 75  ARG A 85  1 ? 11 
HELX_P HELX_P4 4 ASP A 98  ? PHE A 102 ? ASP A 92  PHE A 96  5 ? 5  
HELX_P HELX_P5 5 ILE A 106 ? ALA A 110 ? ILE A 100 ALA A 104 5 ? 5  
HELX_P HELX_P6 6 ASP A 141 ? ALA A 160 ? ASP A 135 ALA A 154 1 ? 20 
# 
_struct_conf_type.id          HELX_P 
_struct_conf_type.criteria    ? 
_struct_conf_type.reference   ? 
# 
_struct_conn.id                            disulf1 
_struct_conn.conn_type_id                  disulf 
_struct_conn.pdbx_leaving_atom_flag        ? 
_struct_conn.pdbx_PDB_id                   ? 
_struct_conn.ptnr1_label_asym_id           A 
_struct_conn.ptnr1_label_comp_id           CYS 
_struct_conn.ptnr1_label_seq_id            74 
_struct_conn.ptnr1_label_atom_id           SG 
_struct_conn.pdbx_ptnr1_label_alt_id       ? 
_struct_conn.pdbx_ptnr1_PDB_ins_code       ? 
_struct_conn.pdbx_ptnr1_standard_comp_id   ? 
_struct_conn.ptnr1_symmetry                1_555 
_struct_conn.ptnr2_label_asym_id           A 
_struct_conn.ptnr2_label_comp_id           CYS 
_struct_conn.ptnr2_label_seq_id            108 
_struct_conn.ptnr2_label_atom_id           SG 
_struct_conn.pdbx_ptnr2_label_alt_id       ? 
_struct_conn.pdbx_ptnr2_PDB_ins_code       ? 
_struct_conn.ptnr1_auth_asym_id            A 
_struct_conn.ptnr1_auth_comp_id            CYS 
_struct_conn.ptnr1_auth_seq_id             68 
_struct_conn.ptnr2_auth_asym_id            A 
_struct_conn.ptnr2_auth_comp_id            CYS 
_struct_conn.ptnr2_auth_seq_id             102 
_struct_conn.ptnr2_symmetry                1_555 
_struct_conn.pdbx_ptnr3_label_atom_id      ? 
_struct_conn.pdbx_ptnr3_label_seq_id       ? 
_struct_conn.pdbx_ptnr3_label_comp_id      ? 
_struct_conn.pdbx_ptnr3_label_asym_id      ? 
_struct_conn.pdbx_ptnr3_label_alt_id       ? 
_struct_conn.pdbx_ptnr3_PDB_ins_code       ? 
_struct_conn.details                       ? 
_struct_conn.pdbx_dist_value               2.033 
_struct_conn.pdbx_value_order              ? 
_struct_conn.pdbx_role                     ? 
# 
_struct_conn_type.id          disulf 
_struct_conn_type.criteria    ? 
_struct_conn_type.reference   ? 
# 
_pdbx_modification_feature.ordinal                            1 
_pdbx_modification_feature.label_comp_id                      CYS 
_pdbx_modification_feature.label_asym_id                      A 
_pdbx_modification_feature.label_seq_id                       74 
_pdbx_modification_feature.label_alt_id                       ? 
_pdbx_modification_feature.modified_residue_label_comp_id     CYS 
_pdbx_modification_feature.modified_residue_label_asym_id     A 
_pdbx_modification_feature.modified_residue_label_seq_id      108 
_pdbx_modification_feature.modified_residue_label_alt_id      ? 
_pdbx_modification_feature.auth_comp_id                       CYS 
_pdbx_modification_feature.auth_asym_id                       A 
_pdbx_modification_feature.auth_seq_id                        68 
_pdbx_modification_feature.PDB_ins_code                       ? 
_pdbx_modification_feature.symmetry                           1_555 
_pdbx_modification_feature.modified_residue_auth_comp_id      CYS 
_pdbx_modification_feature.modified_residue_auth_asym_id      A 
_pdbx_modification_feature.modified_residue_auth_seq_id       102 
_pdbx_modification_feature.modified_residue_PDB_ins_code      ? 
_pdbx_modification_feature.modified_residue_symmetry          1_555 
_pdbx_modification_feature.comp_id_linking_atom               SG 
_pdbx_modification_feature.modified_residue_id_linking_atom   SG 
_pdbx_modification_feature.modified_residue_id                . 
_pdbx_modification_feature.ref_pcm_id                         . 
_pdbx_modification_feature.ref_comp_id                        . 
_pdbx_modification_feature.type                               None 
_pdbx_modification_feature.category                           'Disulfide bridge' 
# 
_struct_sheet.id               A 
_struct_sheet.type             ? 
_struct_sheet.number_strands   6 
_struct_sheet.details          ? 
# 
loop_
_struct_sheet_order.sheet_id 
_struct_sheet_order.range_id_1 
_struct_sheet_order.range_id_2 
_struct_sheet_order.offset 
_struct_sheet_order.sense 
A 1 2 ? anti-parallel 
A 2 3 ? anti-parallel 
A 3 4 ? anti-parallel 
A 4 5 ? anti-parallel 
A 5 6 ? anti-parallel 
# 
loop_
_struct_sheet_range.sheet_id 
_struct_sheet_range.id 
_struct_sheet_range.beg_label_comp_id 
_struct_sheet_range.beg_label_asym_id 
_struct_sheet_range.beg_label_seq_id 
_struct_sheet_range.pdbx_beg_PDB_ins_code 
_struct_sheet_range.end_label_comp_id 
_struct_sheet_range.end_label_asym_id 
_struct_sheet_range.end_label_seq_id 
_struct_sheet_range.pdbx_end_PDB_ins_code 
_struct_sheet_range.beg_auth_comp_id 
_struct_sheet_range.beg_auth_asym_id 
_struct_sheet_range.beg_auth_seq_id 
_struct_sheet_range.end_auth_comp_id 
_struct_sheet_range.end_auth_asym_id 
_struct_sheet_range.end_auth_seq_id 
A 1 HIS A 76  ? PRO A 78  ? HIS A 70  PRO A 72  
A 2 GLU A 62  ? GLN A 69  ? GLU A 56  GLN A 63  
A 3 TRP A 52  ? GLU A 59  ? TRP A 46  GLU A 53  
A 4 LYS A 125 ? ALA A 134 ? LYS A 119 ALA A 128 
A 5 SER A 114 ? LYS A 122 ? SER A 108 LYS A 116 
A 6 GLN A 94  ? VAL A 96  ? GLN A 88  VAL A 90  
# 
loop_
_pdbx_struct_sheet_hbond.sheet_id 
_pdbx_struct_sheet_hbond.range_id_1 
_pdbx_struct_sheet_hbond.range_id_2 
_pdbx_struct_sheet_hbond.range_1_label_atom_id 
_pdbx_struct_sheet_hbond.range_1_label_comp_id 
_pdbx_struct_sheet_hbond.range_1_label_asym_id 
_pdbx_struct_sheet_hbond.range_1_label_seq_id 
_pdbx_struct_sheet_hbond.range_1_PDB_ins_code 
_pdbx_struct_sheet_hbond.range_1_auth_atom_id 
_pdbx_struct_sheet_hbond.range_1_auth_comp_id 
_pdbx_struct_sheet_hbond.range_1_auth_asym_id 
_pdbx_struct_sheet_hbond.range_1_auth_seq_id 
_pdbx_struct_sheet_hbond.range_2_label_atom_id 
_pdbx_struct_sheet_hbond.range_2_label_comp_id 
_pdbx_struct_sheet_hbond.range_2_label_asym_id 
_pdbx_struct_sheet_hbond.range_2_label_seq_id 
_pdbx_struct_sheet_hbond.range_2_PDB_ins_code 
_pdbx_struct_sheet_hbond.range_2_auth_atom_id 
_pdbx_struct_sheet_hbond.range_2_auth_comp_id 
_pdbx_struct_sheet_hbond.range_2_auth_asym_id 
_pdbx_struct_sheet_hbond.range_2_auth_seq_id 
A 1 2 O ILE A 77  ? O ILE A 71  N LEU A 63  ? N LEU A 57  
A 2 3 O ILE A 64  ? O ILE A 58  N LEU A 57  ? N LEU A 51  
A 3 4 N GLY A 54  ? N GLY A 48  O ASP A 131 ? O ASP A 125 
A 4 5 O GLY A 128 ? O GLY A 122 N ILE A 120 ? N ILE A 114 
A 5 6 O GLU A 115 ? O GLU A 109 N VAL A 96  ? N VAL A 90  
# 
loop_
_struct_site.id 
_struct_site.pdbx_evidence_code 
_struct_site.pdbx_auth_asym_id 
_struct_site.pdbx_auth_comp_id 
_struct_site.pdbx_auth_seq_id 
_struct_site.pdbx_auth_ins_code 
_struct_site.pdbx_num_residues 
_struct_site.details 
AC1 Software A SO4 6576 ? 5 'BINDING SITE FOR RESIDUE SO4 A 6576' 
AC2 Software A SO4 155  ? 6 'BINDING SITE FOR RESIDUE SO4 A 155'  
# 
loop_
_struct_site_gen.id 
_struct_site_gen.site_id 
_struct_site_gen.pdbx_num_res 
_struct_site_gen.label_comp_id 
_struct_site_gen.label_asym_id 
_struct_site_gen.label_seq_id 
_struct_site_gen.pdbx_auth_ins_code 
_struct_site_gen.auth_comp_id 
_struct_site_gen.auth_asym_id 
_struct_site_gen.auth_seq_id 
_struct_site_gen.label_atom_id 
_struct_site_gen.label_alt_id 
_struct_site_gen.symmetry 
_struct_site_gen.details 
1  AC1 5 THR A 16  ? THR A 10  . ? 6_545 ? 
2  AC1 5 GLU A 29  ? GLU A 23  . ? 8_554 ? 
3  AC1 5 CYS A 74  ? CYS A 68  . ? 1_555 ? 
4  AC1 5 VAL A 75  ? VAL A 69  . ? 1_555 ? 
5  AC1 5 HIS A 76  ? HIS A 70  . ? 1_555 ? 
6  AC2 6 ILE A 106 ? ILE A 100 . ? 1_555 ? 
7  AC2 6 ALA A 107 ? ALA A 101 . ? 1_555 ? 
8  AC2 6 ASN A 143 ? ASN A 137 . ? 6_545 ? 
9  AC2 6 HIS A 147 ? HIS A 141 . ? 6_545 ? 
10 AC2 6 HOH D .   ? HOH A 264 . ? 1_555 ? 
11 AC2 6 HOH D .   ? HOH A 271 . ? 1_555 ? 
# 
_pdbx_entry_details.entry_id                   3KSH 
_pdbx_entry_details.compound_details           ? 
_pdbx_entry_details.source_details             ? 
_pdbx_entry_details.nonpolymer_details         ? 
_pdbx_entry_details.sequence_details           ? 
_pdbx_entry_details.has_ligand_of_interest     ? 
_pdbx_entry_details.has_protein_modification   Y 
# 
_pdbx_validate_symm_contact.id                1 
_pdbx_validate_symm_contact.PDB_model_num     1 
_pdbx_validate_symm_contact.auth_atom_id_1    OG 
_pdbx_validate_symm_contact.auth_asym_id_1    A 
_pdbx_validate_symm_contact.auth_comp_id_1    SER 
_pdbx_validate_symm_contact.auth_seq_id_1     18 
_pdbx_validate_symm_contact.PDB_ins_code_1    ? 
_pdbx_validate_symm_contact.label_alt_id_1    ? 
_pdbx_validate_symm_contact.site_symmetry_1   1_555 
_pdbx_validate_symm_contact.auth_atom_id_2    OG 
_pdbx_validate_symm_contact.auth_asym_id_2    A 
_pdbx_validate_symm_contact.auth_comp_id_2    SER 
_pdbx_validate_symm_contact.auth_seq_id_2     18 
_pdbx_validate_symm_contact.PDB_ins_code_2    ? 
_pdbx_validate_symm_contact.label_alt_id_2    ? 
_pdbx_validate_symm_contact.site_symmetry_2   10_663 
_pdbx_validate_symm_contact.dist              1.70 
# 
_pdbx_validate_torsion.id              1 
_pdbx_validate_torsion.PDB_model_num   1 
_pdbx_validate_torsion.auth_comp_id    LEU 
_pdbx_validate_torsion.auth_asym_id    A 
_pdbx_validate_torsion.auth_seq_id     19 
_pdbx_validate_torsion.PDB_ins_code    ? 
_pdbx_validate_torsion.label_alt_id    ? 
_pdbx_validate_torsion.phi             -64.99 
_pdbx_validate_torsion.psi             10.21 
# 
loop_
_pdbx_unobs_or_zero_occ_residues.id 
_pdbx_unobs_or_zero_occ_residues.PDB_model_num 
_pdbx_unobs_or_zero_occ_residues.polymer_flag 
_pdbx_unobs_or_zero_occ_residues.occupancy_flag 
_pdbx_unobs_or_zero_occ_residues.auth_asym_id 
_pdbx_unobs_or_zero_occ_residues.auth_comp_id 
_pdbx_unobs_or_zero_occ_residues.auth_seq_id 
_pdbx_unobs_or_zero_occ_residues.PDB_ins_code 
_pdbx_unobs_or_zero_occ_residues.label_asym_id 
_pdbx_unobs_or_zero_occ_residues.label_comp_id 
_pdbx_unobs_or_zero_occ_residues.label_seq_id 
1 1 Y 1 A HIS -5 ? A HIS 1 
2 1 Y 1 A HIS -4 ? A HIS 2 
3 1 Y 1 A HIS -3 ? A HIS 3 
4 1 Y 1 A HIS -2 ? A HIS 4 
5 1 Y 1 A HIS -1 ? A HIS 5 
6 1 Y 1 A HIS 0  ? A HIS 6 
7 1 Y 1 A MET 1  ? A MET 7 
8 1 Y 1 A THR 2  ? A THR 8 
# 
loop_
_chem_comp_atom.comp_id 
_chem_comp_atom.atom_id 
_chem_comp_atom.type_symbol 
_chem_comp_atom.pdbx_aromatic_flag 
_chem_comp_atom.pdbx_stereo_config 
_chem_comp_atom.pdbx_ordinal 
ALA N    N N N 1   
ALA CA   C N S 2   
ALA C    C N N 3   
ALA O    O N N 4   
ALA CB   C N N 5   
ALA OXT  O N N 6   
ALA H    H N N 7   
ALA H2   H N N 8   
ALA HA   H N N 9   
ALA HB1  H N N 10  
ALA HB2  H N N 11  
ALA HB3  H N N 12  
ALA HXT  H N N 13  
ARG N    N N N 14  
ARG CA   C N S 15  
ARG C    C N N 16  
ARG O    O N N 17  
ARG CB   C N N 18  
ARG CG   C N N 19  
ARG CD   C N N 20  
ARG NE   N N N 21  
ARG CZ   C N N 22  
ARG NH1  N N N 23  
ARG NH2  N N N 24  
ARG OXT  O N N 25  
ARG H    H N N 26  
ARG H2   H N N 27  
ARG HA   H N N 28  
ARG HB2  H N N 29  
ARG HB3  H N N 30  
ARG HG2  H N N 31  
ARG HG3  H N N 32  
ARG HD2  H N N 33  
ARG HD3  H N N 34  
ARG HE   H N N 35  
ARG HH11 H N N 36  
ARG HH12 H N N 37  
ARG HH21 H N N 38  
ARG HH22 H N N 39  
ARG HXT  H N N 40  
ASN N    N N N 41  
ASN CA   C N S 42  
ASN C    C N N 43  
ASN O    O N N 44  
ASN CB   C N N 45  
ASN CG   C N N 46  
ASN OD1  O N N 47  
ASN ND2  N N N 48  
ASN OXT  O N N 49  
ASN H    H N N 50  
ASN H2   H N N 51  
ASN HA   H N N 52  
ASN HB2  H N N 53  
ASN HB3  H N N 54  
ASN HD21 H N N 55  
ASN HD22 H N N 56  
ASN HXT  H N N 57  
ASP N    N N N 58  
ASP CA   C N S 59  
ASP C    C N N 60  
ASP O    O N N 61  
ASP CB   C N N 62  
ASP CG   C N N 63  
ASP OD1  O N N 64  
ASP OD2  O N N 65  
ASP OXT  O N N 66  
ASP H    H N N 67  
ASP H2   H N N 68  
ASP HA   H N N 69  
ASP HB2  H N N 70  
ASP HB3  H N N 71  
ASP HD2  H N N 72  
ASP HXT  H N N 73  
CYS N    N N N 74  
CYS CA   C N R 75  
CYS C    C N N 76  
CYS O    O N N 77  
CYS CB   C N N 78  
CYS SG   S N N 79  
CYS OXT  O N N 80  
CYS H    H N N 81  
CYS H2   H N N 82  
CYS HA   H N N 83  
CYS HB2  H N N 84  
CYS HB3  H N N 85  
CYS HG   H N N 86  
CYS HXT  H N N 87  
GLN N    N N N 88  
GLN CA   C N S 89  
GLN C    C N N 90  
GLN O    O N N 91  
GLN CB   C N N 92  
GLN CG   C N N 93  
GLN CD   C N N 94  
GLN OE1  O N N 95  
GLN NE2  N N N 96  
GLN OXT  O N N 97  
GLN H    H N N 98  
GLN H2   H N N 99  
GLN HA   H N N 100 
GLN HB2  H N N 101 
GLN HB3  H N N 102 
GLN HG2  H N N 103 
GLN HG3  H N N 104 
GLN HE21 H N N 105 
GLN HE22 H N N 106 
GLN HXT  H N N 107 
GLU N    N N N 108 
GLU CA   C N S 109 
GLU C    C N N 110 
GLU O    O N N 111 
GLU CB   C N N 112 
GLU CG   C N N 113 
GLU CD   C N N 114 
GLU OE1  O N N 115 
GLU OE2  O N N 116 
GLU OXT  O N N 117 
GLU H    H N N 118 
GLU H2   H N N 119 
GLU HA   H N N 120 
GLU HB2  H N N 121 
GLU HB3  H N N 122 
GLU HG2  H N N 123 
GLU HG3  H N N 124 
GLU HE2  H N N 125 
GLU HXT  H N N 126 
GLY N    N N N 127 
GLY CA   C N N 128 
GLY C    C N N 129 
GLY O    O N N 130 
GLY OXT  O N N 131 
GLY H    H N N 132 
GLY H2   H N N 133 
GLY HA2  H N N 134 
GLY HA3  H N N 135 
GLY HXT  H N N 136 
HIS N    N N N 137 
HIS CA   C N S 138 
HIS C    C N N 139 
HIS O    O N N 140 
HIS CB   C N N 141 
HIS CG   C Y N 142 
HIS ND1  N Y N 143 
HIS CD2  C Y N 144 
HIS CE1  C Y N 145 
HIS NE2  N Y N 146 
HIS OXT  O N N 147 
HIS H    H N N 148 
HIS H2   H N N 149 
HIS HA   H N N 150 
HIS HB2  H N N 151 
HIS HB3  H N N 152 
HIS HD1  H N N 153 
HIS HD2  H N N 154 
HIS HE1  H N N 155 
HIS HE2  H N N 156 
HIS HXT  H N N 157 
HOH O    O N N 158 
HOH H1   H N N 159 
HOH H2   H N N 160 
ILE N    N N N 161 
ILE CA   C N S 162 
ILE C    C N N 163 
ILE O    O N N 164 
ILE CB   C N S 165 
ILE CG1  C N N 166 
ILE CG2  C N N 167 
ILE CD1  C N N 168 
ILE OXT  O N N 169 
ILE H    H N N 170 
ILE H2   H N N 171 
ILE HA   H N N 172 
ILE HB   H N N 173 
ILE HG12 H N N 174 
ILE HG13 H N N 175 
ILE HG21 H N N 176 
ILE HG22 H N N 177 
ILE HG23 H N N 178 
ILE HD11 H N N 179 
ILE HD12 H N N 180 
ILE HD13 H N N 181 
ILE HXT  H N N 182 
LEU N    N N N 183 
LEU CA   C N S 184 
LEU C    C N N 185 
LEU O    O N N 186 
LEU CB   C N N 187 
LEU CG   C N N 188 
LEU CD1  C N N 189 
LEU CD2  C N N 190 
LEU OXT  O N N 191 
LEU H    H N N 192 
LEU H2   H N N 193 
LEU HA   H N N 194 
LEU HB2  H N N 195 
LEU HB3  H N N 196 
LEU HG   H N N 197 
LEU HD11 H N N 198 
LEU HD12 H N N 199 
LEU HD13 H N N 200 
LEU HD21 H N N 201 
LEU HD22 H N N 202 
LEU HD23 H N N 203 
LEU HXT  H N N 204 
LYS N    N N N 205 
LYS CA   C N S 206 
LYS C    C N N 207 
LYS O    O N N 208 
LYS CB   C N N 209 
LYS CG   C N N 210 
LYS CD   C N N 211 
LYS CE   C N N 212 
LYS NZ   N N N 213 
LYS OXT  O N N 214 
LYS H    H N N 215 
LYS H2   H N N 216 
LYS HA   H N N 217 
LYS HB2  H N N 218 
LYS HB3  H N N 219 
LYS HG2  H N N 220 
LYS HG3  H N N 221 
LYS HD2  H N N 222 
LYS HD3  H N N 223 
LYS HE2  H N N 224 
LYS HE3  H N N 225 
LYS HZ1  H N N 226 
LYS HZ2  H N N 227 
LYS HZ3  H N N 228 
LYS HXT  H N N 229 
MET N    N N N 230 
MET CA   C N S 231 
MET C    C N N 232 
MET O    O N N 233 
MET CB   C N N 234 
MET CG   C N N 235 
MET SD   S N N 236 
MET CE   C N N 237 
MET OXT  O N N 238 
MET H    H N N 239 
MET H2   H N N 240 
MET HA   H N N 241 
MET HB2  H N N 242 
MET HB3  H N N 243 
MET HG2  H N N 244 
MET HG3  H N N 245 
MET HE1  H N N 246 
MET HE2  H N N 247 
MET HE3  H N N 248 
MET HXT  H N N 249 
PHE N    N N N 250 
PHE CA   C N S 251 
PHE C    C N N 252 
PHE O    O N N 253 
PHE CB   C N N 254 
PHE CG   C Y N 255 
PHE CD1  C Y N 256 
PHE CD2  C Y N 257 
PHE CE1  C Y N 258 
PHE CE2  C Y N 259 
PHE CZ   C Y N 260 
PHE OXT  O N N 261 
PHE H    H N N 262 
PHE H2   H N N 263 
PHE HA   H N N 264 
PHE HB2  H N N 265 
PHE HB3  H N N 266 
PHE HD1  H N N 267 
PHE HD2  H N N 268 
PHE HE1  H N N 269 
PHE HE2  H N N 270 
PHE HZ   H N N 271 
PHE HXT  H N N 272 
PRO N    N N N 273 
PRO CA   C N S 274 
PRO C    C N N 275 
PRO O    O N N 276 
PRO CB   C N N 277 
PRO CG   C N N 278 
PRO CD   C N N 279 
PRO OXT  O N N 280 
PRO H    H N N 281 
PRO HA   H N N 282 
PRO HB2  H N N 283 
PRO HB3  H N N 284 
PRO HG2  H N N 285 
PRO HG3  H N N 286 
PRO HD2  H N N 287 
PRO HD3  H N N 288 
PRO HXT  H N N 289 
SER N    N N N 290 
SER CA   C N S 291 
SER C    C N N 292 
SER O    O N N 293 
SER CB   C N N 294 
SER OG   O N N 295 
SER OXT  O N N 296 
SER H    H N N 297 
SER H2   H N N 298 
SER HA   H N N 299 
SER HB2  H N N 300 
SER HB3  H N N 301 
SER HG   H N N 302 
SER HXT  H N N 303 
SO4 S    S N N 304 
SO4 O1   O N N 305 
SO4 O2   O N N 306 
SO4 O3   O N N 307 
SO4 O4   O N N 308 
THR N    N N N 309 
THR CA   C N S 310 
THR C    C N N 311 
THR O    O N N 312 
THR CB   C N R 313 
THR OG1  O N N 314 
THR CG2  C N N 315 
THR OXT  O N N 316 
THR H    H N N 317 
THR H2   H N N 318 
THR HA   H N N 319 
THR HB   H N N 320 
THR HG1  H N N 321 
THR HG21 H N N 322 
THR HG22 H N N 323 
THR HG23 H N N 324 
THR HXT  H N N 325 
TRP N    N N N 326 
TRP CA   C N S 327 
TRP C    C N N 328 
TRP O    O N N 329 
TRP CB   C N N 330 
TRP CG   C Y N 331 
TRP CD1  C Y N 332 
TRP CD2  C Y N 333 
TRP NE1  N Y N 334 
TRP CE2  C Y N 335 
TRP CE3  C Y N 336 
TRP CZ2  C Y N 337 
TRP CZ3  C Y N 338 
TRP CH2  C Y N 339 
TRP OXT  O N N 340 
TRP H    H N N 341 
TRP H2   H N N 342 
TRP HA   H N N 343 
TRP HB2  H N N 344 
TRP HB3  H N N 345 
TRP HD1  H N N 346 
TRP HE1  H N N 347 
TRP HE3  H N N 348 
TRP HZ2  H N N 349 
TRP HZ3  H N N 350 
TRP HH2  H N N 351 
TRP HXT  H N N 352 
TYR N    N N N 353 
TYR CA   C N S 354 
TYR C    C N N 355 
TYR O    O N N 356 
TYR CB   C N N 357 
TYR CG   C Y N 358 
TYR CD1  C Y N 359 
TYR CD2  C Y N 360 
TYR CE1  C Y N 361 
TYR CE2  C Y N 362 
TYR CZ   C Y N 363 
TYR OH   O N N 364 
TYR OXT  O N N 365 
TYR H    H N N 366 
TYR H2   H N N 367 
TYR HA   H N N 368 
TYR HB2  H N N 369 
TYR HB3  H N N 370 
TYR HD1  H N N 371 
TYR HD2  H N N 372 
TYR HE1  H N N 373 
TYR HE2  H N N 374 
TYR HH   H N N 375 
TYR HXT  H N N 376 
VAL N    N N N 377 
VAL CA   C N S 378 
VAL C    C N N 379 
VAL O    O N N 380 
VAL CB   C N N 381 
VAL CG1  C N N 382 
VAL CG2  C N N 383 
VAL OXT  O N N 384 
VAL H    H N N 385 
VAL H2   H N N 386 
VAL HA   H N N 387 
VAL HB   H N N 388 
VAL HG11 H N N 389 
VAL HG12 H N N 390 
VAL HG13 H N N 391 
VAL HG21 H N N 392 
VAL HG22 H N N 393 
VAL HG23 H N N 394 
VAL HXT  H N N 395 
# 
loop_
_chem_comp_bond.comp_id 
_chem_comp_bond.atom_id_1 
_chem_comp_bond.atom_id_2 
_chem_comp_bond.value_order 
_chem_comp_bond.pdbx_aromatic_flag 
_chem_comp_bond.pdbx_stereo_config 
_chem_comp_bond.pdbx_ordinal 
ALA N   CA   sing N N 1   
ALA N   H    sing N N 2   
ALA N   H2   sing N N 3   
ALA CA  C    sing N N 4   
ALA CA  CB   sing N N 5   
ALA CA  HA   sing N N 6   
ALA C   O    doub N N 7   
ALA C   OXT  sing N N 8   
ALA CB  HB1  sing N N 9   
ALA CB  HB2  sing N N 10  
ALA CB  HB3  sing N N 11  
ALA OXT HXT  sing N N 12  
ARG N   CA   sing N N 13  
ARG N   H    sing N N 14  
ARG N   H2   sing N N 15  
ARG CA  C    sing N N 16  
ARG CA  CB   sing N N 17  
ARG CA  HA   sing N N 18  
ARG C   O    doub N N 19  
ARG C   OXT  sing N N 20  
ARG CB  CG   sing N N 21  
ARG CB  HB2  sing N N 22  
ARG CB  HB3  sing N N 23  
ARG CG  CD   sing N N 24  
ARG CG  HG2  sing N N 25  
ARG CG  HG3  sing N N 26  
ARG CD  NE   sing N N 27  
ARG CD  HD2  sing N N 28  
ARG CD  HD3  sing N N 29  
ARG NE  CZ   sing N N 30  
ARG NE  HE   sing N N 31  
ARG CZ  NH1  sing N N 32  
ARG CZ  NH2  doub N N 33  
ARG NH1 HH11 sing N N 34  
ARG NH1 HH12 sing N N 35  
ARG NH2 HH21 sing N N 36  
ARG NH2 HH22 sing N N 37  
ARG OXT HXT  sing N N 38  
ASN N   CA   sing N N 39  
ASN N   H    sing N N 40  
ASN N   H2   sing N N 41  
ASN CA  C    sing N N 42  
ASN CA  CB   sing N N 43  
ASN CA  HA   sing N N 44  
ASN C   O    doub N N 45  
ASN C   OXT  sing N N 46  
ASN CB  CG   sing N N 47  
ASN CB  HB2  sing N N 48  
ASN CB  HB3  sing N N 49  
ASN CG  OD1  doub N N 50  
ASN CG  ND2  sing N N 51  
ASN ND2 HD21 sing N N 52  
ASN ND2 HD22 sing N N 53  
ASN OXT HXT  sing N N 54  
ASP N   CA   sing N N 55  
ASP N   H    sing N N 56  
ASP N   H2   sing N N 57  
ASP CA  C    sing N N 58  
ASP CA  CB   sing N N 59  
ASP CA  HA   sing N N 60  
ASP C   O    doub N N 61  
ASP C   OXT  sing N N 62  
ASP CB  CG   sing N N 63  
ASP CB  HB2  sing N N 64  
ASP CB  HB3  sing N N 65  
ASP CG  OD1  doub N N 66  
ASP CG  OD2  sing N N 67  
ASP OD2 HD2  sing N N 68  
ASP OXT HXT  sing N N 69  
CYS N   CA   sing N N 70  
CYS N   H    sing N N 71  
CYS N   H2   sing N N 72  
CYS CA  C    sing N N 73  
CYS CA  CB   sing N N 74  
CYS CA  HA   sing N N 75  
CYS C   O    doub N N 76  
CYS C   OXT  sing N N 77  
CYS CB  SG   sing N N 78  
CYS CB  HB2  sing N N 79  
CYS CB  HB3  sing N N 80  
CYS SG  HG   sing N N 81  
CYS OXT HXT  sing N N 82  
GLN N   CA   sing N N 83  
GLN N   H    sing N N 84  
GLN N   H2   sing N N 85  
GLN CA  C    sing N N 86  
GLN CA  CB   sing N N 87  
GLN CA  HA   sing N N 88  
GLN C   O    doub N N 89  
GLN C   OXT  sing N N 90  
GLN CB  CG   sing N N 91  
GLN CB  HB2  sing N N 92  
GLN CB  HB3  sing N N 93  
GLN CG  CD   sing N N 94  
GLN CG  HG2  sing N N 95  
GLN CG  HG3  sing N N 96  
GLN CD  OE1  doub N N 97  
GLN CD  NE2  sing N N 98  
GLN NE2 HE21 sing N N 99  
GLN NE2 HE22 sing N N 100 
GLN OXT HXT  sing N N 101 
GLU N   CA   sing N N 102 
GLU N   H    sing N N 103 
GLU N   H2   sing N N 104 
GLU CA  C    sing N N 105 
GLU CA  CB   sing N N 106 
GLU CA  HA   sing N N 107 
GLU C   O    doub N N 108 
GLU C   OXT  sing N N 109 
GLU CB  CG   sing N N 110 
GLU CB  HB2  sing N N 111 
GLU CB  HB3  sing N N 112 
GLU CG  CD   sing N N 113 
GLU CG  HG2  sing N N 114 
GLU CG  HG3  sing N N 115 
GLU CD  OE1  doub N N 116 
GLU CD  OE2  sing N N 117 
GLU OE2 HE2  sing N N 118 
GLU OXT HXT  sing N N 119 
GLY N   CA   sing N N 120 
GLY N   H    sing N N 121 
GLY N   H2   sing N N 122 
GLY CA  C    sing N N 123 
GLY CA  HA2  sing N N 124 
GLY CA  HA3  sing N N 125 
GLY C   O    doub N N 126 
GLY C   OXT  sing N N 127 
GLY OXT HXT  sing N N 128 
HIS N   CA   sing N N 129 
HIS N   H    sing N N 130 
HIS N   H2   sing N N 131 
HIS CA  C    sing N N 132 
HIS CA  CB   sing N N 133 
HIS CA  HA   sing N N 134 
HIS C   O    doub N N 135 
HIS C   OXT  sing N N 136 
HIS CB  CG   sing N N 137 
HIS CB  HB2  sing N N 138 
HIS CB  HB3  sing N N 139 
HIS CG  ND1  sing Y N 140 
HIS CG  CD2  doub Y N 141 
HIS ND1 CE1  doub Y N 142 
HIS ND1 HD1  sing N N 143 
HIS CD2 NE2  sing Y N 144 
HIS CD2 HD2  sing N N 145 
HIS CE1 NE2  sing Y N 146 
HIS CE1 HE1  sing N N 147 
HIS NE2 HE2  sing N N 148 
HIS OXT HXT  sing N N 149 
HOH O   H1   sing N N 150 
HOH O   H2   sing N N 151 
ILE N   CA   sing N N 152 
ILE N   H    sing N N 153 
ILE N   H2   sing N N 154 
ILE CA  C    sing N N 155 
ILE CA  CB   sing N N 156 
ILE CA  HA   sing N N 157 
ILE C   O    doub N N 158 
ILE C   OXT  sing N N 159 
ILE CB  CG1  sing N N 160 
ILE CB  CG2  sing N N 161 
ILE CB  HB   sing N N 162 
ILE CG1 CD1  sing N N 163 
ILE CG1 HG12 sing N N 164 
ILE CG1 HG13 sing N N 165 
ILE CG2 HG21 sing N N 166 
ILE CG2 HG22 sing N N 167 
ILE CG2 HG23 sing N N 168 
ILE CD1 HD11 sing N N 169 
ILE CD1 HD12 sing N N 170 
ILE CD1 HD13 sing N N 171 
ILE OXT HXT  sing N N 172 
LEU N   CA   sing N N 173 
LEU N   H    sing N N 174 
LEU N   H2   sing N N 175 
LEU CA  C    sing N N 176 
LEU CA  CB   sing N N 177 
LEU CA  HA   sing N N 178 
LEU C   O    doub N N 179 
LEU C   OXT  sing N N 180 
LEU CB  CG   sing N N 181 
LEU CB  HB2  sing N N 182 
LEU CB  HB3  sing N N 183 
LEU CG  CD1  sing N N 184 
LEU CG  CD2  sing N N 185 
LEU CG  HG   sing N N 186 
LEU CD1 HD11 sing N N 187 
LEU CD1 HD12 sing N N 188 
LEU CD1 HD13 sing N N 189 
LEU CD2 HD21 sing N N 190 
LEU CD2 HD22 sing N N 191 
LEU CD2 HD23 sing N N 192 
LEU OXT HXT  sing N N 193 
LYS N   CA   sing N N 194 
LYS N   H    sing N N 195 
LYS N   H2   sing N N 196 
LYS CA  C    sing N N 197 
LYS CA  CB   sing N N 198 
LYS CA  HA   sing N N 199 
LYS C   O    doub N N 200 
LYS C   OXT  sing N N 201 
LYS CB  CG   sing N N 202 
LYS CB  HB2  sing N N 203 
LYS CB  HB3  sing N N 204 
LYS CG  CD   sing N N 205 
LYS CG  HG2  sing N N 206 
LYS CG  HG3  sing N N 207 
LYS CD  CE   sing N N 208 
LYS CD  HD2  sing N N 209 
LYS CD  HD3  sing N N 210 
LYS CE  NZ   sing N N 211 
LYS CE  HE2  sing N N 212 
LYS CE  HE3  sing N N 213 
LYS NZ  HZ1  sing N N 214 
LYS NZ  HZ2  sing N N 215 
LYS NZ  HZ3  sing N N 216 
LYS OXT HXT  sing N N 217 
MET N   CA   sing N N 218 
MET N   H    sing N N 219 
MET N   H2   sing N N 220 
MET CA  C    sing N N 221 
MET CA  CB   sing N N 222 
MET CA  HA   sing N N 223 
MET C   O    doub N N 224 
MET C   OXT  sing N N 225 
MET CB  CG   sing N N 226 
MET CB  HB2  sing N N 227 
MET CB  HB3  sing N N 228 
MET CG  SD   sing N N 229 
MET CG  HG2  sing N N 230 
MET CG  HG3  sing N N 231 
MET SD  CE   sing N N 232 
MET CE  HE1  sing N N 233 
MET CE  HE2  sing N N 234 
MET CE  HE3  sing N N 235 
MET OXT HXT  sing N N 236 
PHE N   CA   sing N N 237 
PHE N   H    sing N N 238 
PHE N   H2   sing N N 239 
PHE CA  C    sing N N 240 
PHE CA  CB   sing N N 241 
PHE CA  HA   sing N N 242 
PHE C   O    doub N N 243 
PHE C   OXT  sing N N 244 
PHE CB  CG   sing N N 245 
PHE CB  HB2  sing N N 246 
PHE CB  HB3  sing N N 247 
PHE CG  CD1  doub Y N 248 
PHE CG  CD2  sing Y N 249 
PHE CD1 CE1  sing Y N 250 
PHE CD1 HD1  sing N N 251 
PHE CD2 CE2  doub Y N 252 
PHE CD2 HD2  sing N N 253 
PHE CE1 CZ   doub Y N 254 
PHE CE1 HE1  sing N N 255 
PHE CE2 CZ   sing Y N 256 
PHE CE2 HE2  sing N N 257 
PHE CZ  HZ   sing N N 258 
PHE OXT HXT  sing N N 259 
PRO N   CA   sing N N 260 
PRO N   CD   sing N N 261 
PRO N   H    sing N N 262 
PRO CA  C    sing N N 263 
PRO CA  CB   sing N N 264 
PRO CA  HA   sing N N 265 
PRO C   O    doub N N 266 
PRO C   OXT  sing N N 267 
PRO CB  CG   sing N N 268 
PRO CB  HB2  sing N N 269 
PRO CB  HB3  sing N N 270 
PRO CG  CD   sing N N 271 
PRO CG  HG2  sing N N 272 
PRO CG  HG3  sing N N 273 
PRO CD  HD2  sing N N 274 
PRO CD  HD3  sing N N 275 
PRO OXT HXT  sing N N 276 
SER N   CA   sing N N 277 
SER N   H    sing N N 278 
SER N   H2   sing N N 279 
SER CA  C    sing N N 280 
SER CA  CB   sing N N 281 
SER CA  HA   sing N N 282 
SER C   O    doub N N 283 
SER C   OXT  sing N N 284 
SER CB  OG   sing N N 285 
SER CB  HB2  sing N N 286 
SER CB  HB3  sing N N 287 
SER OG  HG   sing N N 288 
SER OXT HXT  sing N N 289 
SO4 S   O1   doub N N 290 
SO4 S   O2   doub N N 291 
SO4 S   O3   sing N N 292 
SO4 S   O4   sing N N 293 
THR N   CA   sing N N 294 
THR N   H    sing N N 295 
THR N   H2   sing N N 296 
THR CA  C    sing N N 297 
THR CA  CB   sing N N 298 
THR CA  HA   sing N N 299 
THR C   O    doub N N 300 
THR C   OXT  sing N N 301 
THR CB  OG1  sing N N 302 
THR CB  CG2  sing N N 303 
THR CB  HB   sing N N 304 
THR OG1 HG1  sing N N 305 
THR CG2 HG21 sing N N 306 
THR CG2 HG22 sing N N 307 
THR CG2 HG23 sing N N 308 
THR OXT HXT  sing N N 309 
TRP N   CA   sing N N 310 
TRP N   H    sing N N 311 
TRP N   H2   sing N N 312 
TRP CA  C    sing N N 313 
TRP CA  CB   sing N N 314 
TRP CA  HA   sing N N 315 
TRP C   O    doub N N 316 
TRP C   OXT  sing N N 317 
TRP CB  CG   sing N N 318 
TRP CB  HB2  sing N N 319 
TRP CB  HB3  sing N N 320 
TRP CG  CD1  doub Y N 321 
TRP CG  CD2  sing Y N 322 
TRP CD1 NE1  sing Y N 323 
TRP CD1 HD1  sing N N 324 
TRP CD2 CE2  doub Y N 325 
TRP CD2 CE3  sing Y N 326 
TRP NE1 CE2  sing Y N 327 
TRP NE1 HE1  sing N N 328 
TRP CE2 CZ2  sing Y N 329 
TRP CE3 CZ3  doub Y N 330 
TRP CE3 HE3  sing N N 331 
TRP CZ2 CH2  doub Y N 332 
TRP CZ2 HZ2  sing N N 333 
TRP CZ3 CH2  sing Y N 334 
TRP CZ3 HZ3  sing N N 335 
TRP CH2 HH2  sing N N 336 
TRP OXT HXT  sing N N 337 
TYR N   CA   sing N N 338 
TYR N   H    sing N N 339 
TYR N   H2   sing N N 340 
TYR CA  C    sing N N 341 
TYR CA  CB   sing N N 342 
TYR CA  HA   sing N N 343 
TYR C   O    doub N N 344 
TYR C   OXT  sing N N 345 
TYR CB  CG   sing N N 346 
TYR CB  HB2  sing N N 347 
TYR CB  HB3  sing N N 348 
TYR CG  CD1  doub Y N 349 
TYR CG  CD2  sing Y N 350 
TYR CD1 CE1  sing Y N 351 
TYR CD1 HD1  sing N N 352 
TYR CD2 CE2  doub Y N 353 
TYR CD2 HD2  sing N N 354 
TYR CE1 CZ   doub Y N 355 
TYR CE1 HE1  sing N N 356 
TYR CE2 CZ   sing Y N 357 
TYR CE2 HE2  sing N N 358 
TYR CZ  OH   sing N N 359 
TYR OH  HH   sing N N 360 
TYR OXT HXT  sing N N 361 
VAL N   CA   sing N N 362 
VAL N   H    sing N N 363 
VAL N   H2   sing N N 364 
VAL CA  C    sing N N 365 
VAL CA  CB   sing N N 366 
VAL CA  HA   sing N N 367 
VAL C   O    doub N N 368 
VAL C   OXT  sing N N 369 
VAL CB  CG1  sing N N 370 
VAL CB  CG2  sing N N 371 
VAL CB  HB   sing N N 372 
VAL CG1 HG11 sing N N 373 
VAL CG1 HG12 sing N N 374 
VAL CG1 HG13 sing N N 375 
VAL CG2 HG21 sing N N 376 
VAL CG2 HG22 sing N N 377 
VAL CG2 HG23 sing N N 378 
VAL OXT HXT  sing N N 379 
# 
_pdbx_initial_refinement_model.id               1 
_pdbx_initial_refinement_model.entity_id_list   ? 
_pdbx_initial_refinement_model.type             'experimental model' 
_pdbx_initial_refinement_model.source_name      PDB 
_pdbx_initial_refinement_model.accession_code   1VHM 
_pdbx_initial_refinement_model.details          'PDB ENTRY 1VHM' 
# 
_atom_sites.entry_id                    3KSH 
_atom_sites.fract_transf_matrix[1][1]   0.00965054 
_atom_sites.fract_transf_matrix[1][2]   0.00438833 
_atom_sites.fract_transf_matrix[1][3]   0.00722850 
_atom_sites.fract_transf_matrix[2][1]   -0.00244128 
_atom_sites.fract_transf_matrix[2][2]   0.00767381 
_atom_sites.fract_transf_matrix[2][3]   0.00998937 
_atom_sites.fract_transf_matrix[3][1]   -0.00092160 
_atom_sites.fract_transf_matrix[3][2]   -0.00903498 
_atom_sites.fract_transf_matrix[3][3]   0.00671542 
_atom_sites.fract_transf_vector[1]      0.683563 
_atom_sites.fract_transf_vector[2]      0.103005 
_atom_sites.fract_transf_vector[3]      -0.388264 
# 
loop_
_atom_type.symbol 
C 
N 
O 
S 
# 
loop_
_atom_site.group_PDB 
_atom_site.id 
_atom_site.type_symbol 
_atom_site.label_atom_id 
_atom_site.label_alt_id 
_atom_site.label_comp_id 
_atom_site.label_asym_id 
_atom_site.label_entity_id 
_atom_site.label_seq_id 
_atom_site.pdbx_PDB_ins_code 
_atom_site.Cartn_x 
_atom_site.Cartn_y 
_atom_site.Cartn_z 
_atom_site.occupancy 
_atom_site.B_iso_or_equiv 
_atom_site.pdbx_formal_charge 
_atom_site.auth_seq_id 
_atom_site.auth_comp_id 
_atom_site.auth_asym_id 
_atom_site.auth_atom_id 
_atom_site.pdbx_PDB_model_num 
ATOM   1    N N   . THR A 1 9   ? 20.422  -0.066  7.473   1.00 35.30 ? 3    THR A N   1 
ATOM   2    C CA  . THR A 1 9   ? 20.146  1.364   7.784   1.00 35.53 ? 3    THR A CA  1 
ATOM   3    C C   . THR A 1 9   ? 18.933  1.877   7.011   1.00 33.93 ? 3    THR A C   1 
ATOM   4    O O   . THR A 1 9   ? 18.876  1.775   5.785   1.00 34.41 ? 3    THR A O   1 
ATOM   5    C CB  . THR A 1 9   ? 21.358  2.253   7.436   1.00 53.81 ? 3    THR A CB  1 
ATOM   6    O OG1 . THR A 1 9   ? 22.505  1.807   8.171   1.00 56.51 ? 3    THR A OG1 1 
ATOM   7    C CG2 . THR A 1 9   ? 21.072  3.706   7.787   1.00 54.81 ? 3    THR A CG2 1 
ATOM   8    N N   . ILE A 1 10  ? 17.967  2.429   7.738   1.00 28.53 ? 4    ILE A N   1 
ATOM   9    C CA  . ILE A 1 10  ? 16.754  2.968   7.131   1.00 26.79 ? 4    ILE A CA  1 
ATOM   10   C C   . ILE A 1 10  ? 16.694  4.473   7.349   1.00 26.50 ? 4    ILE A C   1 
ATOM   11   O O   . ILE A 1 10  ? 16.582  4.937   8.482   1.00 26.15 ? 4    ILE A O   1 
ATOM   12   C CB  . ILE A 1 10  ? 15.487  2.349   7.759   1.00 28.07 ? 4    ILE A CB  1 
ATOM   13   C CG1 . ILE A 1 10  ? 15.512  0.827   7.603   1.00 26.58 ? 4    ILE A CG1 1 
ATOM   14   C CG2 . ILE A 1 10  ? 14.239  2.934   7.101   1.00 28.58 ? 4    ILE A CG2 1 
ATOM   15   C CD1 . ILE A 1 10  ? 14.444  0.113   8.405   1.00 25.06 ? 4    ILE A CD1 1 
ATOM   16   N N   . ASN A 1 11  ? 16.777  5.235   6.265   1.00 27.06 ? 5    ASN A N   1 
ATOM   17   C CA  . ASN A 1 11  ? 16.711  6.685   6.361   1.00 26.55 ? 5    ASN A CA  1 
ATOM   18   C C   . ASN A 1 11  ? 15.272  7.064   6.709   1.00 24.51 ? 5    ASN A C   1 
ATOM   19   O O   . ASN A 1 11  ? 14.328  6.562   6.099   1.00 25.37 ? 5    ASN A O   1 
ATOM   20   C CB  . ASN A 1 11  ? 17.118  7.321   5.030   1.00 64.59 ? 5    ASN A CB  1 
ATOM   21   C CG  . ASN A 1 11  ? 17.094  8.834   5.075   1.00 67.45 ? 5    ASN A CG  1 
ATOM   22   O OD1 . ASN A 1 11  ? 17.747  9.452   5.916   1.00 70.25 ? 5    ASN A OD1 1 
ATOM   23   N ND2 . ASN A 1 11  ? 16.342  9.441   4.165   1.00 70.19 ? 5    ASN A ND2 1 
ATOM   24   N N   . PRO A 1 12  ? 15.082  7.948   7.702   1.00 22.80 ? 6    PRO A N   1 
ATOM   25   C CA  . PRO A 1 12  ? 13.735  8.365   8.105   1.00 20.46 ? 6    PRO A CA  1 
ATOM   26   C C   . PRO A 1 12  ? 13.014  9.244   7.084   1.00 17.70 ? 6    PRO A C   1 
ATOM   27   O O   . PRO A 1 12  ? 13.638  9.912   6.264   1.00 17.56 ? 6    PRO A O   1 
ATOM   28   C CB  . PRO A 1 12  ? 13.985  9.094   9.421   1.00 22.22 ? 6    PRO A CB  1 
ATOM   29   C CG  . PRO A 1 12  ? 15.324  9.711   9.197   1.00 25.97 ? 6    PRO A CG  1 
ATOM   30   C CD  . PRO A 1 12  ? 16.102  8.587   8.554   1.00 24.68 ? 6    PRO A CD  1 
ATOM   31   N N   . THR A 1 13  ? 11.687  9.231   7.152   1.00 16.70 ? 7    THR A N   1 
ATOM   32   C CA  . THR A 1 13  ? 10.847  10.020  6.254   1.00 16.53 ? 7    THR A CA  1 
ATOM   33   C C   . THR A 1 13  ? 10.137  11.123  7.036   1.00 14.49 ? 7    THR A C   1 
ATOM   34   O O   . THR A 1 13  ? 9.635   10.882  8.133   1.00 14.61 ? 7    THR A O   1 
ATOM   35   C CB  . THR A 1 13  ? 9.765   9.134   5.588   1.00 20.69 ? 7    THR A CB  1 
ATOM   36   O OG1 . THR A 1 13  ? 10.388  8.199   4.700   1.00 26.07 ? 7    THR A OG1 1 
ATOM   37   C CG2 . THR A 1 13  ? 8.773   9.987   4.802   1.00 19.94 ? 7    THR A CG2 1 
ATOM   38   N N   . ASN A 1 14  ? 10.099  12.331  6.480   1.00 14.04 ? 8    ASN A N   1 
ATOM   39   C CA  . ASN A 1 14  ? 9.399   13.428  7.138   1.00 14.29 ? 8    ASN A CA  1 
ATOM   40   C C   . ASN A 1 14  ? 7.935   13.292  6.730   1.00 13.77 ? 8    ASN A C   1 
ATOM   41   O O   . ASN A 1 14  ? 7.463   13.956  5.805   1.00 14.35 ? 8    ASN A O   1 
ATOM   42   C CB  . ASN A 1 14  ? 9.960   14.786  6.689   1.00 15.97 ? 8    ASN A CB  1 
ATOM   43   C CG  . ASN A 1 14  ? 9.321   15.958  7.424   1.00 16.94 ? 8    ASN A CG  1 
ATOM   44   O OD1 . ASN A 1 14  ? 9.852   17.075  7.425   1.00 18.81 ? 8    ASN A OD1 1 
ATOM   45   N ND2 . ASN A 1 14  ? 8.178   15.714  8.042   1.00 12.79 ? 8    ASN A ND2 1 
ATOM   46   N N   . TYR A 1 15  ? 7.228   12.411  7.428   1.00 14.17 ? 9    TYR A N   1 
ATOM   47   C CA  . TYR A 1 15  ? 5.821   12.143  7.156   1.00 14.06 ? 9    TYR A CA  1 
ATOM   48   C C   . TYR A 1 15  ? 4.930   13.362  7.320   1.00 14.75 ? 9    TYR A C   1 
ATOM   49   O O   . TYR A 1 15  ? 3.906   13.486  6.654   1.00 16.09 ? 9    TYR A O   1 
ATOM   50   C CB  . TYR A 1 15  ? 5.317   11.033  8.077   1.00 16.40 ? 9    TYR A CB  1 
ATOM   51   C CG  . TYR A 1 15  ? 5.713   9.640   7.651   1.00 16.35 ? 9    TYR A CG  1 
ATOM   52   C CD1 . TYR A 1 15  ? 5.194   9.073   6.488   1.00 16.86 ? 9    TYR A CD1 1 
ATOM   53   C CD2 . TYR A 1 15  ? 6.574   8.874   8.432   1.00 18.46 ? 9    TYR A CD2 1 
ATOM   54   C CE1 . TYR A 1 15  ? 5.522   7.771   6.117   1.00 18.93 ? 9    TYR A CE1 1 
ATOM   55   C CE2 . TYR A 1 15  ? 6.908   7.572   8.071   1.00 19.73 ? 9    TYR A CE2 1 
ATOM   56   C CZ  . TYR A 1 15  ? 6.378   7.028   6.916   1.00 21.18 ? 9    TYR A CZ  1 
ATOM   57   O OH  . TYR A 1 15  ? 6.697   5.734   6.570   1.00 24.09 ? 9    TYR A OH  1 
ATOM   58   N N   . THR A 1 16  ? 5.312   14.263  8.216   1.00 15.00 ? 10   THR A N   1 
ATOM   59   C CA  . THR A 1 16  ? 4.518   15.457  8.451   1.00 16.55 ? 10   THR A CA  1 
ATOM   60   C C   . THR A 1 16  ? 4.413   16.283  7.170   1.00 17.04 ? 10   THR A C   1 
ATOM   61   O O   . THR A 1 16  ? 3.325   16.711  6.787   1.00 17.54 ? 10   THR A O   1 
ATOM   62   C CB  . THR A 1 16  ? 5.131   16.288  9.588   1.00 14.63 ? 10   THR A CB  1 
ATOM   63   O OG1 . THR A 1 16  ? 5.250   15.460  10.752  1.00 16.55 ? 10   THR A OG1 1 
ATOM   64   C CG2 . THR A 1 16  ? 4.248   17.473  9.918   1.00 16.96 ? 10   THR A CG2 1 
ATOM   65   N N   . LEU A 1 17  ? 5.542   16.499  6.500   1.00 14.68 ? 11   LEU A N   1 
ATOM   66   C CA  . LEU A 1 17  ? 5.521   17.252  5.250   1.00 15.69 ? 11   LEU A CA  1 
ATOM   67   C C   . LEU A 1 17  ? 4.962   16.395  4.122   1.00 16.18 ? 11   LEU A C   1 
ATOM   68   O O   . LEU A 1 17  ? 4.305   16.901  3.214   1.00 15.48 ? 11   LEU A O   1 
ATOM   69   C CB  . LEU A 1 17  ? 6.927   17.722  4.871   1.00 18.97 ? 11   LEU A CB  1 
ATOM   70   C CG  . LEU A 1 17  ? 7.507   18.879  5.683   1.00 21.59 ? 11   LEU A CG  1 
ATOM   71   C CD1 . LEU A 1 17  ? 8.882   19.233  5.131   1.00 20.59 ? 11   LEU A CD1 1 
ATOM   72   C CD2 . LEU A 1 17  ? 6.576   20.084  5.612   1.00 22.62 ? 11   LEU A CD2 1 
ATOM   73   N N   . LEU A 1 18  ? 5.219   15.095  4.178   1.00 14.88 ? 12   LEU A N   1 
ATOM   74   C CA  . LEU A 1 18  ? 4.735   14.199  3.133   1.00 15.76 ? 12   LEU A CA  1 
ATOM   75   C C   . LEU A 1 18  ? 3.212   14.209  3.042   1.00 16.67 ? 12   LEU A C   1 
ATOM   76   O O   . LEU A 1 18  ? 2.652   14.139  1.950   1.00 16.34 ? 12   LEU A O   1 
ATOM   77   C CB  . LEU A 1 18  ? 5.232   12.774  3.380   1.00 15.81 ? 12   LEU A CB  1 
ATOM   78   C CG  . LEU A 1 18  ? 4.897   11.754  2.284   1.00 17.88 ? 12   LEU A CG  1 
ATOM   79   C CD1 . LEU A 1 18  ? 5.585   12.157  0.984   1.00 17.44 ? 12   LEU A CD1 1 
ATOM   80   C CD2 . LEU A 1 18  ? 5.352   10.369  2.717   1.00 16.41 ? 12   LEU A CD2 1 
ATOM   81   N N   . LYS A 1 19  ? 2.541   14.294  4.186   1.00 17.70 ? 13   LYS A N   1 
ATOM   82   C CA  . LYS A 1 19  ? 1.083   14.317  4.196   1.00 19.90 ? 13   LYS A CA  1 
ATOM   83   C C   . LYS A 1 19  ? 0.572   15.544  3.450   1.00 22.03 ? 13   LYS A C   1 
ATOM   84   O O   . LYS A 1 19  ? -0.397  15.462  2.691   1.00 20.87 ? 13   LYS A O   1 
ATOM   85   C CB  . LYS A 1 19  ? 0.558   14.330  5.633   1.00 31.92 ? 13   LYS A CB  1 
ATOM   86   C CG  . LYS A 1 19  ? 0.901   13.083  6.421   1.00 35.64 ? 13   LYS A CG  1 
ATOM   87   C CD  . LYS A 1 19  ? 0.451   13.203  7.867   1.00 38.35 ? 13   LYS A CD  1 
ATOM   88   C CE  . LYS A 1 19  ? 0.850   11.976  8.665   1.00 40.84 ? 13   LYS A CE  1 
ATOM   89   N NZ  . LYS A 1 19  ? 0.444   12.076  10.095  1.00 42.83 ? 13   LYS A NZ  1 
ATOM   90   N N   . LYS A 1 20  ? 1.228   16.680  3.666   1.00 24.24 ? 14   LYS A N   1 
ATOM   91   C CA  . LYS A 1 20  ? 0.844   17.917  3.003   1.00 27.05 ? 14   LYS A CA  1 
ATOM   92   C C   . LYS A 1 20  ? 1.046   17.799  1.499   1.00 26.57 ? 14   LYS A C   1 
ATOM   93   O O   . LYS A 1 20  ? 0.209   18.253  0.720   1.00 27.73 ? 14   LYS A O   1 
ATOM   94   C CB  . LYS A 1 20  ? 1.659   19.090  3.559   1.00 39.50 ? 14   LYS A CB  1 
ATOM   95   C CG  . LYS A 1 20  ? 0.980   19.816  4.711   1.00 45.36 ? 14   LYS A CG  1 
ATOM   96   C CD  . LYS A 1 20  ? 0.479   18.848  5.771   1.00 49.63 ? 14   LYS A CD  1 
ATOM   97   C CE  . LYS A 1 20  ? -0.400  19.551  6.794   1.00 52.34 ? 14   LYS A CE  1 
ATOM   98   N NZ  . LYS A 1 20  ? -0.988  18.592  7.771   1.00 54.71 ? 14   LYS A NZ  1 
ATOM   99   N N   . GLN A 1 21  ? 2.154   17.183  1.096   1.00 24.96 ? 15   GLN A N   1 
ATOM   100  C CA  . GLN A 1 21  ? 2.453   16.999  -0.319  1.00 24.76 ? 15   GLN A CA  1 
ATOM   101  C C   . GLN A 1 21  ? 1.428   16.070  -0.961  1.00 24.56 ? 15   GLN A C   1 
ATOM   102  O O   . GLN A 1 21  ? 0.957   16.323  -2.069  1.00 25.43 ? 15   GLN A O   1 
ATOM   103  C CB  . GLN A 1 21  ? 3.854   16.418  -0.503  1.00 37.60 ? 15   GLN A CB  1 
ATOM   104  C CG  . GLN A 1 21  ? 4.976   17.361  -0.112  1.00 41.61 ? 15   GLN A CG  1 
ATOM   105  C CD  . GLN A 1 21  ? 6.342   16.808  -0.462  1.00 44.34 ? 15   GLN A CD  1 
ATOM   106  O OE1 . GLN A 1 21  ? 6.767   15.785  0.073   1.00 46.12 ? 15   GLN A OE1 1 
ATOM   107  N NE2 . GLN A 1 21  ? 7.037   17.484  -1.370  1.00 46.96 ? 15   GLN A NE2 1 
ATOM   108  N N   . ALA A 1 22  ? 1.087   14.994  -0.260  1.00 21.59 ? 16   ALA A N   1 
ATOM   109  C CA  . ALA A 1 22  ? 0.108   14.046  -0.774  1.00 20.92 ? 16   ALA A CA  1 
ATOM   110  C C   . ALA A 1 22  ? -1.200  14.781  -1.054  1.00 22.01 ? 16   ALA A C   1 
ATOM   111  O O   . ALA A 1 22  ? -1.814  14.596  -2.105  1.00 20.57 ? 16   ALA A O   1 
ATOM   112  C CB  . ALA A 1 22  ? -0.117  12.928  0.235   1.00 16.52 ? 16   ALA A CB  1 
ATOM   113  N N   . ALA A 1 23  ? -1.618  15.620  -0.114  1.00 23.49 ? 17   ALA A N   1 
ATOM   114  C CA  . ALA A 1 23  ? -2.851  16.384  -0.267  1.00 27.15 ? 17   ALA A CA  1 
ATOM   115  C C   . ALA A 1 23  ? -2.885  17.130  -1.601  1.00 29.34 ? 17   ALA A C   1 
ATOM   116  O O   . ALA A 1 23  ? -3.961  17.414  -2.129  1.00 30.11 ? 17   ALA A O   1 
ATOM   117  C CB  . ALA A 1 23  ? -2.999  17.370  0.885   1.00 42.66 ? 17   ALA A CB  1 
ATOM   118  N N   . SER A 1 24  ? -1.705  17.434  -2.144  1.00 54.86 ? 18   SER A N   1 
ATOM   119  C CA  . SER A 1 24  ? -1.588  18.149  -3.416  1.00 55.65 ? 18   SER A CA  1 
ATOM   120  C C   . SER A 1 24  ? -1.871  17.263  -4.625  1.00 56.01 ? 18   SER A C   1 
ATOM   121  O O   . SER A 1 24  ? -2.748  17.566  -5.433  1.00 56.68 ? 18   SER A O   1 
ATOM   122  C CB  . SER A 1 24  ? -0.189  18.758  -3.551  1.00 56.99 ? 18   SER A CB  1 
ATOM   123  O OG  . SER A 1 24  ? 0.050   19.716  -2.534  1.00 58.30 ? 18   SER A OG  1 
ATOM   124  N N   . LEU A 1 25  ? -1.119  16.173  -4.756  1.00 38.65 ? 19   LEU A N   1 
ATOM   125  C CA  . LEU A 1 25  ? -1.307  15.242  -5.868  1.00 38.45 ? 19   LEU A CA  1 
ATOM   126  C C   . LEU A 1 25  ? -2.676  14.585  -5.765  1.00 38.29 ? 19   LEU A C   1 
ATOM   127  O O   . LEU A 1 25  ? -2.980  13.632  -6.485  1.00 38.05 ? 19   LEU A O   1 
ATOM   128  C CB  . LEU A 1 25  ? -0.238  14.148  -5.836  1.00 27.12 ? 19   LEU A CB  1 
ATOM   129  C CG  . LEU A 1 25  ? 1.218   14.568  -5.997  1.00 26.53 ? 19   LEU A CG  1 
ATOM   130  C CD1 . LEU A 1 25  ? 2.109   13.341  -5.883  1.00 26.63 ? 19   LEU A CD1 1 
ATOM   131  C CD2 . LEU A 1 25  ? 1.406   15.256  -7.344  1.00 24.95 ? 19   LEU A CD2 1 
ATOM   132  N N   . ILE A 1 26  ? -3.502  15.103  -4.864  1.00 25.65 ? 20   ILE A N   1 
ATOM   133  C CA  . ILE A 1 26  ? -4.824  14.549  -4.644  1.00 25.16 ? 20   ILE A CA  1 
ATOM   134  C C   . ILE A 1 26  ? -5.919  15.609  -4.801  1.00 24.88 ? 20   ILE A C   1 
ATOM   135  O O   . ILE A 1 26  ? -6.944  15.362  -5.432  1.00 22.81 ? 20   ILE A O   1 
ATOM   136  C CB  . ILE A 1 26  ? -4.890  13.913  -3.232  1.00 33.16 ? 20   ILE A CB  1 
ATOM   137  C CG1 . ILE A 1 26  ? -3.937  12.717  -3.157  1.00 35.02 ? 20   ILE A CG1 1 
ATOM   138  C CG2 . ILE A 1 26  ? -6.288  13.472  -2.911  1.00 34.39 ? 20   ILE A CG2 1 
ATOM   139  C CD1 . ILE A 1 26  ? -3.860  12.071  -1.785  1.00 34.33 ? 20   ILE A CD1 1 
ATOM   140  N N   . GLU A 1 27  ? -5.689  16.792  -4.239  1.00 23.16 ? 21   GLU A N   1 
ATOM   141  C CA  . GLU A 1 27  ? -6.667  17.878  -4.300  1.00 24.28 ? 21   GLU A CA  1 
ATOM   142  C C   . GLU A 1 27  ? -7.083  18.287  -5.711  1.00 23.75 ? 21   GLU A C   1 
ATOM   143  O O   . GLU A 1 27  ? -6.252  18.374  -6.617  1.00 22.88 ? 21   GLU A O   1 
ATOM   144  C CB  . GLU A 1 27  ? -6.134  19.107  -3.560  1.00 54.78 ? 21   GLU A CB  1 
ATOM   145  C CG  . GLU A 1 27  ? -7.101  20.283  -3.538  1.00 59.57 ? 21   GLU A CG  1 
ATOM   146  C CD  . GLU A 1 27  ? -6.537  21.496  -2.824  1.00 62.49 ? 21   GLU A CD  1 
ATOM   147  O OE1 . GLU A 1 27  ? -6.186  21.376  -1.631  1.00 62.94 ? 21   GLU A OE1 1 
ATOM   148  O OE2 . GLU A 1 27  ? -6.444  22.571  -3.454  1.00 65.22 ? 21   GLU A OE2 1 
ATOM   149  N N   . ASP A 1 28  ? -8.377  18.546  -5.881  1.00 37.26 ? 22   ASP A N   1 
ATOM   150  C CA  . ASP A 1 28  ? -8.934  18.962  -7.166  1.00 37.55 ? 22   ASP A CA  1 
ATOM   151  C C   . ASP A 1 28  ? -8.870  17.875  -8.235  1.00 36.06 ? 22   ASP A C   1 
ATOM   152  O O   . ASP A 1 28  ? -9.137  18.138  -9.409  1.00 35.93 ? 22   ASP A O   1 
ATOM   153  C CB  . ASP A 1 28  ? -8.216  20.217  -7.674  1.00 57.09 ? 22   ASP A CB  1 
ATOM   154  C CG  . ASP A 1 28  ? -8.442  21.422  -6.780  1.00 60.53 ? 22   ASP A CG  1 
ATOM   155  O OD1 . ASP A 1 28  ? -7.840  22.483  -7.052  1.00 63.73 ? 22   ASP A OD1 1 
ATOM   156  O OD2 . ASP A 1 28  ? -9.222  21.311  -5.811  1.00 61.56 ? 22   ASP A OD2 1 
ATOM   157  N N   . GLU A 1 29  ? -8.516  16.659  -7.833  1.00 23.72 ? 23   GLU A N   1 
ATOM   158  C CA  . GLU A 1 29  ? -8.430  15.548  -8.773  1.00 21.44 ? 23   GLU A CA  1 
ATOM   159  C C   . GLU A 1 29  ? -9.582  14.582  -8.530  1.00 18.97 ? 23   GLU A C   1 
ATOM   160  O O   . GLU A 1 29  ? -9.908  14.271  -7.382  1.00 17.91 ? 23   GLU A O   1 
ATOM   161  C CB  . GLU A 1 29  ? -7.109  14.790  -8.604  1.00 22.98 ? 23   GLU A CB  1 
ATOM   162  C CG  . GLU A 1 29  ? -5.835  15.617  -8.761  1.00 24.42 ? 23   GLU A CG  1 
ATOM   163  C CD  . GLU A 1 29  ? -5.708  16.297  -10.113 1.00 26.86 ? 23   GLU A CD  1 
ATOM   164  O OE1 . GLU A 1 29  ? -6.232  15.769  -11.119 1.00 24.65 ? 23   GLU A OE1 1 
ATOM   165  O OE2 . GLU A 1 29  ? -5.058  17.363  -10.171 1.00 28.18 ? 23   GLU A OE2 1 
ATOM   166  N N   . HIS A 1 30  ? -10.197 14.106  -9.607  1.00 20.88 ? 24   HIS A N   1 
ATOM   167  C CA  . HIS A 1 30  ? -11.299 13.167  -9.474  1.00 21.07 ? 24   HIS A CA  1 
ATOM   168  C C   . HIS A 1 30  ? -11.090 11.880  -10.260 1.00 19.63 ? 24   HIS A C   1 
ATOM   169  O O   . HIS A 1 30  ? -11.933 10.984  -10.231 1.00 20.00 ? 24   HIS A O   1 
ATOM   170  C CB  . HIS A 1 30  ? -12.616 13.839  -9.867  1.00 28.09 ? 24   HIS A CB  1 
ATOM   171  C CG  . HIS A 1 30  ? -12.996 14.968  -8.961  1.00 32.45 ? 24   HIS A CG  1 
ATOM   172  N ND1 . HIS A 1 30  ? -12.535 16.254  -9.139  1.00 33.97 ? 24   HIS A ND1 1 
ATOM   173  C CD2 . HIS A 1 30  ? -13.736 14.987  -7.827  1.00 34.30 ? 24   HIS A CD2 1 
ATOM   174  C CE1 . HIS A 1 30  ? -12.973 17.018  -8.154  1.00 34.93 ? 24   HIS A CE1 1 
ATOM   175  N NE2 . HIS A 1 30  ? -13.704 16.274  -7.343  1.00 36.09 ? 24   HIS A NE2 1 
ATOM   176  N N   . HIS A 1 31  ? -9.968  11.787  -10.966 1.00 18.04 ? 25   HIS A N   1 
ATOM   177  C CA  . HIS A 1 31  ? -9.658  10.567  -11.704 1.00 16.53 ? 25   HIS A CA  1 
ATOM   178  C C   . HIS A 1 31  ? -8.819  9.710   -10.767 1.00 14.70 ? 25   HIS A C   1 
ATOM   179  O O   . HIS A 1 31  ? -7.639  9.996   -10.532 1.00 15.08 ? 25   HIS A O   1 
ATOM   180  C CB  . HIS A 1 31  ? -8.884  10.872  -12.988 1.00 23.18 ? 25   HIS A CB  1 
ATOM   181  C CG  . HIS A 1 31  ? -9.750  11.335  -14.119 1.00 22.86 ? 25   HIS A CG  1 
ATOM   182  N ND1 . HIS A 1 31  ? -9.825  12.654  -14.511 1.00 25.33 ? 25   HIS A ND1 1 
ATOM   183  C CD2 . HIS A 1 31  ? -10.594 10.653  -14.929 1.00 24.86 ? 25   HIS A CD2 1 
ATOM   184  C CE1 . HIS A 1 31  ? -10.678 12.764  -15.514 1.00 23.09 ? 25   HIS A CE1 1 
ATOM   185  N NE2 . HIS A 1 31  ? -11.159 11.565  -15.787 1.00 25.42 ? 25   HIS A NE2 1 
ATOM   186  N N   . MET A 1 32  ? -9.438  8.669   -10.222 1.00 15.82 ? 26   MET A N   1 
ATOM   187  C CA  . MET A 1 32  ? -8.767  7.793   -9.274  1.00 15.59 ? 26   MET A CA  1 
ATOM   188  C C   . MET A 1 32  ? -7.455  7.205   -9.764  1.00 14.51 ? 26   MET A C   1 
ATOM   189  O O   . MET A 1 32  ? -6.468  7.200   -9.030  1.00 13.31 ? 26   MET A O   1 
ATOM   190  C CB  . MET A 1 32  ? -9.698  6.656   -8.833  1.00 20.44 ? 26   MET A CB  1 
ATOM   191  C CG  . MET A 1 32  ? -9.029  5.671   -7.876  1.00 22.23 ? 26   MET A CG  1 
ATOM   192  S SD  . MET A 1 32  ? -10.117 4.408   -7.188  1.00 26.42 ? 26   MET A SD  1 
ATOM   193  C CE  . MET A 1 32  ? -10.238 3.281   -8.573  1.00 28.47 ? 26   MET A CE  1 
ATOM   194  N N   . ILE A 1 33  ? -7.431  6.707   -10.994 1.00 14.51 ? 27   ILE A N   1 
ATOM   195  C CA  . ILE A 1 33  ? -6.203  6.111   -11.503 1.00 13.64 ? 27   ILE A CA  1 
ATOM   196  C C   . ILE A 1 33  ? -5.052  7.110   -11.512 1.00 14.65 ? 27   ILE A C   1 
ATOM   197  O O   . ILE A 1 33  ? -3.930  6.765   -11.144 1.00 13.59 ? 27   ILE A O   1 
ATOM   198  C CB  . ILE A 1 33  ? -6.408  5.521   -12.915 1.00 16.58 ? 27   ILE A CB  1 
ATOM   199  C CG1 . ILE A 1 33  ? -7.422  4.374   -12.841 1.00 18.31 ? 27   ILE A CG1 1 
ATOM   200  C CG2 . ILE A 1 33  ? -5.087  5.014   -13.478 1.00 17.67 ? 27   ILE A CG2 1 
ATOM   201  C CD1 . ILE A 1 33  ? -7.090  3.314   -11.801 1.00 20.01 ? 27   ILE A CD1 1 
ATOM   202  N N   . ALA A 1 34  ? -5.330  8.347   -11.915 1.00 13.39 ? 28   ALA A N   1 
ATOM   203  C CA  . ALA A 1 34  ? -4.300  9.382   -11.938 1.00 12.90 ? 28   ALA A CA  1 
ATOM   204  C C   . ALA A 1 34  ? -3.810  9.651   -10.514 1.00 13.07 ? 28   ALA A C   1 
ATOM   205  O O   . ALA A 1 34  ? -2.608  9.803   -10.274 1.00 13.92 ? 28   ALA A O   1 
ATOM   206  C CB  . ALA A 1 34  ? -4.855  10.667  -12.556 1.00 14.42 ? 28   ALA A CB  1 
ATOM   207  N N   . ILE A 1 35  ? -4.745  9.709   -9.571  1.00 13.06 ? 29   ILE A N   1 
ATOM   208  C CA  . ILE A 1 35  ? -4.408  9.946   -8.171  1.00 13.47 ? 29   ILE A CA  1 
ATOM   209  C C   . ILE A 1 35  ? -3.512  8.833   -7.633  1.00 13.34 ? 29   ILE A C   1 
ATOM   210  O O   . ILE A 1 35  ? -2.499  9.097   -6.980  1.00 13.64 ? 29   ILE A O   1 
ATOM   211  C CB  . ILE A 1 35  ? -5.681  10.019  -7.295  1.00 17.82 ? 29   ILE A CB  1 
ATOM   212  C CG1 . ILE A 1 35  ? -6.505  11.251  -7.680  1.00 18.79 ? 29   ILE A CG1 1 
ATOM   213  C CG2 . ILE A 1 35  ? -5.301  10.082  -5.820  1.00 17.60 ? 29   ILE A CG2 1 
ATOM   214  C CD1 . ILE A 1 35  ? -7.828  11.353  -6.949  1.00 22.33 ? 29   ILE A CD1 1 
ATOM   215  N N   . LEU A 1 36  ? -3.880  7.585   -7.910  1.00 12.94 ? 30   LEU A N   1 
ATOM   216  C CA  . LEU A 1 36  ? -3.091  6.455   -7.434  1.00 11.86 ? 30   LEU A CA  1 
ATOM   217  C C   . LEU A 1 36  ? -1.730  6.382   -8.119  1.00 11.67 ? 30   LEU A C   1 
ATOM   218  O O   . LEU A 1 36  ? -0.731  6.033   -7.489  1.00 12.19 ? 30   LEU A O   1 
ATOM   219  C CB  . LEU A 1 36  ? -3.856  5.141   -7.635  1.00 10.44 ? 30   LEU A CB  1 
ATOM   220  C CG  . LEU A 1 36  ? -5.224  5.068   -6.938  1.00 13.92 ? 30   LEU A CG  1 
ATOM   221  C CD1 . LEU A 1 36  ? -5.811  3.679   -7.134  1.00 19.73 ? 30   LEU A CD1 1 
ATOM   222  C CD2 . LEU A 1 36  ? -5.084  5.372   -5.450  1.00 12.84 ? 30   LEU A CD2 1 
ATOM   223  N N   . SER A 1 37  ? -1.684  6.720   -9.406  1.00 10.45 ? 31   SER A N   1 
ATOM   224  C CA  . SER A 1 37  ? -0.419  6.688   -10.126 1.00 10.65 ? 31   SER A CA  1 
ATOM   225  C C   . SER A 1 37  ? 0.530   7.714   -9.513  1.00 11.46 ? 31   SER A C   1 
ATOM   226  O O   . SER A 1 37  ? 1.673   7.387   -9.174  1.00 11.26 ? 31   SER A O   1 
ATOM   227  C CB  . SER A 1 37  ? -0.637  6.983   -11.616 1.00 14.07 ? 31   SER A CB  1 
ATOM   228  O OG  . SER A 1 37  ? -1.465  5.992   -12.217 1.00 14.69 ? 31   SER A OG  1 
ATOM   229  N N   . ASN A 1 38  ? 0.066   8.952   -9.352  1.00 12.20 ? 32   ASN A N   1 
ATOM   230  C CA  . ASN A 1 38  ? 0.934   9.975   -8.771  1.00 11.93 ? 32   ASN A CA  1 
ATOM   231  C C   . ASN A 1 38  ? 1.291   9.676   -7.321  1.00 11.41 ? 32   ASN A C   1 
ATOM   232  O O   . ASN A 1 38  ? 2.406   9.956   -6.883  1.00 12.63 ? 32   ASN A O   1 
ATOM   233  C CB  . ASN A 1 38  ? 0.300   11.366  -8.875  1.00 11.63 ? 32   ASN A CB  1 
ATOM   234  C CG  . ASN A 1 38  ? 0.709   12.087  -10.140 1.00 13.71 ? 32   ASN A CG  1 
ATOM   235  O OD1 . ASN A 1 38  ? 1.746   11.787  -10.715 1.00 12.34 ? 32   ASN A OD1 1 
ATOM   236  N ND2 . ASN A 1 38  ? -0.092  13.058  -10.565 1.00 14.48 ? 32   ASN A ND2 1 
ATOM   237  N N   . MET A 1 39  ? 0.357   9.101   -6.573  1.00 11.41 ? 33   MET A N   1 
ATOM   238  C CA  . MET A 1 39  ? 0.649   8.776   -5.183  1.00 10.63 ? 33   MET A CA  1 
ATOM   239  C C   . MET A 1 39  ? 1.719   7.692   -5.074  1.00 10.66 ? 33   MET A C   1 
ATOM   240  O O   . MET A 1 39  ? 2.560   7.735   -4.174  1.00 12.84 ? 33   MET A O   1 
ATOM   241  C CB  . MET A 1 39  ? -0.622  8.335   -4.450  1.00 14.12 ? 33   MET A CB  1 
ATOM   242  C CG  . MET A 1 39  ? -1.500  9.489   -3.972  1.00 15.37 ? 33   MET A CG  1 
ATOM   243  S SD  . MET A 1 39  ? -0.621  10.656  -2.872  1.00 17.72 ? 33   MET A SD  1 
ATOM   244  C CE  . MET A 1 39  ? -0.096  9.572   -1.577  1.00 18.13 ? 33   MET A CE  1 
ATOM   245  N N   . SER A 1 40  ? 1.702   6.720   -5.984  1.00 11.06 ? 34   SER A N   1 
ATOM   246  C CA  . SER A 1 40  ? 2.710   5.672   -5.927  1.00 11.63 ? 34   SER A CA  1 
ATOM   247  C C   . SER A 1 40  ? 4.084   6.316   -6.144  1.00 11.95 ? 34   SER A C   1 
ATOM   248  O O   . SER A 1 40  ? 5.063   5.944   -5.498  1.00 13.19 ? 34   SER A O   1 
ATOM   249  C CB  . SER A 1 40  ? 2.436   4.583   -6.980  1.00 11.47 ? 34   SER A CB  1 
ATOM   250  O OG  . SER A 1 40  ? 2.680   5.034   -8.303  1.00 12.66 ? 34   SER A OG  1 
ATOM   251  N N   . ALA A 1 41  ? 4.142   7.301   -7.037  1.00 13.29 ? 35   ALA A N   1 
ATOM   252  C CA  . ALA A 1 41  ? 5.397   7.993   -7.325  1.00 13.47 ? 35   ALA A CA  1 
ATOM   253  C C   . ALA A 1 41  ? 5.862   8.819   -6.124  1.00 12.48 ? 35   ALA A C   1 
ATOM   254  O O   . ALA A 1 41  ? 7.040   8.791   -5.762  1.00 14.55 ? 35   ALA A O   1 
ATOM   255  C CB  . ALA A 1 41  ? 5.229   8.890   -8.544  1.00 13.46 ? 35   ALA A CB  1 
ATOM   256  N N   . LEU A 1 42  ? 4.936   9.558   -5.518  1.00 13.02 ? 36   LEU A N   1 
ATOM   257  C CA  . LEU A 1 42  ? 5.264   10.382  -4.358  1.00 13.53 ? 36   LEU A CA  1 
ATOM   258  C C   . LEU A 1 42  ? 5.837   9.531   -3.229  1.00 14.36 ? 36   LEU A C   1 
ATOM   259  O O   . LEU A 1 42  ? 6.872   9.867   -2.652  1.00 14.61 ? 36   LEU A O   1 
ATOM   260  C CB  . LEU A 1 42  ? 4.021   11.116  -3.856  1.00 14.19 ? 36   LEU A CB  1 
ATOM   261  C CG  . LEU A 1 42  ? 4.238   12.015  -2.632  1.00 14.18 ? 36   LEU A CG  1 
ATOM   262  C CD1 . LEU A 1 42  ? 5.150   13.178  -3.001  1.00 18.06 ? 36   LEU A CD1 1 
ATOM   263  C CD2 . LEU A 1 42  ? 2.901   12.535  -2.142  1.00 14.22 ? 36   LEU A CD2 1 
ATOM   264  N N   . LEU A 1 43  ? 5.165   8.432   -2.901  1.00 13.58 ? 37   LEU A N   1 
ATOM   265  C CA  . LEU A 1 43  ? 5.649   7.568   -1.833  1.00 14.02 ? 37   LEU A CA  1 
ATOM   266  C C   . LEU A 1 43  ? 7.007   6.965   -2.181  1.00 13.93 ? 37   LEU A C   1 
ATOM   267  O O   . LEU A 1 43  ? 7.905   6.905   -1.340  1.00 14.83 ? 37   LEU A O   1 
ATOM   268  C CB  . LEU A 1 43  ? 4.627   6.459   -1.551  1.00 12.70 ? 37   LEU A CB  1 
ATOM   269  C CG  . LEU A 1 43  ? 3.278   6.962   -1.026  1.00 17.73 ? 37   LEU A CG  1 
ATOM   270  C CD1 . LEU A 1 43  ? 2.245   5.839   -1.054  1.00 19.18 ? 37   LEU A CD1 1 
ATOM   271  C CD2 . LEU A 1 43  ? 3.458   7.489   0.392   1.00 21.61 ? 37   LEU A CD2 1 
ATOM   272  N N   . ASN A 1 44  ? 7.170   6.532   -3.427  1.00 13.61 ? 38   ASN A N   1 
ATOM   273  C CA  . ASN A 1 44  ? 8.429   5.934   -3.851  1.00 14.54 ? 38   ASN A CA  1 
ATOM   274  C C   . ASN A 1 44  ? 9.575   6.933   -3.718  1.00 14.31 ? 38   ASN A C   1 
ATOM   275  O O   . ASN A 1 44  ? 10.690  6.561   -3.357  1.00 15.54 ? 38   ASN A O   1 
ATOM   276  C CB  . ASN A 1 44  ? 8.325   5.452   -5.304  1.00 13.61 ? 38   ASN A CB  1 
ATOM   277  C CG  . ASN A 1 44  ? 9.501   4.584   -5.713  1.00 14.44 ? 38   ASN A CG  1 
ATOM   278  O OD1 . ASN A 1 44  ? 9.858   3.634   -5.012  1.00 15.50 ? 38   ASN A OD1 1 
ATOM   279  N ND2 . ASN A 1 44  ? 10.106  4.900   -6.855  1.00 17.08 ? 38   ASN A ND2 1 
ATOM   280  N N   . ASP A 1 45  ? 9.286   8.202   -3.991  1.00 14.88 ? 39   ASP A N   1 
ATOM   281  C CA  . ASP A 1 45  ? 10.302  9.251   -3.925  1.00 17.25 ? 39   ASP A CA  1 
ATOM   282  C C   . ASP A 1 45  ? 10.633  9.701   -2.508  1.00 17.53 ? 39   ASP A C   1 
ATOM   283  O O   . ASP A 1 45  ? 11.605  10.431  -2.302  1.00 18.77 ? 39   ASP A O   1 
ATOM   284  C CB  . ASP A 1 45  ? 9.852   10.489  -4.707  1.00 16.44 ? 39   ASP A CB  1 
ATOM   285  C CG  . ASP A 1 45  ? 9.746   10.249  -6.199  1.00 18.54 ? 39   ASP A CG  1 
ATOM   286  O OD1 . ASP A 1 45  ? 10.271  9.230   -6.697  1.00 20.17 ? 39   ASP A OD1 1 
ATOM   287  O OD2 . ASP A 1 45  ? 9.140   11.109  -6.877  1.00 17.75 ? 39   ASP A OD2 1 
ATOM   288  N N   . ASN A 1 46  ? 9.841   9.272   -1.531  1.00 13.49 ? 40   ASN A N   1 
ATOM   289  C CA  . ASN A 1 46  ? 10.075  9.713   -0.162  1.00 14.62 ? 40   ASN A CA  1 
ATOM   290  C C   . ASN A 1 46  ? 10.277  8.633   0.892   1.00 15.22 ? 40   ASN A C   1 
ATOM   291  O O   . ASN A 1 46  ? 10.469  8.942   2.070   1.00 16.74 ? 40   ASN A O   1 
ATOM   292  C CB  . ASN A 1 46  ? 8.947   10.655  0.247   1.00 17.13 ? 40   ASN A CB  1 
ATOM   293  C CG  . ASN A 1 46  ? 9.026   11.987  -0.477  1.00 19.89 ? 40   ASN A CG  1 
ATOM   294  O OD1 . ASN A 1 46  ? 9.823   12.855  -0.113  1.00 19.52 ? 40   ASN A OD1 1 
ATOM   295  N ND2 . ASN A 1 46  ? 8.221   12.146  -1.519  1.00 19.92 ? 40   ASN A ND2 1 
ATOM   296  N N   . LEU A 1 47  ? 10.233  7.374   0.471   1.00 14.43 ? 41   LEU A N   1 
ATOM   297  C CA  . LEU A 1 47  ? 10.448  6.259   1.384   1.00 15.84 ? 41   LEU A CA  1 
ATOM   298  C C   . LEU A 1 47  ? 11.746  5.560   1.008   1.00 15.23 ? 41   LEU A C   1 
ATOM   299  O O   . LEU A 1 47  ? 11.939  5.169   -0.140  1.00 16.15 ? 41   LEU A O   1 
ATOM   300  C CB  . LEU A 1 47  ? 9.292   5.258   1.307   1.00 16.89 ? 41   LEU A CB  1 
ATOM   301  C CG  . LEU A 1 47  ? 7.944   5.719   1.865   1.00 19.49 ? 41   LEU A CG  1 
ATOM   302  C CD1 . LEU A 1 47  ? 6.876   4.675   1.560   1.00 19.71 ? 41   LEU A CD1 1 
ATOM   303  C CD2 . LEU A 1 47  ? 8.066   5.944   3.361   1.00 21.19 ? 41   LEU A CD2 1 
ATOM   304  N N   . ASP A 1 48  ? 12.641  5.418   1.978   1.00 18.73 ? 42   ASP A N   1 
ATOM   305  C CA  . ASP A 1 48  ? 13.911  4.753   1.745   1.00 19.13 ? 42   ASP A CA  1 
ATOM   306  C C   . ASP A 1 48  ? 13.751  3.267   2.047   1.00 19.27 ? 42   ASP A C   1 
ATOM   307  O O   . ASP A 1 48  ? 12.826  2.863   2.748   1.00 18.24 ? 42   ASP A O   1 
ATOM   308  C CB  . ASP A 1 48  ? 14.994  5.366   2.645   1.00 24.04 ? 42   ASP A CB  1 
ATOM   309  C CG  . ASP A 1 48  ? 16.348  4.696   2.476   1.00 27.72 ? 42   ASP A CG  1 
ATOM   310  O OD1 . ASP A 1 48  ? 16.785  4.519   1.321   1.00 27.85 ? 42   ASP A OD1 1 
ATOM   311  O OD2 . ASP A 1 48  ? 16.979  4.356   3.502   1.00 29.64 ? 42   ASP A OD2 1 
ATOM   312  N N   . GLN A 1 49  ? 14.645  2.458   1.495   1.00 18.06 ? 43   GLN A N   1 
ATOM   313  C CA  . GLN A 1 49  ? 14.632  1.020   1.720   1.00 19.59 ? 43   GLN A CA  1 
ATOM   314  C C   . GLN A 1 49  ? 13.345  0.274   1.388   1.00 18.12 ? 43   GLN A C   1 
ATOM   315  O O   . GLN A 1 49  ? 12.857  -0.522  2.192   1.00 17.07 ? 43   GLN A O   1 
ATOM   316  C CB  . GLN A 1 49  ? 15.034  0.715   3.166   1.00 25.75 ? 43   GLN A CB  1 
ATOM   317  C CG  . GLN A 1 49  ? 16.498  0.980   3.456   1.00 32.72 ? 43   GLN A CG  1 
ATOM   318  C CD  . GLN A 1 49  ? 17.414  0.262   2.483   1.00 34.70 ? 43   GLN A CD  1 
ATOM   319  O OE1 . GLN A 1 49  ? 17.294  -0.947  2.278   1.00 37.43 ? 43   GLN A OE1 1 
ATOM   320  N NE2 . GLN A 1 49  ? 18.335  1.005   1.878   1.00 36.51 ? 43   GLN A NE2 1 
ATOM   321  N N   . ILE A 1 50  ? 12.789  0.547   0.212   1.00 15.65 ? 44   ILE A N   1 
ATOM   322  C CA  . ILE A 1 50  ? 11.599  -0.161  -0.255  1.00 15.57 ? 44   ILE A CA  1 
ATOM   323  C C   . ILE A 1 50  ? 11.896  -0.583  -1.692  1.00 14.94 ? 44   ILE A C   1 
ATOM   324  O O   . ILE A 1 50  ? 12.759  0.007   -2.345  1.00 17.53 ? 44   ILE A O   1 
ATOM   325  C CB  . ILE A 1 50  ? 10.309  0.714   -0.229  1.00 15.66 ? 44   ILE A CB  1 
ATOM   326  C CG1 . ILE A 1 50  ? 10.441  1.902   -1.184  1.00 15.77 ? 44   ILE A CG1 1 
ATOM   327  C CG2 . ILE A 1 50  ? 10.027  1.175   1.187   1.00 14.89 ? 44   ILE A CG2 1 
ATOM   328  C CD1 . ILE A 1 50  ? 9.114   2.587   -1.475  1.00 17.33 ? 44   ILE A CD1 1 
ATOM   329  N N   . ASN A 1 51  ? 11.218  -1.617  -2.183  1.00 14.91 ? 45   ASN A N   1 
ATOM   330  C CA  . ASN A 1 51  ? 11.452  -2.055  -3.556  1.00 15.22 ? 45   ASN A CA  1 
ATOM   331  C C   . ASN A 1 51  ? 10.191  -2.079  -4.414  1.00 15.49 ? 45   ASN A C   1 
ATOM   332  O O   . ASN A 1 51  ? 10.255  -2.345  -5.609  1.00 15.92 ? 45   ASN A O   1 
ATOM   333  C CB  . ASN A 1 51  ? 12.146  -3.434  -3.591  1.00 17.04 ? 45   ASN A CB  1 
ATOM   334  C CG  . ASN A 1 51  ? 11.358  -4.522  -2.879  1.00 19.87 ? 45   ASN A CG  1 
ATOM   335  O OD1 . ASN A 1 51  ? 10.245  -4.303  -2.410  1.00 23.15 ? 45   ASN A OD1 1 
ATOM   336  N ND2 . ASN A 1 51  ? 11.946  -5.715  -2.802  1.00 22.85 ? 45   ASN A ND2 1 
ATOM   337  N N   . TRP A 1 52  ? 9.044   -1.786  -3.809  1.00 11.90 ? 46   TRP A N   1 
ATOM   338  C CA  . TRP A 1 52  ? 7.782   -1.781  -4.544  1.00 12.37 ? 46   TRP A CA  1 
ATOM   339  C C   . TRP A 1 52  ? 6.743   -1.004  -3.753  1.00 13.19 ? 46   TRP A C   1 
ATOM   340  O O   . TRP A 1 52  ? 6.622   -1.177  -2.543  1.00 13.11 ? 46   TRP A O   1 
ATOM   341  C CB  . TRP A 1 52  ? 7.279   -3.218  -4.743  1.00 14.63 ? 46   TRP A CB  1 
ATOM   342  C CG  . TRP A 1 52  ? 6.321   -3.411  -5.896  1.00 13.35 ? 46   TRP A CG  1 
ATOM   343  C CD1 . TRP A 1 52  ? 6.640   -3.807  -7.162  1.00 12.52 ? 46   TRP A CD1 1 
ATOM   344  C CD2 . TRP A 1 52  ? 4.890   -3.264  -5.870  1.00 12.05 ? 46   TRP A CD2 1 
ATOM   345  N NE1 . TRP A 1 52  ? 5.501   -3.925  -7.927  1.00 12.52 ? 46   TRP A NE1 1 
ATOM   346  C CE2 . TRP A 1 52  ? 4.414   -3.597  -7.161  1.00 12.38 ? 46   TRP A CE2 1 
ATOM   347  C CE3 . TRP A 1 52  ? 3.966   -2.884  -4.885  1.00 12.69 ? 46   TRP A CE3 1 
ATOM   348  C CZ2 . TRP A 1 52  ? 3.050   -3.566  -7.491  1.00 12.33 ? 46   TRP A CZ2 1 
ATOM   349  C CZ3 . TRP A 1 52  ? 2.606   -2.853  -5.215  1.00 12.59 ? 46   TRP A CZ3 1 
ATOM   350  C CH2 . TRP A 1 52  ? 2.166   -3.193  -6.508  1.00 12.78 ? 46   TRP A CH2 1 
ATOM   351  N N   . VAL A 1 53  ? 6.003   -0.132  -4.427  1.00 13.52 ? 47   VAL A N   1 
ATOM   352  C CA  . VAL A 1 53  ? 4.950   0.621   -3.759  1.00 13.04 ? 47   VAL A CA  1 
ATOM   353  C C   . VAL A 1 53  ? 3.849   0.901   -4.764  1.00 13.18 ? 47   VAL A C   1 
ATOM   354  O O   . VAL A 1 53  ? 4.091   1.444   -5.840  1.00 14.16 ? 47   VAL A O   1 
ATOM   355  C CB  . VAL A 1 53  ? 5.469   1.944   -3.126  1.00 12.49 ? 47   VAL A CB  1 
ATOM   356  C CG1 . VAL A 1 53  ? 6.194   2.796   -4.163  1.00 13.57 ? 47   VAL A CG1 1 
ATOM   357  C CG2 . VAL A 1 53  ? 4.303   2.704   -2.506  1.00 13.22 ? 47   VAL A CG2 1 
ATOM   358  N N   . GLY A 1 54  ? 2.631   0.507   -4.418  1.00 11.16 ? 48   GLY A N   1 
ATOM   359  C CA  . GLY A 1 54  ? 1.535   0.708   -5.339  1.00 10.68 ? 48   GLY A CA  1 
ATOM   360  C C   . GLY A 1 54  ? 0.198   0.289   -4.775  1.00 10.94 ? 48   GLY A C   1 
ATOM   361  O O   . GLY A 1 54  ? 0.044   0.080   -3.568  1.00 11.47 ? 48   GLY A O   1 
ATOM   362  N N   . PHE A 1 55  ? -0.766  0.139   -5.673  1.00 10.56 ? 49   PHE A N   1 
ATOM   363  C CA  . PHE A 1 55  ? -2.126  -0.196  -5.280  1.00 11.25 ? 49   PHE A CA  1 
ATOM   364  C C   . PHE A 1 55  ? -2.726  -1.389  -6.005  1.00 10.82 ? 49   PHE A C   1 
ATOM   365  O O   . PHE A 1 55  ? -2.348  -1.704  -7.132  1.00 12.27 ? 49   PHE A O   1 
ATOM   366  C CB  . PHE A 1 55  ? -3.025  1.014   -5.546  1.00 13.32 ? 49   PHE A CB  1 
ATOM   367  C CG  . PHE A 1 55  ? -2.589  2.264   -4.836  1.00 12.09 ? 49   PHE A CG  1 
ATOM   368  C CD1 . PHE A 1 55  ? -3.089  2.570   -3.576  1.00 12.07 ? 49   PHE A CD1 1 
ATOM   369  C CD2 . PHE A 1 55  ? -1.660  3.124   -5.417  1.00 12.22 ? 49   PHE A CD2 1 
ATOM   370  C CE1 . PHE A 1 55  ? -2.674  3.717   -2.897  1.00 12.23 ? 49   PHE A CE1 1 
ATOM   371  C CE2 . PHE A 1 55  ? -1.233  4.274   -4.747  1.00 11.08 ? 49   PHE A CE2 1 
ATOM   372  C CZ  . PHE A 1 55  ? -1.743  4.569   -3.484  1.00 13.60 ? 49   PHE A CZ  1 
ATOM   373  N N   . TYR A 1 56  ? -3.656  -2.044  -5.323  1.00 11.60 ? 50   TYR A N   1 
ATOM   374  C CA  . TYR A 1 56  ? -4.428  -3.140  -5.896  1.00 12.99 ? 50   TYR A CA  1 
ATOM   375  C C   . TYR A 1 56  ? -5.867  -2.687  -5.671  1.00 13.57 ? 50   TYR A C   1 
ATOM   376  O O   . TYR A 1 56  ? -6.183  -2.108  -4.628  1.00 14.66 ? 50   TYR A O   1 
ATOM   377  C CB  . TYR A 1 56  ? -4.179  -4.473  -5.180  1.00 14.70 ? 50   TYR A CB  1 
ATOM   378  C CG  . TYR A 1 56  ? -2.987  -5.244  -5.704  1.00 13.82 ? 50   TYR A CG  1 
ATOM   379  C CD1 . TYR A 1 56  ? -1.702  -4.995  -5.229  1.00 15.67 ? 50   TYR A CD1 1 
ATOM   380  C CD2 . TYR A 1 56  ? -3.146  -6.210  -6.701  1.00 15.58 ? 50   TYR A CD2 1 
ATOM   381  C CE1 . TYR A 1 56  ? -0.601  -5.689  -5.736  1.00 15.05 ? 50   TYR A CE1 1 
ATOM   382  C CE2 . TYR A 1 56  ? -2.054  -6.908  -7.215  1.00 15.89 ? 50   TYR A CE2 1 
ATOM   383  C CZ  . TYR A 1 56  ? -0.787  -6.642  -6.730  1.00 15.96 ? 50   TYR A CZ  1 
ATOM   384  O OH  . TYR A 1 56  ? 0.301   -7.304  -7.253  1.00 18.06 ? 50   TYR A OH  1 
ATOM   385  N N   . LEU A 1 57  ? -6.730  -2.932  -6.645  1.00 13.19 ? 51   LEU A N   1 
ATOM   386  C CA  . LEU A 1 57  ? -8.124  -2.528  -6.538  1.00 13.73 ? 51   LEU A CA  1 
ATOM   387  C C   . LEU A 1 57  ? -9.024  -3.749  -6.484  1.00 15.44 ? 51   LEU A C   1 
ATOM   388  O O   . LEU A 1 57  ? -8.792  -4.723  -7.196  1.00 15.94 ? 51   LEU A O   1 
ATOM   389  C CB  . LEU A 1 57  ? -8.505  -1.659  -7.739  1.00 18.07 ? 51   LEU A CB  1 
ATOM   390  C CG  . LEU A 1 57  ? -7.721  -0.352  -7.879  1.00 21.09 ? 51   LEU A CG  1 
ATOM   391  C CD1 . LEU A 1 57  ? -8.032  0.306   -9.212  1.00 23.93 ? 51   LEU A CD1 1 
ATOM   392  C CD2 . LEU A 1 57  ? -8.076  0.567   -6.720  1.00 25.03 ? 51   LEU A CD2 1 
ATOM   393  N N   . LEU A 1 58  ? -10.038 -3.704  -5.624  1.00 14.41 ? 52   LEU A N   1 
ATOM   394  C CA  . LEU A 1 58  ? -10.970 -4.818  -5.517  1.00 17.13 ? 52   LEU A CA  1 
ATOM   395  C C   . LEU A 1 58  ? -11.948 -4.741  -6.678  1.00 17.60 ? 52   LEU A C   1 
ATOM   396  O O   . LEU A 1 58  ? -12.730 -3.794  -6.784  1.00 18.12 ? 52   LEU A O   1 
ATOM   397  C CB  . LEU A 1 58  ? -11.733 -4.767  -4.191  1.00 21.05 ? 52   LEU A CB  1 
ATOM   398  C CG  . LEU A 1 58  ? -11.120 -5.549  -3.027  1.00 25.83 ? 52   LEU A CG  1 
ATOM   399  C CD1 . LEU A 1 58  ? -11.983 -5.382  -1.788  1.00 27.27 ? 52   LEU A CD1 1 
ATOM   400  C CD2 . LEU A 1 58  ? -11.011 -7.019  -3.395  1.00 25.26 ? 52   LEU A CD2 1 
ATOM   401  N N   . GLU A 1 59  ? -11.882 -5.736  -7.554  1.00 19.77 ? 53   GLU A N   1 
ATOM   402  C CA  . GLU A 1 59  ? -12.743 -5.800  -8.728  1.00 23.89 ? 53   GLU A CA  1 
ATOM   403  C C   . GLU A 1 59  ? -13.214 -7.232  -8.924  1.00 24.63 ? 53   GLU A C   1 
ATOM   404  O O   . GLU A 1 59  ? -12.405 -8.155  -8.996  1.00 26.42 ? 53   GLU A O   1 
ATOM   405  C CB  . GLU A 1 59  ? -11.975 -5.355  -9.975  1.00 30.08 ? 53   GLU A CB  1 
ATOM   406  C CG  . GLU A 1 59  ? -11.459 -3.928  -9.927  1.00 34.59 ? 53   GLU A CG  1 
ATOM   407  C CD  . GLU A 1 59  ? -10.662 -3.565  -11.166 1.00 37.15 ? 53   GLU A CD  1 
ATOM   408  O OE1 . GLU A 1 59  ? -11.169 -3.794  -12.285 1.00 40.39 ? 53   GLU A OE1 1 
ATOM   409  O OE2 . GLU A 1 59  ? -9.534  -3.048  -11.024 1.00 39.53 ? 53   GLU A OE2 1 
ATOM   410  N N   . GLN A 1 60  ? -14.526 -7.415  -9.018  1.00 25.48 ? 54   GLN A N   1 
ATOM   411  C CA  . GLN A 1 60  ? -15.095 -8.746  -9.206  1.00 26.93 ? 54   GLN A CA  1 
ATOM   412  C C   . GLN A 1 60  ? -14.657 -9.739  -8.128  1.00 25.87 ? 54   GLN A C   1 
ATOM   413  O O   . GLN A 1 60  ? -14.308 -10.881 -8.429  1.00 26.43 ? 54   GLN A O   1 
ATOM   414  C CB  . GLN A 1 60  ? -14.724 -9.293  -10.590 1.00 41.79 ? 54   GLN A CB  1 
ATOM   415  C CG  . GLN A 1 60  ? -15.264 -8.478  -11.761 1.00 45.70 ? 54   GLN A CG  1 
ATOM   416  C CD  . GLN A 1 60  ? -14.572 -7.136  -11.917 1.00 47.45 ? 54   GLN A CD  1 
ATOM   417  O OE1 . GLN A 1 60  ? -13.363 -7.072  -12.147 1.00 48.50 ? 54   GLN A OE1 1 
ATOM   418  N NE2 . GLN A 1 60  ? -15.337 -6.056  -11.795 1.00 49.67 ? 54   GLN A NE2 1 
ATOM   419  N N   . ASN A 1 61  ? -14.662 -9.291  -6.875  1.00 25.19 ? 55   ASN A N   1 
ATOM   420  C CA  . ASN A 1 61  ? -14.311 -10.141 -5.737  1.00 23.26 ? 55   ASN A CA  1 
ATOM   421  C C   . ASN A 1 61  ? -12.878 -10.684 -5.673  1.00 22.08 ? 55   ASN A C   1 
ATOM   422  O O   . ASN A 1 61  ? -12.652 -11.783 -5.177  1.00 21.18 ? 55   ASN A O   1 
ATOM   423  C CB  . ASN A 1 61  ? -15.300 -11.305 -5.664  1.00 33.85 ? 55   ASN A CB  1 
ATOM   424  C CG  . ASN A 1 61  ? -16.741 -10.844 -5.759  1.00 37.12 ? 55   ASN A CG  1 
ATOM   425  O OD1 . ASN A 1 61  ? -17.215 -10.078 -4.919  1.00 39.81 ? 55   ASN A OD1 1 
ATOM   426  N ND2 . ASN A 1 61  ? -17.442 -11.299 -6.791  1.00 38.93 ? 55   ASN A ND2 1 
ATOM   427  N N   . GLU A 1 62  ? -11.919 -9.911  -6.172  1.00 19.69 ? 56   GLU A N   1 
ATOM   428  C CA  . GLU A 1 62  ? -10.505 -10.289 -6.135  1.00 17.54 ? 56   GLU A CA  1 
ATOM   429  C C   . GLU A 1 62  ? -9.713  -8.989  -6.258  1.00 14.92 ? 56   GLU A C   1 
ATOM   430  O O   . GLU A 1 62  ? -10.267 -7.976  -6.674  1.00 13.89 ? 56   GLU A O   1 
ATOM   431  C CB  . GLU A 1 62  ? -10.145 -11.227 -7.300  1.00 21.49 ? 56   GLU A CB  1 
ATOM   432  C CG  . GLU A 1 62  ? -10.139 -10.569 -8.677  1.00 21.36 ? 56   GLU A CG  1 
ATOM   433  C CD  . GLU A 1 62  ? -9.723  -11.521 -9.792  1.00 23.11 ? 56   GLU A CD  1 
ATOM   434  O OE1 . GLU A 1 62  ? -8.737  -12.266 -9.609  1.00 24.68 ? 56   GLU A OE1 1 
ATOM   435  O OE2 . GLU A 1 62  ? -10.372 -11.517 -10.859 1.00 25.34 ? 56   GLU A OE2 1 
ATOM   436  N N   . LEU A 1 63  ? -8.439  -9.008  -5.879  1.00 15.47 ? 57   LEU A N   1 
ATOM   437  C CA  . LEU A 1 63  ? -7.608  -7.813  -6.002  1.00 13.96 ? 57   LEU A CA  1 
ATOM   438  C C   . LEU A 1 63  ? -6.971  -7.806  -7.382  1.00 14.73 ? 57   LEU A C   1 
ATOM   439  O O   . LEU A 1 63  ? -6.447  -8.822  -7.841  1.00 14.97 ? 57   LEU A O   1 
ATOM   440  C CB  . LEU A 1 63  ? -6.504  -7.787  -4.940  1.00 14.34 ? 57   LEU A CB  1 
ATOM   441  C CG  . LEU A 1 63  ? -6.902  -7.417  -3.508  1.00 14.65 ? 57   LEU A CG  1 
ATOM   442  C CD1 . LEU A 1 63  ? -5.700  -7.564  -2.584  1.00 14.83 ? 57   LEU A CD1 1 
ATOM   443  C CD2 . LEU A 1 63  ? -7.422  -5.976  -3.481  1.00 16.67 ? 57   LEU A CD2 1 
ATOM   444  N N   . ILE A 1 64  ? -7.023  -6.650  -8.035  1.00 13.32 ? 58   ILE A N   1 
ATOM   445  C CA  . ILE A 1 64  ? -6.458  -6.478  -9.367  1.00 13.55 ? 58   ILE A CA  1 
ATOM   446  C C   . ILE A 1 64  ? -5.404  -5.376  -9.303  1.00 13.91 ? 58   ILE A C   1 
ATOM   447  O O   . ILE A 1 64  ? -5.653  -4.283  -8.788  1.00 14.41 ? 58   ILE A O   1 
ATOM   448  C CB  . ILE A 1 64  ? -7.547  -6.078  -10.384 1.00 14.66 ? 58   ILE A CB  1 
ATOM   449  C CG1 . ILE A 1 64  ? -8.619  -7.170  -10.460 1.00 16.02 ? 58   ILE A CG1 1 
ATOM   450  C CG2 . ILE A 1 64  ? -6.923  -5.832  -11.757 1.00 15.37 ? 58   ILE A CG2 1 
ATOM   451  C CD1 . ILE A 1 64  ? -8.095  -8.525  -10.907 1.00 16.03 ? 58   ILE A CD1 1 
ATOM   452  N N   . LEU A 1 65  ? -4.228  -5.675  -9.834  1.00 11.40 ? 59   LEU A N   1 
ATOM   453  C CA  . LEU A 1 65  ? -3.118  -4.736  -9.834  1.00 12.08 ? 59   LEU A CA  1 
ATOM   454  C C   . LEU A 1 65  ? -3.457  -3.375  -10.425 1.00 11.29 ? 59   LEU A C   1 
ATOM   455  O O   . LEU A 1 65  ? -4.054  -3.282  -11.494 1.00 13.16 ? 59   LEU A O   1 
ATOM   456  C CB  . LEU A 1 65  ? -1.940  -5.334  -10.600 1.00 11.04 ? 59   LEU A CB  1 
ATOM   457  C CG  . LEU A 1 65  ? -0.688  -4.466  -10.729 1.00 11.76 ? 59   LEU A CG  1 
ATOM   458  C CD1 . LEU A 1 65  ? -0.059  -4.270  -9.356  1.00 13.84 ? 59   LEU A CD1 1 
ATOM   459  C CD2 . LEU A 1 65  ? 0.292   -5.144  -11.679 1.00 13.08 ? 59   LEU A CD2 1 
ATOM   460  N N   . GLY A 1 66  ? -3.052  -2.330  -9.708  1.00 11.42 ? 60   GLY A N   1 
ATOM   461  C CA  . GLY A 1 66  ? -3.263  -0.966  -10.152 1.00 10.98 ? 60   GLY A CA  1 
ATOM   462  C C   . GLY A 1 66  ? -1.904  -0.299  -10.298 1.00 11.89 ? 60   GLY A C   1 
ATOM   463  O O   . GLY A 1 66  ? -0.886  -0.989  -10.358 1.00 14.10 ? 60   GLY A O   1 
ATOM   464  N N   . PRO A 1 67  ? -1.851  1.040   -10.346 1.00 12.04 ? 61   PRO A N   1 
ATOM   465  C CA  . PRO A 1 67  ? -0.610  1.816   -10.487 1.00 11.56 ? 61   PRO A CA  1 
ATOM   466  C C   . PRO A 1 67  ? 0.414   1.508   -9.395  1.00 11.80 ? 61   PRO A C   1 
ATOM   467  O O   . PRO A 1 67  ? 0.059   1.315   -8.234  1.00 11.75 ? 61   PRO A O   1 
ATOM   468  C CB  . PRO A 1 67  ? -1.097  3.262   -10.411 1.00 11.09 ? 61   PRO A CB  1 
ATOM   469  C CG  . PRO A 1 67  ? -2.489  3.188   -10.928 1.00 12.54 ? 61   PRO A CG  1 
ATOM   470  C CD  . PRO A 1 67  ? -3.022  1.931   -10.283 1.00 11.44 ? 61   PRO A CD  1 
ATOM   471  N N   . PHE A 1 68  ? 1.688   1.491   -9.766  1.00 10.80 ? 62   PHE A N   1 
ATOM   472  C CA  . PHE A 1 68  ? 2.743   1.194   -8.807  1.00 10.57 ? 62   PHE A CA  1 
ATOM   473  C C   . PHE A 1 68  ? 4.114   1.609   -9.318  1.00 9.76  ? 62   PHE A C   1 
ATOM   474  O O   . PHE A 1 68  ? 4.287   1.878   -10.504 1.00 11.17 ? 62   PHE A O   1 
ATOM   475  C CB  . PHE A 1 68  ? 2.766   -0.310  -8.516  1.00 10.48 ? 62   PHE A CB  1 
ATOM   476  C CG  . PHE A 1 68  ? 3.256   -1.144  -9.676  1.00 12.05 ? 62   PHE A CG  1 
ATOM   477  C CD1 . PHE A 1 68  ? 4.617   -1.387  -9.854  1.00 12.15 ? 62   PHE A CD1 1 
ATOM   478  C CD2 . PHE A 1 68  ? 2.357   -1.662  -10.608 1.00 11.18 ? 62   PHE A CD2 1 
ATOM   479  C CE1 . PHE A 1 68  ? 5.079   -2.129  -10.942 1.00 12.22 ? 62   PHE A CE1 1 
ATOM   480  C CE2 . PHE A 1 68  ? 2.809   -2.407  -11.703 1.00 11.76 ? 62   PHE A CE2 1 
ATOM   481  C CZ  . PHE A 1 68  ? 4.173   -2.639  -11.871 1.00 12.22 ? 62   PHE A CZ  1 
ATOM   482  N N   . GLN A 1 69  ? 5.081   1.659   -8.406  1.00 11.33 ? 63   GLN A N   1 
ATOM   483  C CA  . GLN A 1 69  ? 6.461   1.971   -8.762  1.00 11.56 ? 63   GLN A CA  1 
ATOM   484  C C   . GLN A 1 69  ? 7.263   0.726   -8.378  1.00 10.72 ? 63   GLN A C   1 
ATOM   485  O O   . GLN A 1 69  ? 7.252   0.316   -7.215  1.00 12.18 ? 63   GLN A O   1 
ATOM   486  C CB  . GLN A 1 69  ? 6.992   3.172   -7.971  1.00 13.19 ? 63   GLN A CB  1 
ATOM   487  C CG  . GLN A 1 69  ? 6.254   4.489   -8.184  1.00 12.28 ? 63   GLN A CG  1 
ATOM   488  C CD  . GLN A 1 69  ? 6.276   4.975   -9.626  1.00 12.69 ? 63   GLN A CD  1 
ATOM   489  O OE1 . GLN A 1 69  ? 7.325   5.020   -10.270 1.00 13.06 ? 63   GLN A OE1 1 
ATOM   490  N NE2 . GLN A 1 69  ? 5.110   5.358   -10.133 1.00 14.86 ? 63   GLN A NE2 1 
ATOM   491  N N   . GLY A 1 70  ? 7.945   0.130   -9.350  1.00 11.35 ? 64   GLY A N   1 
ATOM   492  C CA  . GLY A 1 70  ? 8.740   -1.058  -9.084  1.00 11.85 ? 64   GLY A CA  1 
ATOM   493  C C   . GLY A 1 70  ? 8.769   -2.002  -10.270 1.00 12.61 ? 64   GLY A C   1 
ATOM   494  O O   . GLY A 1 70  ? 8.514   -1.594  -11.404 1.00 12.69 ? 64   GLY A O   1 
ATOM   495  N N   . HIS A 1 71  ? 9.100   -3.265  -10.013 1.00 12.08 ? 65   HIS A N   1 
ATOM   496  C CA  . HIS A 1 71  ? 9.153   -4.277  -11.062 1.00 13.07 ? 65   HIS A CA  1 
ATOM   497  C C   . HIS A 1 71  ? 7.764   -4.868  -11.292 1.00 11.45 ? 65   HIS A C   1 
ATOM   498  O O   . HIS A 1 71  ? 6.883   -4.730  -10.448 1.00 13.50 ? 65   HIS A O   1 
ATOM   499  C CB  . HIS A 1 71  ? 10.122  -5.391  -10.657 1.00 16.14 ? 65   HIS A CB  1 
ATOM   500  C CG  . HIS A 1 71  ? 11.552  -4.956  -10.615 1.00 19.94 ? 65   HIS A CG  1 
ATOM   501  N ND1 . HIS A 1 71  ? 12.476  -5.517  -9.759  1.00 24.79 ? 65   HIS A ND1 1 
ATOM   502  C CD2 . HIS A 1 71  ? 12.222  -4.025  -11.333 1.00 23.66 ? 65   HIS A CD2 1 
ATOM   503  C CE1 . HIS A 1 71  ? 13.653  -4.949  -9.951  1.00 24.84 ? 65   HIS A CE1 1 
ATOM   504  N NE2 . HIS A 1 71  ? 13.526  -4.040  -10.901 1.00 26.00 ? 65   HIS A NE2 1 
ATOM   505  N N   . PRO A 1 72  ? 7.549   -5.526  -12.444 1.00 12.42 ? 66   PRO A N   1 
ATOM   506  C CA  . PRO A 1 72  ? 6.245   -6.128  -12.744 1.00 12.85 ? 66   PRO A CA  1 
ATOM   507  C C   . PRO A 1 72  ? 5.784   -7.021  -11.594 1.00 13.85 ? 66   PRO A C   1 
ATOM   508  O O   . PRO A 1 72  ? 6.604   -7.652  -10.921 1.00 14.19 ? 66   PRO A O   1 
ATOM   509  C CB  . PRO A 1 72  ? 6.518   -6.918  -14.021 1.00 12.81 ? 66   PRO A CB  1 
ATOM   510  C CG  . PRO A 1 72  ? 7.536   -6.062  -14.718 1.00 12.66 ? 66   PRO A CG  1 
ATOM   511  C CD  . PRO A 1 72  ? 8.473   -5.687  -13.581 1.00 11.92 ? 66   PRO A CD  1 
ATOM   512  N N   . ALA A 1 73  ? 4.473   -7.073  -11.380 1.00 11.50 ? 67   ALA A N   1 
ATOM   513  C CA  . ALA A 1 73  ? 3.901   -7.858  -10.295 1.00 12.20 ? 67   ALA A CA  1 
ATOM   514  C C   . ALA A 1 73  ? 2.726   -8.710  -10.749 1.00 12.47 ? 67   ALA A C   1 
ATOM   515  O O   . ALA A 1 73  ? 2.233   -8.576  -11.871 1.00 11.98 ? 67   ALA A O   1 
ATOM   516  C CB  . ALA A 1 73  ? 3.447   -6.924  -9.177  1.00 12.98 ? 67   ALA A CB  1 
ATOM   517  N N   . CYS A 1 74  ? 2.272   -9.593  -9.869  1.00 13.43 ? 68   CYS A N   1 
ATOM   518  C CA  . CYS A 1 74  ? 1.123   -10.426 -10.195 1.00 13.23 ? 68   CYS A CA  1 
ATOM   519  C C   . CYS A 1 74  ? -0.096  -9.534  -10.339 1.00 13.07 ? 68   CYS A C   1 
ATOM   520  O O   . CYS A 1 74  ? -0.302  -8.626  -9.536  1.00 13.83 ? 68   CYS A O   1 
ATOM   521  C CB  . CYS A 1 74  ? 0.844   -11.418 -9.083  1.00 14.80 ? 68   CYS A CB  1 
ATOM   522  S SG  . CYS A 1 74  ? 2.085   -12.722 -8.901  1.00 15.57 ? 68   CYS A SG  1 
ATOM   523  N N   . VAL A 1 75  ? -0.912  -9.806  -11.344 1.00 12.95 ? 69   VAL A N   1 
ATOM   524  C CA  . VAL A 1 75  ? -2.111  -9.015  -11.571 1.00 12.86 ? 69   VAL A CA  1 
ATOM   525  C C   . VAL A 1 75  ? -3.259  -9.394  -10.636 1.00 15.12 ? 69   VAL A C   1 
ATOM   526  O O   . VAL A 1 75  ? -3.955  -8.521  -10.120 1.00 13.71 ? 69   VAL A O   1 
ATOM   527  C CB  . VAL A 1 75  ? -2.589  -9.153  -13.033 1.00 15.79 ? 69   VAL A CB  1 
ATOM   528  C CG1 . VAL A 1 75  ? -3.926  -8.445  -13.212 1.00 17.48 ? 69   VAL A CG1 1 
ATOM   529  C CG2 . VAL A 1 75  ? -1.542  -8.563  -13.978 1.00 17.29 ? 69   VAL A CG2 1 
ATOM   530  N N   . HIS A 1 76  ? -3.454  -10.691 -10.406 1.00 14.64 ? 70   HIS A N   1 
ATOM   531  C CA  . HIS A 1 76  ? -4.547  -11.146 -9.551  1.00 15.18 ? 70   HIS A CA  1 
ATOM   532  C C   . HIS A 1 76  ? -4.108  -11.682 -8.194  1.00 14.95 ? 70   HIS A C   1 
ATOM   533  O O   . HIS A 1 76  ? -3.169  -12.478 -8.105  1.00 16.33 ? 70   HIS A O   1 
ATOM   534  C CB  . HIS A 1 76  ? -5.346  -12.251 -10.253 1.00 16.38 ? 70   HIS A CB  1 
ATOM   535  C CG  . HIS A 1 76  ? -5.757  -11.918 -11.652 1.00 19.07 ? 70   HIS A CG  1 
ATOM   536  N ND1 . HIS A 1 76  ? -4.887  -11.979 -12.719 1.00 19.43 ? 70   HIS A ND1 1 
ATOM   537  C CD2 . HIS A 1 76  ? -6.950  -11.531 -12.160 1.00 19.28 ? 70   HIS A CD2 1 
ATOM   538  C CE1 . HIS A 1 76  ? -5.528  -11.645 -13.826 1.00 19.01 ? 70   HIS A CE1 1 
ATOM   539  N NE2 . HIS A 1 76  ? -6.781  -11.368 -13.514 1.00 20.53 ? 70   HIS A NE2 1 
ATOM   540  N N   . ILE A 1 77  ? -4.794  -11.244 -7.139  1.00 14.38 ? 71   ILE A N   1 
ATOM   541  C CA  . ILE A 1 77  ? -4.526  -11.726 -5.784  1.00 14.49 ? 71   ILE A CA  1 
ATOM   542  C C   . ILE A 1 77  ? -5.886  -12.011 -5.155  1.00 15.70 ? 71   ILE A C   1 
ATOM   543  O O   . ILE A 1 77  ? -6.715  -11.111 -5.007  1.00 14.98 ? 71   ILE A O   1 
ATOM   544  C CB  . ILE A 1 77  ? -3.790  -10.681 -4.910  1.00 16.94 ? 71   ILE A CB  1 
ATOM   545  C CG1 . ILE A 1 77  ? -2.466  -10.275 -5.565  1.00 18.62 ? 71   ILE A CG1 1 
ATOM   546  C CG2 . ILE A 1 77  ? -3.517  -11.272 -3.533  1.00 17.86 ? 71   ILE A CG2 1 
ATOM   547  C CD1 . ILE A 1 77  ? -1.484  -11.414 -5.730  1.00 25.16 ? 71   ILE A CD1 1 
ATOM   548  N N   . PRO A 1 78  ? -6.144  -13.273 -4.791  1.00 14.90 ? 72   PRO A N   1 
ATOM   549  C CA  . PRO A 1 78  ? -7.431  -13.623 -4.186  1.00 14.98 ? 72   PRO A CA  1 
ATOM   550  C C   . PRO A 1 78  ? -7.638  -13.046 -2.793  1.00 15.06 ? 72   PRO A C   1 
ATOM   551  O O   . PRO A 1 78  ? -6.690  -12.918 -2.020  1.00 14.83 ? 72   PRO A O   1 
ATOM   552  C CB  . PRO A 1 78  ? -7.394  -15.153 -4.140  1.00 17.62 ? 72   PRO A CB  1 
ATOM   553  C CG  . PRO A 1 78  ? -6.427  -15.522 -5.226  1.00 19.00 ? 72   PRO A CG  1 
ATOM   554  C CD  . PRO A 1 78  ? -5.351  -14.481 -5.073  1.00 19.01 ? 72   PRO A CD  1 
ATOM   555  N N   . ILE A 1 79  ? -8.884  -12.711 -2.477  1.00 17.93 ? 73   ILE A N   1 
ATOM   556  C CA  . ILE A 1 79  ? -9.205  -12.203 -1.150  1.00 17.64 ? 73   ILE A CA  1 
ATOM   557  C C   . ILE A 1 79  ? -8.866  -13.329 -0.172  1.00 18.92 ? 73   ILE A C   1 
ATOM   558  O O   . ILE A 1 79  ? -9.203  -14.488 -0.421  1.00 18.40 ? 73   ILE A O   1 
ATOM   559  C CB  . ILE A 1 79  ? -10.714 -11.875 -1.023  1.00 19.43 ? 73   ILE A CB  1 
ATOM   560  C CG1 . ILE A 1 79  ? -11.079 -10.716 -1.953  1.00 18.72 ? 73   ILE A CG1 1 
ATOM   561  C CG2 . ILE A 1 79  ? -11.056 -11.540 0.420   1.00 19.22 ? 73   ILE A CG2 1 
ATOM   562  C CD1 . ILE A 1 79  ? -12.548 -10.323 -1.905  1.00 22.88 ? 73   ILE A CD1 1 
ATOM   563  N N   . GLY A 1 80  ? -8.189  -12.999 0.923   1.00 17.97 ? 74   GLY A N   1 
ATOM   564  C CA  . GLY A 1 80  ? -7.841  -14.014 1.903   1.00 17.90 ? 74   GLY A CA  1 
ATOM   565  C C   . GLY A 1 80  ? -6.537  -14.754 1.658   1.00 17.47 ? 74   GLY A C   1 
ATOM   566  O O   . GLY A 1 80  ? -6.149  -15.604 2.462   1.00 18.20 ? 74   GLY A O   1 
ATOM   567  N N   . LYS A 1 81  ? -5.856  -14.445 0.557   1.00 14.46 ? 75   LYS A N   1 
ATOM   568  C CA  . LYS A 1 81  ? -4.587  -15.098 0.245   1.00 14.20 ? 75   LYS A CA  1 
ATOM   569  C C   . LYS A 1 81  ? -3.476  -14.072 0.024   1.00 13.64 ? 75   LYS A C   1 
ATOM   570  O O   . LYS A 1 81  ? -3.717  -12.988 -0.508  1.00 15.60 ? 75   LYS A O   1 
ATOM   571  C CB  . LYS A 1 81  ? -4.739  -15.989 -0.995  1.00 20.87 ? 75   LYS A CB  1 
ATOM   572  C CG  . LYS A 1 81  ? -5.712  -17.146 -0.788  1.00 21.90 ? 75   LYS A CG  1 
ATOM   573  C CD  . LYS A 1 81  ? -5.748  -18.091 -1.979  1.00 23.14 ? 75   LYS A CD  1 
ATOM   574  C CE  . LYS A 1 81  ? -6.707  -19.250 -1.722  1.00 25.82 ? 75   LYS A CE  1 
ATOM   575  N NZ  . LYS A 1 81  ? -6.815  -20.171 -2.890  1.00 28.05 ? 75   LYS A NZ  1 
ATOM   576  N N   . GLY A 1 82  ? -2.263  -14.424 0.440   1.00 16.76 ? 76   GLY A N   1 
ATOM   577  C CA  . GLY A 1 82  ? -1.133  -13.522 0.293   1.00 16.40 ? 76   GLY A CA  1 
ATOM   578  C C   . GLY A 1 82  ? -1.200  -12.403 1.317   1.00 16.95 ? 76   GLY A C   1 
ATOM   579  O O   . GLY A 1 82  ? -2.203  -12.250 2.014   1.00 17.12 ? 76   GLY A O   1 
ATOM   580  N N   . VAL A 1 83  ? -0.139  -11.609 1.419   1.00 15.35 ? 77   VAL A N   1 
ATOM   581  C CA  . VAL A 1 83  ? -0.139  -10.512 2.377   1.00 14.59 ? 77   VAL A CA  1 
ATOM   582  C C   . VAL A 1 83  ? -1.245  -9.509  2.035   1.00 14.43 ? 77   VAL A C   1 
ATOM   583  O O   . VAL A 1 83  ? -1.986  -9.068  2.912   1.00 16.27 ? 77   VAL A O   1 
ATOM   584  C CB  . VAL A 1 83  ? 1.228   -9.790  2.400   1.00 14.52 ? 77   VAL A CB  1 
ATOM   585  C CG1 . VAL A 1 83  ? 1.215   -8.672  3.435   1.00 16.06 ? 77   VAL A CG1 1 
ATOM   586  C CG2 . VAL A 1 83  ? 2.331   -10.793 2.720   1.00 16.70 ? 77   VAL A CG2 1 
ATOM   587  N N   . CYS A 1 84  ? -1.372  -9.167  0.756   1.00 13.19 ? 78   CYS A N   1 
ATOM   588  C CA  . CYS A 1 84  ? -2.395  -8.213  0.328   1.00 12.82 ? 78   CYS A CA  1 
ATOM   589  C C   . CYS A 1 84  ? -3.814  -8.737  0.492   1.00 13.75 ? 78   CYS A C   1 
ATOM   590  O O   . CYS A 1 84  ? -4.698  -8.016  0.950   1.00 15.01 ? 78   CYS A O   1 
ATOM   591  C CB  . CYS A 1 84  ? -2.184  -7.821  -1.129  1.00 13.64 ? 78   CYS A CB  1 
ATOM   592  S SG  . CYS A 1 84  ? -0.740  -6.777  -1.384  1.00 18.22 ? 78   CYS A SG  1 
ATOM   593  N N   . GLY A 1 85  ? -4.031  -9.990  0.107   1.00 14.54 ? 79   GLY A N   1 
ATOM   594  C CA  . GLY A 1 85  ? -5.357  -10.570 0.220   1.00 14.21 ? 79   GLY A CA  1 
ATOM   595  C C   . GLY A 1 85  ? -5.780  -10.711 1.665   1.00 13.58 ? 79   GLY A C   1 
ATOM   596  O O   . GLY A 1 85  ? -6.964  -10.593 1.994   1.00 15.00 ? 79   GLY A O   1 
ATOM   597  N N   . THR A 1 86  ? -4.811  -10.965 2.535   1.00 14.12 ? 80   THR A N   1 
ATOM   598  C CA  . THR A 1 86  ? -5.100  -11.120 3.952   1.00 15.97 ? 80   THR A CA  1 
ATOM   599  C C   . THR A 1 86  ? -5.465  -9.780  4.576   1.00 16.11 ? 80   THR A C   1 
ATOM   600  O O   . THR A 1 86  ? -6.263  -9.727  5.504   1.00 16.64 ? 80   THR A O   1 
ATOM   601  C CB  . THR A 1 86  ? -3.904  -11.744 4.691   1.00 18.78 ? 80   THR A CB  1 
ATOM   602  O OG1 . THR A 1 86  ? -3.649  -13.046 4.153   1.00 20.88 ? 80   THR A OG1 1 
ATOM   603  C CG2 . THR A 1 86  ? -4.199  -11.879 6.179   1.00 22.55 ? 80   THR A CG2 1 
ATOM   604  N N   . ALA A 1 87  ? -4.885  -8.694  4.071   1.00 16.20 ? 81   ALA A N   1 
ATOM   605  C CA  . ALA A 1 87  ? -5.217  -7.377  4.598   1.00 16.03 ? 81   ALA A CA  1 
ATOM   606  C C   . ALA A 1 87  ? -6.700  -7.126  4.336   1.00 17.33 ? 81   ALA A C   1 
ATOM   607  O O   . ALA A 1 87  ? -7.399  -6.557  5.171   1.00 17.47 ? 81   ALA A O   1 
ATOM   608  C CB  . ALA A 1 87  ? -4.377  -6.300  3.918   1.00 17.23 ? 81   ALA A CB  1 
ATOM   609  N N   . VAL A 1 88  ? -7.174  -7.558  3.170   1.00 14.15 ? 82   VAL A N   1 
ATOM   610  C CA  . VAL A 1 88  ? -8.574  -7.381  2.801   1.00 15.66 ? 82   VAL A CA  1 
ATOM   611  C C   . VAL A 1 88  ? -9.498  -8.253  3.645   1.00 16.00 ? 82   VAL A C   1 
ATOM   612  O O   . VAL A 1 88  ? -10.487 -7.764  4.189   1.00 15.69 ? 82   VAL A O   1 
ATOM   613  C CB  . VAL A 1 88  ? -8.814  -7.705  1.306   1.00 14.22 ? 82   VAL A CB  1 
ATOM   614  C CG1 . VAL A 1 88  ? -10.303 -7.613  0.980   1.00 18.55 ? 82   VAL A CG1 1 
ATOM   615  C CG2 . VAL A 1 88  ? -8.045  -6.725  0.432   1.00 14.45 ? 82   VAL A CG2 1 
ATOM   616  N N   . SER A 1 89  ? -9.174  -9.537  3.768   1.00 17.47 ? 83   SER A N   1 
ATOM   617  C CA  . SER A 1 89  ? -10.014 -10.437 4.550   1.00 18.65 ? 83   SER A CA  1 
ATOM   618  C C   . SER A 1 89  ? -10.047 -10.076 6.034   1.00 19.76 ? 83   SER A C   1 
ATOM   619  O O   . SER A 1 89  ? -11.070 -10.262 6.695   1.00 20.33 ? 83   SER A O   1 
ATOM   620  C CB  . SER A 1 89  ? -9.574  -11.898 4.356   1.00 17.40 ? 83   SER A CB  1 
ATOM   621  O OG  . SER A 1 89  ? -8.231  -12.115 4.747   1.00 17.09 ? 83   SER A OG  1 
ATOM   622  N N   . GLU A 1 90  ? -8.948  -9.552  6.565   1.00 19.21 ? 84   GLU A N   1 
ATOM   623  C CA  . GLU A 1 90  ? -8.930  -9.173  7.975   1.00 20.23 ? 84   GLU A CA  1 
ATOM   624  C C   . GLU A 1 90  ? -9.473  -7.759  8.149   1.00 19.94 ? 84   GLU A C   1 
ATOM   625  O O   . GLU A 1 90  ? -9.738  -7.322  9.269   1.00 19.54 ? 84   GLU A O   1 
ATOM   626  C CB  . GLU A 1 90  ? -7.513  -9.261  8.549   1.00 25.27 ? 84   GLU A CB  1 
ATOM   627  C CG  . GLU A 1 90  ? -6.868  -10.627 8.381   1.00 30.05 ? 84   GLU A CG  1 
ATOM   628  C CD  . GLU A 1 90  ? -5.694  -10.844 9.314   1.00 33.14 ? 84   GLU A CD  1 
ATOM   629  O OE1 . GLU A 1 90  ? -4.913  -9.893  9.524   1.00 36.14 ? 84   GLU A OE1 1 
ATOM   630  O OE2 . GLU A 1 90  ? -5.545  -11.971 9.828   1.00 35.54 ? 84   GLU A OE2 1 
ATOM   631  N N   . ARG A 1 91  ? -9.641  -7.057  7.032   1.00 19.74 ? 85   ARG A N   1 
ATOM   632  C CA  . ARG A 1 91  ? -10.156 -5.689  7.026   1.00 19.06 ? 85   ARG A CA  1 
ATOM   633  C C   . ARG A 1 91  ? -9.333  -4.754  7.906   1.00 20.19 ? 85   ARG A C   1 
ATOM   634  O O   . ARG A 1 91  ? -9.875  -3.850  8.549   1.00 20.60 ? 85   ARG A O   1 
ATOM   635  C CB  . ARG A 1 91  ? -11.618 -5.669  7.486   1.00 18.58 ? 85   ARG A CB  1 
ATOM   636  C CG  . ARG A 1 91  ? -12.541 -6.547  6.649   1.00 18.18 ? 85   ARG A CG  1 
ATOM   637  C CD  . ARG A 1 91  ? -13.985 -6.435  7.114   1.00 18.13 ? 85   ARG A CD  1 
ATOM   638  N NE  . ARG A 1 91  ? -14.566 -5.130  6.809   1.00 17.36 ? 85   ARG A NE  1 
ATOM   639  C CZ  . ARG A 1 91  ? -14.990 -4.761  5.603   1.00 18.54 ? 85   ARG A CZ  1 
ATOM   640  N NH1 . ARG A 1 91  ? -14.903 -5.599  4.578   1.00 20.54 ? 85   ARG A NH1 1 
ATOM   641  N NH2 . ARG A 1 91  ? -15.503 -3.551  5.422   1.00 20.65 ? 85   ARG A NH2 1 
ATOM   642  N N   . ARG A 1 92  ? -8.023  -4.971  7.931   1.00 18.30 ? 86   ARG A N   1 
ATOM   643  C CA  . ARG A 1 92  ? -7.145  -4.135  8.734   1.00 19.62 ? 86   ARG A CA  1 
ATOM   644  C C   . ARG A 1 92  ? -5.718  -4.171  8.213   1.00 19.11 ? 86   ARG A C   1 
ATOM   645  O O   . ARG A 1 92  ? -5.295  -5.129  7.570   1.00 17.47 ? 86   ARG A O   1 
ATOM   646  C CB  . ARG A 1 92  ? -7.171  -4.589  10.198  1.00 33.61 ? 86   ARG A CB  1 
ATOM   647  C CG  . ARG A 1 92  ? -6.593  -5.974  10.436  1.00 37.61 ? 86   ARG A CG  1 
ATOM   648  C CD  . ARG A 1 92  ? -6.727  -6.384  11.894  1.00 42.96 ? 86   ARG A CD  1 
ATOM   649  N NE  . ARG A 1 92  ? -6.098  -5.422  12.794  1.00 47.98 ? 86   ARG A NE  1 
ATOM   650  C CZ  . ARG A 1 92  ? -6.059  -5.548  14.117  1.00 51.21 ? 86   ARG A CZ  1 
ATOM   651  N NH1 . ARG A 1 92  ? -5.464  -4.620  14.856  1.00 52.13 ? 86   ARG A NH1 1 
ATOM   652  N NH2 . ARG A 1 92  ? -6.615  -6.601  14.702  1.00 52.22 ? 86   ARG A NH2 1 
ATOM   653  N N   . THR A 1 93  ? -4.982  -3.108  8.506   1.00 17.99 ? 87   THR A N   1 
ATOM   654  C CA  . THR A 1 93  ? -3.601  -2.984  8.080   1.00 16.20 ? 87   THR A CA  1 
ATOM   655  C C   . THR A 1 93  ? -2.740  -4.150  8.548   1.00 16.88 ? 87   THR A C   1 
ATOM   656  O O   . THR A 1 93  ? -2.867  -4.620  9.684   1.00 16.52 ? 87   THR A O   1 
ATOM   657  C CB  . THR A 1 93  ? -3.002  -1.675  8.615   1.00 15.36 ? 87   THR A CB  1 
ATOM   658  O OG1 . THR A 1 93  ? -3.752  -0.577  8.093   1.00 16.57 ? 87   THR A OG1 1 
ATOM   659  C CG2 . THR A 1 93  ? -1.548  -1.537  8.205   1.00 15.63 ? 87   THR A CG2 1 
ATOM   660  N N   . GLN A 1 94  ? -1.866  -4.609  7.658   1.00 15.29 ? 88   GLN A N   1 
ATOM   661  C CA  . GLN A 1 94  ? -0.950  -5.704  7.952   1.00 15.60 ? 88   GLN A CA  1 
ATOM   662  C C   . GLN A 1 94  ? 0.473   -5.162  7.956   1.00 15.18 ? 88   GLN A C   1 
ATOM   663  O O   . GLN A 1 94  ? 0.931   -4.609  6.957   1.00 15.01 ? 88   GLN A O   1 
ATOM   664  C CB  . GLN A 1 94  ? -1.043  -6.798  6.880   1.00 18.01 ? 88   GLN A CB  1 
ATOM   665  C CG  . GLN A 1 94  ? -2.422  -7.399  6.681   1.00 18.95 ? 88   GLN A CG  1 
ATOM   666  C CD  . GLN A 1 94  ? -2.890  -8.188  7.884   1.00 21.14 ? 88   GLN A CD  1 
ATOM   667  O OE1 . GLN A 1 94  ? -2.305  -9.215  8.234   1.00 23.50 ? 88   GLN A OE1 1 
ATOM   668  N NE2 . GLN A 1 94  ? -3.943  -7.707  8.529   1.00 21.94 ? 88   GLN A NE2 1 
ATOM   669  N N   . VAL A 1 95  ? 1.161   -5.295  9.085   1.00 18.05 ? 89   VAL A N   1 
ATOM   670  C CA  . VAL A 1 95  ? 2.547   -4.860  9.182   1.00 19.08 ? 89   VAL A CA  1 
ATOM   671  C C   . VAL A 1 95  ? 3.319   -6.163  9.362   1.00 19.35 ? 89   VAL A C   1 
ATOM   672  O O   . VAL A 1 95  ? 3.276   -6.791  10.423  1.00 20.34 ? 89   VAL A O   1 
ATOM   673  C CB  . VAL A 1 95  ? 2.776   -3.916  10.386  1.00 19.31 ? 89   VAL A CB  1 
ATOM   674  C CG1 . VAL A 1 95  ? 4.233   -3.470  10.422  1.00 22.26 ? 89   VAL A CG1 1 
ATOM   675  C CG2 . VAL A 1 95  ? 1.856   -2.697  10.276  1.00 21.11 ? 89   VAL A CG2 1 
ATOM   676  N N   . VAL A 1 96  ? 4.005   -6.573  8.302   1.00 15.80 ? 90   VAL A N   1 
ATOM   677  C CA  . VAL A 1 96  ? 4.749   -7.827  8.294   1.00 16.61 ? 90   VAL A CA  1 
ATOM   678  C C   . VAL A 1 96  ? 6.256   -7.630  8.386   1.00 16.43 ? 90   VAL A C   1 
ATOM   679  O O   . VAL A 1 96  ? 6.878   -7.072  7.487   1.00 15.99 ? 90   VAL A O   1 
ATOM   680  C CB  . VAL A 1 96  ? 4.421   -8.624  7.011   1.00 17.48 ? 90   VAL A CB  1 
ATOM   681  C CG1 . VAL A 1 96  ? 5.058   -10.004 7.066   1.00 17.86 ? 90   VAL A CG1 1 
ATOM   682  C CG2 . VAL A 1 96  ? 2.910   -8.733  6.846   1.00 18.89 ? 90   VAL A CG2 1 
ATOM   683  N N   . ALA A 1 97  ? 6.838   -8.100  9.483   1.00 15.92 ? 91   ALA A N   1 
ATOM   684  C CA  . ALA A 1 97  ? 8.269   -7.968  9.699   1.00 17.30 ? 91   ALA A CA  1 
ATOM   685  C C   . ALA A 1 97  ? 9.067   -8.948  8.846   1.00 17.58 ? 91   ALA A C   1 
ATOM   686  O O   . ALA A 1 97  ? 10.177  -8.639  8.413   1.00 17.75 ? 91   ALA A O   1 
ATOM   687  C CB  . ALA A 1 97  ? 8.590   -8.179  11.175  1.00 21.10 ? 91   ALA A CB  1 
ATOM   688  N N   . ASP A 1 98  ? 8.494   -10.123 8.600   1.00 18.12 ? 92   ASP A N   1 
ATOM   689  C CA  . ASP A 1 98  ? 9.162   -11.158 7.811   1.00 19.61 ? 92   ASP A CA  1 
ATOM   690  C C   . ASP A 1 98  ? 8.142   -11.917 6.964   1.00 20.45 ? 92   ASP A C   1 
ATOM   691  O O   . ASP A 1 98  ? 7.499   -12.855 7.432   1.00 19.80 ? 92   ASP A O   1 
ATOM   692  C CB  . ASP A 1 98  ? 9.898   -12.114 8.758   1.00 27.97 ? 92   ASP A CB  1 
ATOM   693  C CG  . ASP A 1 98  ? 10.741  -13.143 8.026   1.00 30.95 ? 92   ASP A CG  1 
ATOM   694  O OD1 . ASP A 1 98  ? 11.508  -13.860 8.703   1.00 35.27 ? 92   ASP A OD1 1 
ATOM   695  O OD2 . ASP A 1 98  ? 10.641  -13.246 6.787   1.00 32.21 ? 92   ASP A OD2 1 
ATOM   696  N N   . VAL A 1 99  ? 8.005   -11.511 5.707   1.00 18.51 ? 93   VAL A N   1 
ATOM   697  C CA  . VAL A 1 99  ? 7.047   -12.134 4.799   1.00 17.02 ? 93   VAL A CA  1 
ATOM   698  C C   . VAL A 1 99  ? 7.191   -13.653 4.685   1.00 19.86 ? 93   VAL A C   1 
ATOM   699  O O   . VAL A 1 99  ? 6.192   -14.373 4.629   1.00 18.13 ? 93   VAL A O   1 
ATOM   700  C CB  . VAL A 1 99  ? 7.148   -11.504 3.387   1.00 18.11 ? 93   VAL A CB  1 
ATOM   701  C CG1 . VAL A 1 99  ? 6.246   -12.243 2.408   1.00 17.04 ? 93   VAL A CG1 1 
ATOM   702  C CG2 . VAL A 1 99  ? 6.753   -10.039 3.450   1.00 18.48 ? 93   VAL A CG2 1 
ATOM   703  N N   . HIS A 1 100 ? 8.425   -14.141 4.662   1.00 23.77 ? 94   HIS A N   1 
ATOM   704  C CA  . HIS A 1 100 ? 8.660   -15.576 4.537   1.00 29.09 ? 94   HIS A CA  1 
ATOM   705  C C   . HIS A 1 100 ? 8.063   -16.357 5.705   1.00 30.46 ? 94   HIS A C   1 
ATOM   706  O O   . HIS A 1 100 ? 7.799   -17.555 5.592   1.00 30.06 ? 94   HIS A O   1 
ATOM   707  C CB  . HIS A 1 100 ? 10.158  -15.862 4.438   1.00 49.64 ? 94   HIS A CB  1 
ATOM   708  C CG  . HIS A 1 100 ? 10.475  -17.259 4.004   1.00 55.71 ? 94   HIS A CG  1 
ATOM   709  N ND1 . HIS A 1 100 ? 10.056  -17.773 2.796   1.00 58.50 ? 94   HIS A ND1 1 
ATOM   710  C CD2 . HIS A 1 100 ? 11.162  -18.250 4.617   1.00 57.86 ? 94   HIS A CD2 1 
ATOM   711  C CE1 . HIS A 1 100 ? 10.472  -19.022 2.683   1.00 59.34 ? 94   HIS A CE1 1 
ATOM   712  N NE2 . HIS A 1 100 ? 11.146  -19.336 3.775   1.00 60.23 ? 94   HIS A NE2 1 
ATOM   713  N N   . GLN A 1 101 ? 7.848   -15.672 6.825   1.00 28.46 ? 95   GLN A N   1 
ATOM   714  C CA  . GLN A 1 101 ? 7.283   -16.307 8.012   1.00 30.77 ? 95   GLN A CA  1 
ATOM   715  C C   . GLN A 1 101 ? 5.829   -15.900 8.217   1.00 29.76 ? 95   GLN A C   1 
ATOM   716  O O   . GLN A 1 101 ? 5.220   -16.240 9.233   1.00 30.51 ? 95   GLN A O   1 
ATOM   717  C CB  . GLN A 1 101 ? 8.099   -15.930 9.251   1.00 54.27 ? 95   GLN A CB  1 
ATOM   718  C CG  . GLN A 1 101 ? 9.570   -16.300 9.168   1.00 58.51 ? 95   GLN A CG  1 
ATOM   719  C CD  . GLN A 1 101 ? 9.792   -17.790 8.994   1.00 61.76 ? 95   GLN A CD  1 
ATOM   720  O OE1 . GLN A 1 101 ? 9.372   -18.382 7.999   1.00 64.13 ? 95   GLN A OE1 1 
ATOM   721  N NE2 . GLN A 1 101 ? 10.456  -18.406 9.966   1.00 63.11 ? 95   GLN A NE2 1 
ATOM   722  N N   . PHE A 1 102 ? 5.275   -15.173 7.251   1.00 26.67 ? 96   PHE A N   1 
ATOM   723  C CA  . PHE A 1 102 ? 3.890   -14.720 7.331   1.00 25.36 ? 96   PHE A CA  1 
ATOM   724  C C   . PHE A 1 102 ? 2.929   -15.825 6.915   1.00 27.03 ? 96   PHE A C   1 
ATOM   725  O O   . PHE A 1 102 ? 3.003   -16.346 5.799   1.00 26.06 ? 96   PHE A O   1 
ATOM   726  C CB  . PHE A 1 102 ? 3.692   -13.479 6.449   1.00 26.20 ? 96   PHE A CB  1 
ATOM   727  C CG  . PHE A 1 102 ? 2.269   -12.977 6.399   1.00 24.21 ? 96   PHE A CG  1 
ATOM   728  C CD1 . PHE A 1 102 ? 1.385   -13.438 5.426   1.00 24.10 ? 96   PHE A CD1 1 
ATOM   729  C CD2 . PHE A 1 102 ? 1.820   -12.026 7.312   1.00 24.34 ? 96   PHE A CD2 1 
ATOM   730  C CE1 . PHE A 1 102 ? 0.076   -12.956 5.360   1.00 22.87 ? 96   PHE A CE1 1 
ATOM   731  C CE2 . PHE A 1 102 ? 0.512   -11.538 7.256   1.00 24.13 ? 96   PHE A CE2 1 
ATOM   732  C CZ  . PHE A 1 102 ? -0.360  -12.004 6.277   1.00 23.55 ? 96   PHE A CZ  1 
ATOM   733  N N   . LYS A 1 103 ? 2.027   -16.177 7.826   1.00 32.12 ? 97   LYS A N   1 
ATOM   734  C CA  . LYS A 1 103 ? 1.045   -17.221 7.575   1.00 34.72 ? 97   LYS A CA  1 
ATOM   735  C C   . LYS A 1 103 ? 0.118   -16.835 6.432   1.00 33.63 ? 97   LYS A C   1 
ATOM   736  O O   . LYS A 1 103 ? -0.741  -15.964 6.584   1.00 33.65 ? 97   LYS A O   1 
ATOM   737  C CB  . LYS A 1 103 ? 0.220   -17.484 8.839   1.00 51.66 ? 97   LYS A CB  1 
ATOM   738  C CG  . LYS A 1 103 ? -0.846  -18.558 8.679   1.00 57.06 ? 97   LYS A CG  1 
ATOM   739  C CD  . LYS A 1 103 ? -0.235  -19.920 8.377   1.00 61.38 ? 97   LYS A CD  1 
ATOM   740  C CE  . LYS A 1 103 ? 0.640   -20.403 9.524   1.00 64.18 ? 97   LYS A CE  1 
ATOM   741  N NZ  . LYS A 1 103 ? -0.123  -20.498 10.801  1.00 66.91 ? 97   LYS A NZ  1 
ATOM   742  N N   . GLY A 1 104 ? 0.298   -17.480 5.286   1.00 30.48 ? 98   GLY A N   1 
ATOM   743  C CA  . GLY A 1 104 ? -0.545  -17.184 4.146   1.00 28.45 ? 98   GLY A CA  1 
ATOM   744  C C   . GLY A 1 104 ? 0.176   -16.509 2.997   1.00 26.33 ? 98   GLY A C   1 
ATOM   745  O O   . GLY A 1 104 ? -0.453  -16.160 1.999   1.00 25.63 ? 98   GLY A O   1 
ATOM   746  N N   . HIS A 1 105 ? 1.484   -16.313 3.121   1.00 26.83 ? 99   HIS A N   1 
ATOM   747  C CA  . HIS A 1 105 ? 2.221   -15.676 2.038   1.00 24.92 ? 99   HIS A CA  1 
ATOM   748  C C   . HIS A 1 105 ? 2.150   -16.597 0.826   1.00 22.81 ? 99   HIS A C   1 
ATOM   749  O O   . HIS A 1 105 ? 2.053   -17.818 0.966   1.00 22.79 ? 99   HIS A O   1 
ATOM   750  C CB  . HIS A 1 105 ? 3.676   -15.406 2.448   1.00 24.45 ? 99   HIS A CB  1 
ATOM   751  C CG  . HIS A 1 105 ? 4.511   -16.638 2.614   1.00 28.04 ? 99   HIS A CG  1 
ATOM   752  N ND1 . HIS A 1 105 ? 4.957   -17.388 1.547   1.00 30.17 ? 99   HIS A ND1 1 
ATOM   753  C CD2 . HIS A 1 105 ? 5.005   -17.236 3.724   1.00 30.66 ? 99   HIS A CD2 1 
ATOM   754  C CE1 . HIS A 1 105 ? 5.692   -18.392 1.992   1.00 30.73 ? 99   HIS A CE1 1 
ATOM   755  N NE2 . HIS A 1 105 ? 5.737   -18.322 3.310   1.00 31.84 ? 99   HIS A NE2 1 
ATOM   756  N N   . ILE A 1 106 ? 2.171   -16.009 -0.364  1.00 19.10 ? 100  ILE A N   1 
ATOM   757  C CA  . ILE A 1 106 ? 2.094   -16.784 -1.595  1.00 17.53 ? 100  ILE A CA  1 
ATOM   758  C C   . ILE A 1 106 ? 3.280   -16.482 -2.502  1.00 14.40 ? 100  ILE A C   1 
ATOM   759  O O   . ILE A 1 106 ? 4.085   -15.600 -2.201  1.00 14.25 ? 100  ILE A O   1 
ATOM   760  C CB  . ILE A 1 106 ? 0.786   -16.483 -2.353  1.00 16.34 ? 100  ILE A CB  1 
ATOM   761  C CG1 . ILE A 1 106 ? 0.664   -14.977 -2.616  1.00 16.61 ? 100  ILE A CG1 1 
ATOM   762  C CG2 . ILE A 1 106 ? -0.407  -16.984 -1.544  1.00 18.94 ? 100  ILE A CG2 1 
ATOM   763  C CD1 . ILE A 1 106 ? -0.556  -14.594 -3.439  1.00 18.13 ? 100  ILE A CD1 1 
ATOM   764  N N   . ALA A 1 107 ? 3.382   -17.211 -3.609  1.00 16.80 ? 101  ALA A N   1 
ATOM   765  C CA  . ALA A 1 107 ? 4.482   -17.020 -4.553  1.00 15.80 ? 101  ALA A CA  1 
ATOM   766  C C   . ALA A 1 107 ? 4.586   -15.572 -5.021  1.00 15.29 ? 101  ALA A C   1 
ATOM   767  O O   . ALA A 1 107 ? 5.680   -15.063 -5.251  1.00 15.15 ? 101  ALA A O   1 
ATOM   768  C CB  . ALA A 1 107 ? 4.306   -17.944 -5.757  1.00 18.43 ? 101  ALA A CB  1 
ATOM   769  N N   . CYS A 1 108 ? 3.446   -14.907 -5.161  1.00 15.93 ? 102  CYS A N   1 
ATOM   770  C CA  . CYS A 1 108 ? 3.445   -13.518 -5.606  1.00 15.96 ? 102  CYS A CA  1 
ATOM   771  C C   . CYS A 1 108 ? 4.130   -12.559 -4.626  1.00 14.94 ? 102  CYS A C   1 
ATOM   772  O O   . CYS A 1 108 ? 4.483   -11.442 -5.007  1.00 15.46 ? 102  CYS A O   1 
ATOM   773  C CB  . CYS A 1 108 ? 2.012   -13.057 -5.891  1.00 16.56 ? 102  CYS A CB  1 
ATOM   774  S SG  . CYS A 1 108 ? 1.289   -13.818 -7.384  1.00 20.04 ? 102  CYS A SG  1 
ATOM   775  N N   . ASP A 1 109 ? 4.320   -13.001 -3.381  1.00 15.17 ? 103  ASP A N   1 
ATOM   776  C CA  . ASP A 1 109 ? 4.974   -12.195 -2.343  1.00 15.32 ? 103  ASP A CA  1 
ATOM   777  C C   . ASP A 1 109 ? 6.475   -12.478 -2.258  1.00 15.23 ? 103  ASP A C   1 
ATOM   778  O O   . ASP A 1 109 ? 7.171   -11.907 -1.419  1.00 15.38 ? 103  ASP A O   1 
ATOM   779  C CB  . ASP A 1 109 ? 4.399   -12.501 -0.950  1.00 15.70 ? 103  ASP A CB  1 
ATOM   780  C CG  . ASP A 1 109 ? 2.919   -12.226 -0.839  1.00 18.11 ? 103  ASP A CG  1 
ATOM   781  O OD1 . ASP A 1 109 ? 2.477   -11.159 -1.298  1.00 16.94 ? 103  ASP A OD1 1 
ATOM   782  O OD2 . ASP A 1 109 ? 2.198   -13.074 -0.267  1.00 17.31 ? 103  ASP A OD2 1 
ATOM   783  N N   . ALA A 1 110 ? 6.966   -13.365 -3.117  1.00 15.89 ? 104  ALA A N   1 
ATOM   784  C CA  . ALA A 1 110 ? 8.366   -13.781 -3.102  1.00 16.39 ? 104  ALA A CA  1 
ATOM   785  C C   . ALA A 1 110 ? 9.454   -12.719 -2.955  1.00 16.46 ? 104  ALA A C   1 
ATOM   786  O O   . ALA A 1 110 ? 10.404  -12.906 -2.192  1.00 18.13 ? 104  ALA A O   1 
ATOM   787  C CB  . ALA A 1 110 ? 8.653   -14.628 -4.338  1.00 17.16 ? 104  ALA A CB  1 
ATOM   788  N N   . ASN A 1 111 ? 9.333   -11.612 -3.678  1.00 16.05 ? 105  ASN A N   1 
ATOM   789  C CA  . ASN A 1 111 ? 10.364  -10.581 -3.623  1.00 17.14 ? 105  ASN A CA  1 
ATOM   790  C C   . ASN A 1 111 ? 10.241  -9.600  -2.462  1.00 16.18 ? 105  ASN A C   1 
ATOM   791  O O   . ASN A 1 111 ? 11.063  -8.695  -2.314  1.00 16.08 ? 105  ASN A O   1 
ATOM   792  C CB  . ASN A 1 111 ? 10.402  -9.812  -4.946  1.00 23.99 ? 105  ASN A CB  1 
ATOM   793  C CG  . ASN A 1 111 ? 11.685  -9.025  -5.124  1.00 28.29 ? 105  ASN A CG  1 
ATOM   794  O OD1 . ASN A 1 111 ? 12.781  -9.576  -5.014  1.00 31.45 ? 105  ASN A OD1 1 
ATOM   795  N ND2 . ASN A 1 111 ? 11.558  -7.734  -5.410  1.00 30.62 ? 105  ASN A ND2 1 
ATOM   796  N N   . SER A 1 112 ? 9.216   -9.776  -1.638  1.00 14.38 ? 106  SER A N   1 
ATOM   797  C CA  . SER A 1 112 ? 9.019   -8.896  -0.494  1.00 15.59 ? 106  SER A CA  1 
ATOM   798  C C   . SER A 1 112 ? 9.568   -9.545  0.774   1.00 15.03 ? 106  SER A C   1 
ATOM   799  O O   . SER A 1 112 ? 9.160   -10.651 1.123   1.00 16.50 ? 106  SER A O   1 
ATOM   800  C CB  . SER A 1 112 ? 7.530   -8.601  -0.320  1.00 19.46 ? 106  SER A CB  1 
ATOM   801  O OG  . SER A 1 112 ? 7.315   -7.732  0.776   1.00 24.59 ? 106  SER A OG  1 
ATOM   802  N N   . LYS A 1 113 ? 10.494  -8.867  1.452   1.00 16.03 ? 107  LYS A N   1 
ATOM   803  C CA  . LYS A 1 113 ? 11.077  -9.388  2.690   1.00 17.49 ? 107  LYS A CA  1 
ATOM   804  C C   . LYS A 1 113 ? 10.252  -8.921  3.892   1.00 16.28 ? 107  LYS A C   1 
ATOM   805  O O   . LYS A 1 113 ? 10.058  -9.666  4.852   1.00 17.28 ? 107  LYS A O   1 
ATOM   806  C CB  . LYS A 1 113 ? 12.531  -8.930  2.826   1.00 24.99 ? 107  LYS A CB  1 
ATOM   807  C CG  . LYS A 1 113 ? 13.440  -9.440  1.715   1.00 30.86 ? 107  LYS A CG  1 
ATOM   808  C CD  . LYS A 1 113 ? 13.442  -10.959 1.656   1.00 36.35 ? 107  LYS A CD  1 
ATOM   809  C CE  . LYS A 1 113 ? 14.327  -11.473 0.529   1.00 38.74 ? 107  LYS A CE  1 
ATOM   810  N NZ  . LYS A 1 113 ? 14.320  -12.962 0.464   1.00 40.30 ? 107  LYS A NZ  1 
ATOM   811  N N   . SER A 1 114 ? 9.795   -7.674  3.850   1.00 14.83 ? 108  SER A N   1 
ATOM   812  C CA  . SER A 1 114 ? 8.931   -7.134  4.893   1.00 14.62 ? 108  SER A CA  1 
ATOM   813  C C   . SER A 1 114 ? 7.937   -6.282  4.126   1.00 14.00 ? 108  SER A C   1 
ATOM   814  O O   . SER A 1 114 ? 8.211   -5.864  2.998   1.00 13.95 ? 108  SER A O   1 
ATOM   815  C CB  . SER A 1 114 ? 9.699   -6.333  5.957   1.00 16.57 ? 108  SER A CB  1 
ATOM   816  O OG  . SER A 1 114 ? 10.395  -5.232  5.429   1.00 16.61 ? 108  SER A OG  1 
ATOM   817  N N   . GLU A 1 115 ? 6.785   -6.015  4.722   1.00 14.55 ? 109  GLU A N   1 
ATOM   818  C CA  . GLU A 1 115 ? 5.755   -5.317  3.975   1.00 15.23 ? 109  GLU A CA  1 
ATOM   819  C C   . GLU A 1 115 ? 4.678   -4.700  4.851   1.00 14.44 ? 109  GLU A C   1 
ATOM   820  O O   . GLU A 1 115 ? 4.494   -5.094  6.001   1.00 15.11 ? 109  GLU A O   1 
ATOM   821  C CB  . GLU A 1 115 ? 5.134   -6.362  3.027   1.00 19.97 ? 109  GLU A CB  1 
ATOM   822  C CG  . GLU A 1 115 ? 3.946   -5.968  2.167   1.00 17.81 ? 109  GLU A CG  1 
ATOM   823  C CD  . GLU A 1 115 ? 3.517   -7.112  1.239   1.00 16.09 ? 109  GLU A CD  1 
ATOM   824  O OE1 . GLU A 1 115 ? 2.557   -6.936  0.460   1.00 15.16 ? 109  GLU A OE1 1 
ATOM   825  O OE2 . GLU A 1 115 ? 4.145   -8.196  1.290   1.00 15.87 ? 109  GLU A OE2 1 
ATOM   826  N N   . ILE A 1 116 ? 3.990   -3.701  4.308   1.00 12.15 ? 110  ILE A N   1 
ATOM   827  C CA  . ILE A 1 116 ? 2.866   -3.088  5.000   1.00 12.56 ? 110  ILE A CA  1 
ATOM   828  C C   . ILE A 1 116 ? 1.769   -2.919  3.954   1.00 13.21 ? 110  ILE A C   1 
ATOM   829  O O   . ILE A 1 116 ? 2.022   -2.486  2.827   1.00 12.09 ? 110  ILE A O   1 
ATOM   830  C CB  . ILE A 1 116 ? 3.217   -1.720  5.659   1.00 14.37 ? 110  ILE A CB  1 
ATOM   831  C CG1 . ILE A 1 116 ? 1.978   -1.167  6.371   1.00 14.74 ? 110  ILE A CG1 1 
ATOM   832  C CG2 . ILE A 1 116 ? 3.752   -0.737  4.624   1.00 14.92 ? 110  ILE A CG2 1 
ATOM   833  C CD1 . ILE A 1 116 ? 2.262   0.021   7.293   1.00 16.92 ? 110  ILE A CD1 1 
ATOM   834  N N   . VAL A 1 117 ? 0.556   -3.322  4.318   1.00 12.81 ? 111  VAL A N   1 
ATOM   835  C CA  . VAL A 1 117 ? -0.584  -3.212  3.419   1.00 13.56 ? 111  VAL A CA  1 
ATOM   836  C C   . VAL A 1 117 ? -1.708  -2.533  4.185   1.00 12.18 ? 111  VAL A C   1 
ATOM   837  O O   . VAL A 1 117 ? -2.101  -2.994  5.257   1.00 13.51 ? 111  VAL A O   1 
ATOM   838  C CB  . VAL A 1 117 ? -1.084  -4.596  2.950   1.00 14.61 ? 111  VAL A CB  1 
ATOM   839  C CG1 . VAL A 1 117 ? -2.250  -4.420  1.983   1.00 16.40 ? 111  VAL A CG1 1 
ATOM   840  C CG2 . VAL A 1 117 ? 0.050   -5.368  2.293   1.00 16.14 ? 111  VAL A CG2 1 
ATOM   841  N N   . VAL A 1 118 ? -2.208  -1.428  3.638   1.00 11.99 ? 112  VAL A N   1 
ATOM   842  C CA  . VAL A 1 118 ? -3.287  -0.677  4.269   1.00 13.32 ? 112  VAL A CA  1 
ATOM   843  C C   . VAL A 1 118 ? -4.555  -0.718  3.415   1.00 12.89 ? 112  VAL A C   1 
ATOM   844  O O   . VAL A 1 118 ? -4.541  -0.310  2.256   1.00 13.22 ? 112  VAL A O   1 
ATOM   845  C CB  . VAL A 1 118 ? -2.894  0.808   4.460   1.00 13.75 ? 112  VAL A CB  1 
ATOM   846  C CG1 . VAL A 1 118 ? -4.000  1.546   5.191   1.00 15.54 ? 112  VAL A CG1 1 
ATOM   847  C CG2 . VAL A 1 118 ? -1.576  0.915   5.220   1.00 15.39 ? 112  VAL A CG2 1 
ATOM   848  N N   . PRO A 1 119 ? -5.668  -1.225  3.976   1.00 14.11 ? 113  PRO A N   1 
ATOM   849  C CA  . PRO A 1 119 ? -6.912  -1.280  3.206   1.00 13.82 ? 113  PRO A CA  1 
ATOM   850  C C   . PRO A 1 119 ? -7.478  0.119   2.980   1.00 13.85 ? 113  PRO A C   1 
ATOM   851  O O   . PRO A 1 119 ? -7.368  0.994   3.847   1.00 15.20 ? 113  PRO A O   1 
ATOM   852  C CB  . PRO A 1 119 ? -7.820  -2.152  4.076   1.00 17.46 ? 113  PRO A CB  1 
ATOM   853  C CG  . PRO A 1 119 ? -7.354  -1.832  5.459   1.00 21.82 ? 113  PRO A CG  1 
ATOM   854  C CD  . PRO A 1 119 ? -5.844  -1.823  5.309   1.00 17.83 ? 113  PRO A CD  1 
ATOM   855  N N   . ILE A 1 120 ? -8.069  0.326   1.811   1.00 13.87 ? 114  ILE A N   1 
ATOM   856  C CA  . ILE A 1 120 ? -8.653  1.611   1.447   1.00 14.49 ? 114  ILE A CA  1 
ATOM   857  C C   . ILE A 1 120 ? -10.173 1.467   1.422   1.00 16.43 ? 114  ILE A C   1 
ATOM   858  O O   . ILE A 1 120 ? -10.706 0.582   0.752   1.00 15.52 ? 114  ILE A O   1 
ATOM   859  C CB  . ILE A 1 120 ? -8.146  2.059   0.061   1.00 14.92 ? 114  ILE A CB  1 
ATOM   860  C CG1 . ILE A 1 120 ? -6.615  2.072   0.056   1.00 14.84 ? 114  ILE A CG1 1 
ATOM   861  C CG2 . ILE A 1 120 ? -8.690  3.446   -0.277  1.00 15.18 ? 114  ILE A CG2 1 
ATOM   862  C CD1 . ILE A 1 120 ? -6.000  2.385   -1.295  1.00 17.62 ? 114  ILE A CD1 1 
ATOM   863  N N   . PHE A 1 121 ? -10.867 2.343   2.147   1.00 17.06 ? 115  PHE A N   1 
ATOM   864  C CA  . PHE A 1 121 ? -12.324 2.281   2.230   1.00 18.87 ? 115  PHE A CA  1 
ATOM   865  C C   . PHE A 1 121 ? -13.085 3.366   1.485   1.00 20.64 ? 115  PHE A C   1 
ATOM   866  O O   . PHE A 1 121 ? -12.594 4.476   1.278   1.00 20.24 ? 115  PHE A O   1 
ATOM   867  C CB  . PHE A 1 121 ? -12.781 2.321   3.692   1.00 19.69 ? 115  PHE A CB  1 
ATOM   868  C CG  . PHE A 1 121 ? -12.328 1.149   4.509   1.00 20.00 ? 115  PHE A CG  1 
ATOM   869  C CD1 . PHE A 1 121 ? -11.010 1.051   4.946   1.00 19.98 ? 115  PHE A CD1 1 
ATOM   870  C CD2 . PHE A 1 121 ? -13.225 0.145   4.858   1.00 19.40 ? 115  PHE A CD2 1 
ATOM   871  C CE1 . PHE A 1 121 ? -10.596 -0.031  5.722   1.00 20.34 ? 115  PHE A CE1 1 
ATOM   872  C CE2 . PHE A 1 121 ? -12.819 -0.937  5.629   1.00 21.00 ? 115  PHE A CE2 1 
ATOM   873  C CZ  . PHE A 1 121 ? -11.503 -1.026  6.063   1.00 20.20 ? 115  PHE A CZ  1 
ATOM   874  N N   . LYS A 1 122 ? -14.310 3.020   1.114   1.00 18.95 ? 116  LYS A N   1 
ATOM   875  C CA  . LYS A 1 122 ? -15.222 3.911   0.415   1.00 23.87 ? 116  LYS A CA  1 
ATOM   876  C C   . LYS A 1 122 ? -16.626 3.454   0.785   1.00 26.46 ? 116  LYS A C   1 
ATOM   877  O O   . LYS A 1 122 ? -17.082 2.407   0.331   1.00 25.60 ? 116  LYS A O   1 
ATOM   878  C CB  . LYS A 1 122 ? -15.019 3.806   -1.098  1.00 43.02 ? 116  LYS A CB  1 
ATOM   879  C CG  . LYS A 1 122 ? -16.106 4.475   -1.927  1.00 46.66 ? 116  LYS A CG  1 
ATOM   880  C CD  . LYS A 1 122 ? -16.230 5.955   -1.615  1.00 49.53 ? 116  LYS A CD  1 
ATOM   881  C CE  . LYS A 1 122 ? -17.278 6.614   -2.499  1.00 51.17 ? 116  LYS A CE  1 
ATOM   882  N NZ  . LYS A 1 122 ? -18.617 5.977   -2.349  1.00 53.15 ? 116  LYS A NZ  1 
ATOM   883  N N   . ASP A 1 123 ? -17.299 4.231   1.626   1.00 41.99 ? 117  ASP A N   1 
ATOM   884  C CA  . ASP A 1 123 ? -18.653 3.898   2.055   1.00 44.89 ? 117  ASP A CA  1 
ATOM   885  C C   . ASP A 1 123 ? -18.678 2.549   2.776   1.00 45.56 ? 117  ASP A C   1 
ATOM   886  O O   . ASP A 1 123 ? -19.494 1.682   2.465   1.00 46.05 ? 117  ASP A O   1 
ATOM   887  C CB  . ASP A 1 123 ? -19.590 3.863   0.841   1.00 75.14 ? 117  ASP A CB  1 
ATOM   888  C CG  . ASP A 1 123 ? -21.057 3.862   1.232   1.00 78.15 ? 117  ASP A CG  1 
ATOM   889  O OD1 . ASP A 1 123 ? -21.502 2.916   1.914   1.00 80.47 ? 117  ASP A OD1 1 
ATOM   890  O OD2 . ASP A 1 123 ? -21.770 4.815   0.851   1.00 80.49 ? 117  ASP A OD2 1 
ATOM   891  N N   . ASP A 1 124 ? -17.769 2.378   3.732   1.00 37.37 ? 118  ASP A N   1 
ATOM   892  C CA  . ASP A 1 124 ? -17.679 1.151   4.521   1.00 37.12 ? 118  ASP A CA  1 
ATOM   893  C C   . ASP A 1 124 ? -17.288 -0.088  3.717   1.00 35.15 ? 118  ASP A C   1 
ATOM   894  O O   . ASP A 1 124 ? -17.312 -1.207  4.231   1.00 35.03 ? 118  ASP A O   1 
ATOM   895  C CB  . ASP A 1 124 ? -19.006 0.900   5.243   1.00 69.34 ? 118  ASP A CB  1 
ATOM   896  C CG  . ASP A 1 124 ? -19.370 2.024   6.194   1.00 71.51 ? 118  ASP A CG  1 
ATOM   897  O OD1 . ASP A 1 124 ? -18.599 2.271   7.146   1.00 72.38 ? 118  ASP A OD1 1 
ATOM   898  O OD2 . ASP A 1 124 ? -20.424 2.663   5.989   1.00 73.56 ? 118  ASP A OD2 1 
ATOM   899  N N   . LYS A 1 125 ? -16.923 0.116   2.457   1.00 28.33 ? 119  LYS A N   1 
ATOM   900  C CA  . LYS A 1 125 ? -16.515 -0.983  1.591   1.00 24.72 ? 119  LYS A CA  1 
ATOM   901  C C   . LYS A 1 125 ? -15.035 -0.851  1.247   1.00 21.97 ? 119  LYS A C   1 
ATOM   902  O O   . LYS A 1 125 ? -14.555 0.245   0.960   1.00 19.00 ? 119  LYS A O   1 
ATOM   903  C CB  . LYS A 1 125 ? -17.333 -0.969  0.299   1.00 34.04 ? 119  LYS A CB  1 
ATOM   904  C CG  . LYS A 1 125 ? -16.851 -1.961  -0.749  1.00 36.93 ? 119  LYS A CG  1 
ATOM   905  C CD  . LYS A 1 125 ? -17.513 -1.713  -2.097  1.00 40.71 ? 119  LYS A CD  1 
ATOM   906  C CE  . LYS A 1 125 ? -17.001 -2.690  -3.147  1.00 42.26 ? 119  LYS A CE  1 
ATOM   907  N NZ  . LYS A 1 125 ? -15.520 -2.622  -3.300  1.00 41.95 ? 119  LYS A NZ  1 
ATOM   908  N N   . ILE A 1 126 ? -14.307 -1.963  1.285   1.00 24.55 ? 120  ILE A N   1 
ATOM   909  C CA  . ILE A 1 126 ? -12.893 -1.931  0.935   1.00 21.76 ? 120  ILE A CA  1 
ATOM   910  C C   . ILE A 1 126 ? -12.826 -1.918  -0.586  1.00 22.29 ? 120  ILE A C   1 
ATOM   911  O O   . ILE A 1 126 ? -13.345 -2.822  -1.241  1.00 23.44 ? 120  ILE A O   1 
ATOM   912  C CB  . ILE A 1 126 ? -12.146 -3.169  1.480   1.00 19.24 ? 120  ILE A CB  1 
ATOM   913  C CG1 . ILE A 1 126 ? -12.173 -3.152  3.009   1.00 19.59 ? 120  ILE A CG1 1 
ATOM   914  C CG2 . ILE A 1 126 ? -10.708 -3.180  0.971   1.00 19.63 ? 120  ILE A CG2 1 
ATOM   915  C CD1 . ILE A 1 126 ? -11.356 -4.254  3.661   1.00 19.26 ? 120  ILE A CD1 1 
ATOM   916  N N   . ILE A 1 127 ? -12.212 -0.884  -1.152  1.00 18.03 ? 121  ILE A N   1 
ATOM   917  C CA  . ILE A 1 127 ? -12.112 -0.774  -2.601  1.00 17.45 ? 121  ILE A CA  1 
ATOM   918  C C   . ILE A 1 127 ? -10.718 -1.096  -3.130  1.00 15.50 ? 121  ILE A C   1 
ATOM   919  O O   . ILE A 1 127 ? -10.496 -1.126  -4.343  1.00 16.22 ? 121  ILE A O   1 
ATOM   920  C CB  . ILE A 1 127 ? -12.520 0.636   -3.086  1.00 18.83 ? 121  ILE A CB  1 
ATOM   921  C CG1 . ILE A 1 127 ? -11.650 1.702   -2.411  1.00 19.88 ? 121  ILE A CG1 1 
ATOM   922  C CG2 . ILE A 1 127 ? -14.000 0.874   -2.780  1.00 20.48 ? 121  ILE A CG2 1 
ATOM   923  C CD1 . ILE A 1 127 ? -11.846 3.099   -2.973  1.00 22.43 ? 121  ILE A CD1 1 
ATOM   924  N N   . GLY A 1 128 ? -9.787  -1.342  -2.216  1.00 15.76 ? 122  GLY A N   1 
ATOM   925  C CA  . GLY A 1 128 ? -8.428  -1.669  -2.620  1.00 15.18 ? 122  GLY A CA  1 
ATOM   926  C C   . GLY A 1 128 ? -7.459  -1.591  -1.457  1.00 14.25 ? 122  GLY A C   1 
ATOM   927  O O   . GLY A 1 128 ? -7.870  -1.507  -0.303  1.00 14.82 ? 122  GLY A O   1 
ATOM   928  N N   . VAL A 1 129 ? -6.167  -1.633  -1.762  1.00 13.51 ? 123  VAL A N   1 
ATOM   929  C CA  . VAL A 1 129 ? -5.143  -1.542  -0.731  1.00 13.09 ? 123  VAL A CA  1 
ATOM   930  C C   . VAL A 1 129 ? -3.915  -0.806  -1.230  1.00 12.60 ? 123  VAL A C   1 
ATOM   931  O O   . VAL A 1 129 ? -3.660  -0.742  -2.432  1.00 11.51 ? 123  VAL A O   1 
ATOM   932  C CB  . VAL A 1 129 ? -4.640  -2.933  -0.262  1.00 14.42 ? 123  VAL A CB  1 
ATOM   933  C CG1 . VAL A 1 129 ? -5.800  -3.770  0.259   1.00 14.24 ? 123  VAL A CG1 1 
ATOM   934  C CG2 . VAL A 1 129 ? -3.918  -3.648  -1.408  1.00 13.21 ? 123  VAL A CG2 1 
ATOM   935  N N   . LEU A 1 130 ? -3.177  -0.241  -0.278  1.00 13.58 ? 124  LEU A N   1 
ATOM   936  C CA  . LEU A 1 130 ? -1.909  0.415   -0.550  1.00 12.76 ? 124  LEU A CA  1 
ATOM   937  C C   . LEU A 1 130 ? -0.937  -0.661  -0.086  1.00 12.41 ? 124  LEU A C   1 
ATOM   938  O O   . LEU A 1 130 ? -1.038  -1.148  1.044   1.00 12.79 ? 124  LEU A O   1 
ATOM   939  C CB  . LEU A 1 130 ? -1.725  1.667   0.307   1.00 13.72 ? 124  LEU A CB  1 
ATOM   940  C CG  . LEU A 1 130 ? -0.275  2.153   0.422   1.00 12.52 ? 124  LEU A CG  1 
ATOM   941  C CD1 . LEU A 1 130 ? 0.259   2.576   -0.943  1.00 13.57 ? 124  LEU A CD1 1 
ATOM   942  C CD2 . LEU A 1 130 ? -0.213  3.316   1.407   1.00 15.14 ? 124  LEU A CD2 1 
ATOM   943  N N   . ASP A 1 131 ? -0.008  -1.035  -0.957  1.00 10.67 ? 125  ASP A N   1 
ATOM   944  C CA  . ASP A 1 131 ? 0.961   -2.075  -0.646  1.00 11.93 ? 125  ASP A CA  1 
ATOM   945  C C   . ASP A 1 131 ? 2.381   -1.553  -0.823  1.00 11.53 ? 125  ASP A C   1 
ATOM   946  O O   . ASP A 1 131 ? 2.715   -1.001  -1.867  1.00 13.00 ? 125  ASP A O   1 
ATOM   947  C CB  . ASP A 1 131 ? 0.717   -3.279  -1.570  1.00 14.68 ? 125  ASP A CB  1 
ATOM   948  C CG  . ASP A 1 131 ? 1.716   -4.396  -1.357  1.00 16.02 ? 125  ASP A CG  1 
ATOM   949  O OD1 . ASP A 1 131 ? 2.064   -4.666  -0.191  1.00 18.03 ? 125  ASP A OD1 1 
ATOM   950  O OD2 . ASP A 1 131 ? 2.136   -5.018  -2.356  1.00 21.19 ? 125  ASP A OD2 1 
ATOM   951  N N   . ILE A 1 132 ? 3.206   -1.715  0.208   1.00 11.87 ? 126  ILE A N   1 
ATOM   952  C CA  . ILE A 1 132 ? 4.596   -1.272  0.148   1.00 11.37 ? 126  ILE A CA  1 
ATOM   953  C C   . ILE A 1 132 ? 5.483   -2.437  0.584   1.00 11.74 ? 126  ILE A C   1 
ATOM   954  O O   . ILE A 1 132 ? 5.328   -2.967  1.688   1.00 10.87 ? 126  ILE A O   1 
ATOM   955  C CB  . ILE A 1 132 ? 4.859   -0.063  1.085   1.00 12.19 ? 126  ILE A CB  1 
ATOM   956  C CG1 . ILE A 1 132 ? 3.746   0.976   0.922   1.00 13.96 ? 126  ILE A CG1 1 
ATOM   957  C CG2 . ILE A 1 132 ? 6.206   0.572   0.742   1.00 12.67 ? 126  ILE A CG2 1 
ATOM   958  C CD1 . ILE A 1 132 ? 3.958   2.264   1.716   1.00 14.14 ? 126  ILE A CD1 1 
ATOM   959  N N   . ASP A 1 133 ? 6.400   -2.838  -0.294  1.00 11.38 ? 127  ASP A N   1 
ATOM   960  C CA  . ASP A 1 133 ? 7.309   -3.946  -0.014  1.00 12.14 ? 127  ASP A CA  1 
ATOM   961  C C   . ASP A 1 133 ? 8.729   -3.440  0.185   1.00 12.67 ? 127  ASP A C   1 
ATOM   962  O O   . ASP A 1 133 ? 9.114   -2.419  -0.382  1.00 12.94 ? 127  ASP A O   1 
ATOM   963  C CB  . ASP A 1 133 ? 7.304   -4.945  -1.174  1.00 14.32 ? 127  ASP A CB  1 
ATOM   964  C CG  . ASP A 1 133 ? 5.910   -5.380  -1.565  1.00 17.76 ? 127  ASP A CG  1 
ATOM   965  O OD1 . ASP A 1 133 ? 5.090   -5.635  -0.662  1.00 17.80 ? 127  ASP A OD1 1 
ATOM   966  O OD2 . ASP A 1 133 ? 5.636   -5.484  -2.780  1.00 19.29 ? 127  ASP A OD2 1 
ATOM   967  N N   . ALA A 1 134 ? 9.510   -4.176  0.974   1.00 13.06 ? 128  ALA A N   1 
ATOM   968  C CA  . ALA A 1 134 ? 10.897  -3.814  1.254   1.00 15.24 ? 128  ALA A CA  1 
ATOM   969  C C   . ALA A 1 134 ? 11.830  -4.995  0.988   1.00 15.24 ? 128  ALA A C   1 
ATOM   970  O O   . ALA A 1 134 ? 11.439  -6.155  1.140   1.00 15.10 ? 128  ALA A O   1 
ATOM   971  C CB  . ALA A 1 134 ? 11.032  -3.355  2.709   1.00 14.72 ? 128  ALA A CB  1 
ATOM   972  N N   . PRO A 1 135 ? 13.080  -4.710  0.585   1.00 18.25 ? 129  PRO A N   1 
ATOM   973  C CA  . PRO A 1 135 ? 14.093  -5.729  0.290   1.00 19.76 ? 129  PRO A CA  1 
ATOM   974  C C   . PRO A 1 135 ? 14.779  -6.271  1.546   1.00 22.18 ? 129  PRO A C   1 
ATOM   975  O O   . PRO A 1 135 ? 15.624  -7.165  1.464   1.00 23.38 ? 129  PRO A O   1 
ATOM   976  C CB  . PRO A 1 135 ? 15.059  -4.985  -0.618  1.00 18.96 ? 129  PRO A CB  1 
ATOM   977  C CG  . PRO A 1 135 ? 15.058  -3.618  -0.017  1.00 18.09 ? 129  PRO A CG  1 
ATOM   978  C CD  . PRO A 1 135 ? 13.583  -3.362  0.250   1.00 16.70 ? 129  PRO A CD  1 
ATOM   979  N N   . ILE A 1 136 ? 14.417  -5.718  2.699   1.00 18.32 ? 130  ILE A N   1 
ATOM   980  C CA  . ILE A 1 136 ? 14.980  -6.143  3.976   1.00 19.93 ? 130  ILE A CA  1 
ATOM   981  C C   . ILE A 1 136 ? 13.834  -6.443  4.937   1.00 18.32 ? 130  ILE A C   1 
ATOM   982  O O   . ILE A 1 136 ? 12.706  -6.010  4.713   1.00 18.40 ? 130  ILE A O   1 
ATOM   983  C CB  . ILE A 1 136 ? 15.871  -5.041  4.593   1.00 22.88 ? 130  ILE A CB  1 
ATOM   984  C CG1 . ILE A 1 136 ? 15.061  -3.755  4.776   1.00 23.78 ? 130  ILE A CG1 1 
ATOM   985  C CG2 . ILE A 1 136 ? 17.080  -4.789  3.700   1.00 24.89 ? 130  ILE A CG2 1 
ATOM   986  C CD1 . ILE A 1 136 ? 15.815  -2.635  5.475   1.00 25.61 ? 130  ILE A CD1 1 
ATOM   987  N N   . THR A 1 137 ? 14.114  -7.195  5.998   1.00 20.93 ? 131  THR A N   1 
ATOM   988  C CA  . THR A 1 137 ? 13.082  -7.520  6.975   1.00 19.87 ? 131  THR A CA  1 
ATOM   989  C C   . THR A 1 137 ? 12.886  -6.361  7.949   1.00 20.23 ? 131  THR A C   1 
ATOM   990  O O   . THR A 1 137 ? 13.723  -5.463  8.031   1.00 18.69 ? 131  THR A O   1 
ATOM   991  C CB  . THR A 1 137 ? 13.449  -8.773  7.797   1.00 21.32 ? 131  THR A CB  1 
ATOM   992  O OG1 . THR A 1 137 ? 14.720  -8.574  8.428   1.00 21.16 ? 131  THR A OG1 1 
ATOM   993  C CG2 . THR A 1 137 ? 13.510  -10.003 6.902   1.00 22.09 ? 131  THR A CG2 1 
ATOM   994  N N   . ASP A 1 138 ? 11.769  -6.389  8.669   1.00 19.61 ? 132  ASP A N   1 
ATOM   995  C CA  . ASP A 1 138 ? 11.432  -5.378  9.671   1.00 21.04 ? 132  ASP A CA  1 
ATOM   996  C C   . ASP A 1 138 ? 11.587  -3.929  9.214   1.00 20.21 ? 132  ASP A C   1 
ATOM   997  O O   . ASP A 1 138 ? 12.082  -3.090  9.966   1.00 20.02 ? 132  ASP A O   1 
ATOM   998  C CB  . ASP A 1 138 ? 12.286  -5.587  10.926  1.00 37.91 ? 132  ASP A CB  1 
ATOM   999  C CG  . ASP A 1 138 ? 12.382  -7.044  11.329  1.00 40.65 ? 132  ASP A CG  1 
ATOM   1000 O OD1 . ASP A 1 138 ? 13.177  -7.780  10.709  1.00 44.69 ? 132  ASP A OD1 1 
ATOM   1001 O OD2 . ASP A 1 138 ? 11.657  -7.456  12.258  1.00 43.47 ? 132  ASP A OD2 1 
ATOM   1002 N N   . ARG A 1 139 ? 11.151  -3.628  7.997   1.00 19.54 ? 133  ARG A N   1 
ATOM   1003 C CA  . ARG A 1 139 ? 11.265  -2.271  7.472   1.00 18.21 ? 133  ARG A CA  1 
ATOM   1004 C C   . ARG A 1 139 ? 10.252  -1.295  8.069   1.00 16.96 ? 133  ARG A C   1 
ATOM   1005 O O   . ARG A 1 139 ? 10.562  -0.126  8.281   1.00 15.67 ? 133  ARG A O   1 
ATOM   1006 C CB  . ARG A 1 139 ? 11.108  -2.285  5.946   1.00 18.56 ? 133  ARG A CB  1 
ATOM   1007 C CG  . ARG A 1 139 ? 10.891  -0.907  5.305   1.00 20.50 ? 133  ARG A CG  1 
ATOM   1008 C CD  . ARG A 1 139 ? 12.108  -0.013  5.449   1.00 19.33 ? 133  ARG A CD  1 
ATOM   1009 N NE  . ARG A 1 139 ? 11.904  1.307   4.845   1.00 19.65 ? 133  ARG A NE  1 
ATOM   1010 C CZ  . ARG A 1 139 ? 11.199  2.294   5.392   1.00 17.57 ? 133  ARG A CZ  1 
ATOM   1011 N NH1 . ARG A 1 139 ? 10.610  2.132   6.572   1.00 19.26 ? 133  ARG A NH1 1 
ATOM   1012 N NH2 . ARG A 1 139 ? 11.097  3.458   4.763   1.00 17.87 ? 133  ARG A NH2 1 
ATOM   1013 N N   . PHE A 1 140 ? 9.047   -1.780  8.348   1.00 16.46 ? 134  PHE A N   1 
ATOM   1014 C CA  . PHE A 1 140 ? 7.982   -0.929  8.864   1.00 17.08 ? 134  PHE A CA  1 
ATOM   1015 C C   . PHE A 1 140 ? 7.641   -1.133  10.339  1.00 18.67 ? 134  PHE A C   1 
ATOM   1016 O O   . PHE A 1 140 ? 7.638   -2.258  10.835  1.00 18.93 ? 134  PHE A O   1 
ATOM   1017 C CB  . PHE A 1 140 ? 6.733   -1.146  8.006   1.00 18.16 ? 134  PHE A CB  1 
ATOM   1018 C CG  . PHE A 1 140 ? 6.991   -1.006  6.529   1.00 17.39 ? 134  PHE A CG  1 
ATOM   1019 C CD1 . PHE A 1 140 ? 7.065   0.251   5.940   1.00 17.86 ? 134  PHE A CD1 1 
ATOM   1020 C CD2 . PHE A 1 140 ? 7.207   -2.132  5.736   1.00 16.34 ? 134  PHE A CD2 1 
ATOM   1021 C CE1 . PHE A 1 140 ? 7.354   0.388   4.578   1.00 17.97 ? 134  PHE A CE1 1 
ATOM   1022 C CE2 . PHE A 1 140 ? 7.498   -2.008  4.375   1.00 15.62 ? 134  PHE A CE2 1 
ATOM   1023 C CZ  . PHE A 1 140 ? 7.571   -0.742  3.798   1.00 16.85 ? 134  PHE A CZ  1 
ATOM   1024 N N   . ASP A 1 141 ? 7.364   -0.032  11.034  1.00 21.04 ? 135  ASP A N   1 
ATOM   1025 C CA  . ASP A 1 141 ? 6.996   -0.091  12.446  1.00 22.91 ? 135  ASP A CA  1 
ATOM   1026 C C   . ASP A 1 141 ? 5.672   0.631   12.688  1.00 23.01 ? 135  ASP A C   1 
ATOM   1027 O O   . ASP A 1 141 ? 5.044   1.118   11.749  1.00 22.22 ? 135  ASP A O   1 
ATOM   1028 C CB  . ASP A 1 141 ? 8.094   0.515   13.330  1.00 26.18 ? 135  ASP A CB  1 
ATOM   1029 C CG  . ASP A 1 141 ? 8.427   1.951   12.964  1.00 27.21 ? 135  ASP A CG  1 
ATOM   1030 O OD1 . ASP A 1 141 ? 7.511   2.704   12.577  1.00 27.95 ? 135  ASP A OD1 1 
ATOM   1031 O OD2 . ASP A 1 141 ? 9.610   2.330   13.084  1.00 28.77 ? 135  ASP A OD2 1 
ATOM   1032 N N   . ASP A 1 142 ? 5.249   0.694   13.947  1.00 22.39 ? 136  ASP A N   1 
ATOM   1033 C CA  . ASP A 1 142 ? 3.991   1.344   14.302  1.00 22.40 ? 136  ASP A CA  1 
ATOM   1034 C C   . ASP A 1 142 ? 3.920   2.800   13.857  1.00 21.09 ? 136  ASP A C   1 
ATOM   1035 O O   . ASP A 1 142 ? 2.851   3.294   13.499  1.00 20.80 ? 136  ASP A O   1 
ATOM   1036 C CB  . ASP A 1 142 ? 3.760   1.268   15.816  1.00 44.67 ? 136  ASP A CB  1 
ATOM   1037 C CG  . ASP A 1 142 ? 3.478   -0.142  16.293  1.00 48.51 ? 136  ASP A CG  1 
ATOM   1038 O OD1 . ASP A 1 142 ? 2.512   -0.756  15.794  1.00 50.34 ? 136  ASP A OD1 1 
ATOM   1039 O OD2 . ASP A 1 142 ? 4.218   -0.636  17.171  1.00 50.98 ? 136  ASP A OD2 1 
ATOM   1040 N N   . ASN A 1 143 ? 5.056   3.488   13.884  1.00 20.28 ? 137  ASN A N   1 
ATOM   1041 C CA  . ASN A 1 143 ? 5.089   4.886   13.476  1.00 20.17 ? 137  ASN A CA  1 
ATOM   1042 C C   . ASN A 1 143 ? 4.772   4.993   11.986  1.00 18.24 ? 137  ASN A C   1 
ATOM   1043 O O   . ASN A 1 143 ? 3.977   5.839   11.573  1.00 18.90 ? 137  ASN A O   1 
ATOM   1044 C CB  . ASN A 1 143 ? 6.458   5.494   13.784  1.00 29.32 ? 137  ASN A CB  1 
ATOM   1045 C CG  . ASN A 1 143 ? 6.530   6.966   13.447  1.00 31.25 ? 137  ASN A CG  1 
ATOM   1046 O OD1 . ASN A 1 143 ? 6.788   7.343   12.304  1.00 30.96 ? 137  ASN A OD1 1 
ATOM   1047 N ND2 . ASN A 1 143 ? 6.281   7.813   14.441  1.00 33.14 ? 137  ASN A ND2 1 
ATOM   1048 N N   . ASP A 1 144 ? 5.386   4.129   11.183  1.00 18.73 ? 138  ASP A N   1 
ATOM   1049 C CA  . ASP A 1 144 ? 5.131   4.131   9.745   1.00 17.30 ? 138  ASP A CA  1 
ATOM   1050 C C   . ASP A 1 144 ? 3.660   3.823   9.504   1.00 16.57 ? 138  ASP A C   1 
ATOM   1051 O O   . ASP A 1 144 ? 3.005   4.452   8.676   1.00 16.48 ? 138  ASP A O   1 
ATOM   1052 C CB  . ASP A 1 144 ? 5.979   3.072   9.032   1.00 19.45 ? 138  ASP A CB  1 
ATOM   1053 C CG  . ASP A 1 144 ? 7.466   3.337   9.140   1.00 22.04 ? 138  ASP A CG  1 
ATOM   1054 O OD1 . ASP A 1 144 ? 7.883   4.496   8.926   1.00 24.19 ? 138  ASP A OD1 1 
ATOM   1055 O OD2 . ASP A 1 144 ? 8.220   2.383   9.424   1.00 21.39 ? 138  ASP A OD2 1 
ATOM   1056 N N   . LYS A 1 145 ? 3.145   2.841   10.240  1.00 16.61 ? 139  LYS A N   1 
ATOM   1057 C CA  . LYS A 1 145 ? 1.754   2.435   10.122  1.00 17.25 ? 139  LYS A CA  1 
ATOM   1058 C C   . LYS A 1 145 ? 0.805   3.607   10.353  1.00 17.05 ? 139  LYS A C   1 
ATOM   1059 O O   . LYS A 1 145 ? -0.110  3.844   9.565   1.00 17.83 ? 139  LYS A O   1 
ATOM   1060 C CB  . LYS A 1 145 ? 1.454   1.318   11.127  1.00 20.89 ? 139  LYS A CB  1 
ATOM   1061 C CG  . LYS A 1 145 ? -0.002  0.897   11.184  1.00 22.42 ? 139  LYS A CG  1 
ATOM   1062 C CD  . LYS A 1 145 ? -0.207  -0.212  12.207  1.00 25.09 ? 139  LYS A CD  1 
ATOM   1063 C CE  . LYS A 1 145 ? -1.674  -0.594  12.327  1.00 28.01 ? 139  LYS A CE  1 
ATOM   1064 N NZ  . LYS A 1 145 ? -2.503  0.536   12.832  1.00 29.73 ? 139  LYS A NZ  1 
ATOM   1065 N N   . GLU A 1 146 ? 1.031   4.345   11.435  1.00 16.06 ? 140  GLU A N   1 
ATOM   1066 C CA  . GLU A 1 146 ? 0.185   5.485   11.768  1.00 17.91 ? 140  GLU A CA  1 
ATOM   1067 C C   . GLU A 1 146 ? 0.180   6.546   10.671  1.00 16.64 ? 140  GLU A C   1 
ATOM   1068 O O   . GLU A 1 146 ? -0.875  7.013   10.244  1.00 15.43 ? 140  GLU A O   1 
ATOM   1069 C CB  . GLU A 1 146 ? 0.653   6.113   13.083  1.00 35.48 ? 140  GLU A CB  1 
ATOM   1070 C CG  . GLU A 1 146 ? -0.120  7.357   13.490  1.00 43.03 ? 140  GLU A CG  1 
ATOM   1071 C CD  . GLU A 1 146 ? 0.419   7.988   14.759  1.00 46.22 ? 140  GLU A CD  1 
ATOM   1072 O OE1 . GLU A 1 146 ? -0.127  9.029   15.185  1.00 48.66 ? 140  GLU A OE1 1 
ATOM   1073 O OE2 . GLU A 1 146 ? 1.389   7.446   15.330  1.00 49.08 ? 140  GLU A OE2 1 
ATOM   1074 N N   . HIS A 1 147 ? 1.366   6.924   10.210  1.00 17.27 ? 141  HIS A N   1 
ATOM   1075 C CA  . HIS A 1 147 ? 1.466   7.938   9.174   1.00 16.10 ? 141  HIS A CA  1 
ATOM   1076 C C   . HIS A 1 147 ? 0.934   7.488   7.823   1.00 15.17 ? 141  HIS A C   1 
ATOM   1077 O O   . HIS A 1 147 ? 0.297   8.263   7.113   1.00 14.40 ? 141  HIS A O   1 
ATOM   1078 C CB  . HIS A 1 147 ? 2.911   8.403   9.035   1.00 18.25 ? 141  HIS A CB  1 
ATOM   1079 C CG  . HIS A 1 147 ? 3.375   9.253   10.174  1.00 19.49 ? 141  HIS A CG  1 
ATOM   1080 N ND1 . HIS A 1 147 ? 4.427   8.896   10.987  1.00 22.29 ? 141  HIS A ND1 1 
ATOM   1081 C CD2 . HIS A 1 147 ? 2.930   10.446  10.633  1.00 20.86 ? 141  HIS A CD2 1 
ATOM   1082 C CE1 . HIS A 1 147 ? 4.611   9.835   11.897  1.00 21.54 ? 141  HIS A CE1 1 
ATOM   1083 N NE2 . HIS A 1 147 ? 3.717   10.786  11.706  1.00 21.84 ? 141  HIS A NE2 1 
ATOM   1084 N N   . LEU A 1 148 ? 1.192   6.236   7.461   1.00 15.68 ? 142  LEU A N   1 
ATOM   1085 C CA  . LEU A 1 148 ? 0.710   5.739   6.184   1.00 15.79 ? 142  LEU A CA  1 
ATOM   1086 C C   . LEU A 1 148 ? -0.812  5.607   6.206   1.00 15.49 ? 142  LEU A C   1 
ATOM   1087 O O   . LEU A 1 148 ? -1.472  5.854   5.202   1.00 15.25 ? 142  LEU A O   1 
ATOM   1088 C CB  . LEU A 1 148 ? 1.387   4.408   5.843   1.00 15.92 ? 142  LEU A CB  1 
ATOM   1089 C CG  . LEU A 1 148 ? 2.874   4.581   5.496   1.00 14.26 ? 142  LEU A CG  1 
ATOM   1090 C CD1 . LEU A 1 148 ? 3.573   3.230   5.455   1.00 16.46 ? 142  LEU A CD1 1 
ATOM   1091 C CD2 . LEU A 1 148 ? 3.002   5.298   4.156   1.00 17.05 ? 142  LEU A CD2 1 
ATOM   1092 N N   . GLU A 1 149 ? -1.376  5.229   7.350   1.00 16.52 ? 143  GLU A N   1 
ATOM   1093 C CA  . GLU A 1 149 ? -2.827  5.123   7.438   1.00 17.53 ? 143  GLU A CA  1 
ATOM   1094 C C   . GLU A 1 149 ? -3.430  6.520   7.302   1.00 17.96 ? 143  GLU A C   1 
ATOM   1095 O O   . GLU A 1 149 ? -4.497  6.690   6.715   1.00 17.04 ? 143  GLU A O   1 
ATOM   1096 C CB  . GLU A 1 149 ? -3.252  4.480   8.764   1.00 17.25 ? 143  GLU A CB  1 
ATOM   1097 C CG  . GLU A 1 149 ? -2.853  3.012   8.881   1.00 19.42 ? 143  GLU A CG  1 
ATOM   1098 C CD  . GLU A 1 149 ? -3.364  2.356   10.152  1.00 23.49 ? 143  GLU A CD  1 
ATOM   1099 O OE1 . GLU A 1 149 ? -3.377  3.024   11.209  1.00 23.75 ? 143  GLU A OE1 1 
ATOM   1100 O OE2 . GLU A 1 149 ? -3.739  1.163   10.095  1.00 24.51 ? 143  GLU A OE2 1 
ATOM   1101 N N   . ALA A 1 150 ? -2.734  7.525   7.825   1.00 16.31 ? 144  ALA A N   1 
ATOM   1102 C CA  . ALA A 1 150 ? -3.215  8.900   7.730   1.00 16.59 ? 144  ALA A CA  1 
ATOM   1103 C C   . ALA A 1 150 ? -3.202  9.346   6.268   1.00 16.81 ? 144  ALA A C   1 
ATOM   1104 O O   . ALA A 1 150 ? -4.105  10.052  5.812   1.00 16.90 ? 144  ALA A O   1 
ATOM   1105 C CB  . ALA A 1 150 ? -2.338  9.828   8.576   1.00 15.87 ? 144  ALA A CB  1 
ATOM   1106 N N   . ILE A 1 151 ? -2.173  8.937   5.534   1.00 15.48 ? 145  ILE A N   1 
ATOM   1107 C CA  . ILE A 1 151 ? -2.079  9.299   4.126   1.00 16.33 ? 145  ILE A CA  1 
ATOM   1108 C C   . ILE A 1 151 ? -3.206  8.614   3.353   1.00 14.38 ? 145  ILE A C   1 
ATOM   1109 O O   . ILE A 1 151 ? -3.804  9.205   2.456   1.00 14.99 ? 145  ILE A O   1 
ATOM   1110 C CB  . ILE A 1 151 ? -0.700  8.910   3.540   1.00 20.22 ? 145  ILE A CB  1 
ATOM   1111 C CG1 . ILE A 1 151 ? 0.376   9.826   4.137   1.00 21.16 ? 145  ILE A CG1 1 
ATOM   1112 C CG2 . ILE A 1 151 ? -0.717  9.028   2.016   1.00 20.47 ? 145  ILE A CG2 1 
ATOM   1113 C CD1 . ILE A 1 151 ? 1.790   9.511   3.693   1.00 22.11 ? 145  ILE A CD1 1 
ATOM   1114 N N   . VAL A 1 152 ? -3.509  7.369   3.707   1.00 14.95 ? 146  VAL A N   1 
ATOM   1115 C CA  . VAL A 1 152 ? -4.586  6.663   3.030   1.00 14.76 ? 146  VAL A CA  1 
ATOM   1116 C C   . VAL A 1 152 ? -5.908  7.377   3.293   1.00 15.74 ? 146  VAL A C   1 
ATOM   1117 O O   . VAL A 1 152 ? -6.773  7.437   2.421   1.00 15.78 ? 146  VAL A O   1 
ATOM   1118 C CB  . VAL A 1 152 ? -4.669  5.194   3.497   1.00 15.05 ? 146  VAL A CB  1 
ATOM   1119 C CG1 . VAL A 1 152 ? -5.973  4.558   3.021   1.00 15.86 ? 146  VAL A CG1 1 
ATOM   1120 C CG2 . VAL A 1 152 ? -3.487  4.419   2.936   1.00 15.69 ? 146  VAL A CG2 1 
ATOM   1121 N N   . LYS A 1 153 ? -6.056  7.936   4.491   1.00 17.95 ? 147  LYS A N   1 
ATOM   1122 C CA  . LYS A 1 153 ? -7.277  8.656   4.837   1.00 18.96 ? 147  LYS A CA  1 
ATOM   1123 C C   . LYS A 1 153 ? -7.439  9.869   3.925   1.00 18.05 ? 147  LYS A C   1 
ATOM   1124 O O   . LYS A 1 153 ? -8.551  10.214  3.534   1.00 18.51 ? 147  LYS A O   1 
ATOM   1125 C CB  . LYS A 1 153 ? -7.239  9.097   6.304   1.00 27.62 ? 147  LYS A CB  1 
ATOM   1126 C CG  . LYS A 1 153 ? -8.531  9.734   6.789   1.00 32.95 ? 147  LYS A CG  1 
ATOM   1127 C CD  . LYS A 1 153 ? -8.509  9.969   8.293   1.00 36.50 ? 147  LYS A CD  1 
ATOM   1128 C CE  . LYS A 1 153 ? -9.827  10.556  8.780   1.00 39.44 ? 147  LYS A CE  1 
ATOM   1129 N NZ  . LYS A 1 153 ? -9.865  10.692  10.264  1.00 39.28 ? 147  LYS A NZ  1 
ATOM   1130 N N   . ILE A 1 154 ? -6.326  10.511  3.582   1.00 17.13 ? 148  ILE A N   1 
ATOM   1131 C CA  . ILE A 1 154 ? -6.362  11.671  2.694   1.00 17.52 ? 148  ILE A CA  1 
ATOM   1132 C C   . ILE A 1 154 ? -6.848  11.225  1.317   1.00 16.60 ? 148  ILE A C   1 
ATOM   1133 O O   . ILE A 1 154 ? -7.613  11.927  0.658   1.00 17.67 ? 148  ILE A O   1 
ATOM   1134 C CB  . ILE A 1 154 ? -4.962  12.314  2.549   1.00 24.79 ? 148  ILE A CB  1 
ATOM   1135 C CG1 . ILE A 1 154 ? -4.509  12.876  3.899   1.00 25.06 ? 148  ILE A CG1 1 
ATOM   1136 C CG2 . ILE A 1 154 ? -4.997  13.412  1.494   1.00 23.50 ? 148  ILE A CG2 1 
ATOM   1137 C CD1 . ILE A 1 154 ? -3.120  13.480  3.880   1.00 28.10 ? 148  ILE A CD1 1 
ATOM   1138 N N   . ILE A 1 155 ? -6.392  10.055  0.882   1.00 16.56 ? 149  ILE A N   1 
ATOM   1139 C CA  . ILE A 1 155 ? -6.805  9.520   -0.410  1.00 15.76 ? 149  ILE A CA  1 
ATOM   1140 C C   . ILE A 1 155 ? -8.297  9.201   -0.374  1.00 17.25 ? 149  ILE A C   1 
ATOM   1141 O O   . ILE A 1 155 ? -9.037  9.538   -1.297  1.00 16.29 ? 149  ILE A O   1 
ATOM   1142 C CB  . ILE A 1 155 ? -6.020  8.235   -0.765  1.00 15.77 ? 149  ILE A CB  1 
ATOM   1143 C CG1 . ILE A 1 155 ? -4.540  8.574   -0.964  1.00 15.23 ? 149  ILE A CG1 1 
ATOM   1144 C CG2 . ILE A 1 155 ? -6.595  7.602   -2.031  1.00 16.71 ? 149  ILE A CG2 1 
ATOM   1145 C CD1 . ILE A 1 155 ? -3.670  7.370   -1.229  1.00 18.19 ? 149  ILE A CD1 1 
ATOM   1146 N N   . GLU A 1 156 ? -8.736  8.559   0.704   1.00 18.09 ? 150  GLU A N   1 
ATOM   1147 C CA  . GLU A 1 156 ? -10.140 8.206   0.860   1.00 20.21 ? 150  GLU A CA  1 
ATOM   1148 C C   . GLU A 1 156 ? -11.043 9.432   0.780   1.00 21.63 ? 150  GLU A C   1 
ATOM   1149 O O   . GLU A 1 156 ? -12.071 9.409   0.105   1.00 22.26 ? 150  GLU A O   1 
ATOM   1150 C CB  . GLU A 1 156 ? -10.361 7.495   2.198   1.00 19.74 ? 150  GLU A CB  1 
ATOM   1151 C CG  . GLU A 1 156 ? -9.764  6.099   2.262   1.00 20.97 ? 150  GLU A CG  1 
ATOM   1152 C CD  . GLU A 1 156 ? -9.900  5.466   3.635   1.00 22.92 ? 150  GLU A CD  1 
ATOM   1153 O OE1 . GLU A 1 156 ? -9.625  4.255   3.762   1.00 21.18 ? 150  GLU A OE1 1 
ATOM   1154 O OE2 . GLU A 1 156 ? -10.272 6.179   4.592   1.00 25.21 ? 150  GLU A OE2 1 
ATOM   1155 N N   . LYS A 1 157 ? -10.655 10.502  1.464   1.00 24.17 ? 151  LYS A N   1 
ATOM   1156 C CA  . LYS A 1 157 ? -11.452 11.724  1.471   1.00 26.59 ? 151  LYS A CA  1 
ATOM   1157 C C   . LYS A 1 157 ? -11.642 12.304  0.075   1.00 27.28 ? 151  LYS A C   1 
ATOM   1158 O O   . LYS A 1 157 ? -12.696 12.856  -0.239  1.00 28.30 ? 151  LYS A O   1 
ATOM   1159 C CB  . LYS A 1 157 ? -10.805 12.768  2.383   1.00 43.98 ? 151  LYS A CB  1 
ATOM   1160 C CG  . LYS A 1 157 ? -10.723 12.341  3.841   1.00 49.37 ? 151  LYS A CG  1 
ATOM   1161 C CD  . LYS A 1 157 ? -12.107 12.097  4.423   1.00 53.21 ? 151  LYS A CD  1 
ATOM   1162 C CE  . LYS A 1 157 ? -12.024 11.494  5.815   1.00 55.74 ? 151  LYS A CE  1 
ATOM   1163 N NZ  . LYS A 1 157 ? -11.361 10.159  5.794   1.00 58.29 ? 151  LYS A NZ  1 
ATOM   1164 N N   . GLN A 1 158 ? -10.620 12.171  -0.761  1.00 27.24 ? 152  GLN A N   1 
ATOM   1165 C CA  . GLN A 1 158 ? -10.683 12.695  -2.119  1.00 27.71 ? 152  GLN A CA  1 
ATOM   1166 C C   . GLN A 1 158 ? -11.554 11.833  -3.021  1.00 28.50 ? 152  GLN A C   1 
ATOM   1167 O O   . GLN A 1 158 ? -12.261 12.349  -3.887  1.00 29.39 ? 152  GLN A O   1 
ATOM   1168 C CB  . GLN A 1 158 ? -9.282  12.774  -2.716  1.00 28.63 ? 152  GLN A CB  1 
ATOM   1169 C CG  . GLN A 1 158 ? -9.213  13.503  -4.048  1.00 28.31 ? 152  GLN A CG  1 
ATOM   1170 C CD  . GLN A 1 158 ? -9.485  14.988  -3.907  1.00 29.96 ? 152  GLN A CD  1 
ATOM   1171 O OE1 . GLN A 1 158 ? -8.942  15.646  -3.018  1.00 30.80 ? 152  GLN A OE1 1 
ATOM   1172 N NE2 . GLN A 1 158 ? -10.318 15.527  -4.788  1.00 28.26 ? 152  GLN A NE2 1 
ATOM   1173 N N   . LEU A 1 159 ? -11.495 10.521  -2.819  1.00 27.84 ? 153  LEU A N   1 
ATOM   1174 C CA  . LEU A 1 159 ? -12.269 9.584   -3.623  1.00 28.56 ? 153  LEU A CA  1 
ATOM   1175 C C   . LEU A 1 159 ? -13.720 9.490   -3.168  1.00 30.59 ? 153  LEU A C   1 
ATOM   1176 O O   . LEU A 1 159 ? -14.600 9.135   -3.953  1.00 31.18 ? 153  LEU A O   1 
ATOM   1177 C CB  . LEU A 1 159 ? -11.632 8.194   -3.573  1.00 24.27 ? 153  LEU A CB  1 
ATOM   1178 C CG  . LEU A 1 159 ? -10.197 8.093   -4.091  1.00 23.57 ? 153  LEU A CG  1 
ATOM   1179 C CD1 . LEU A 1 159 ? -9.677  6.681   -3.871  1.00 22.89 ? 153  LEU A CD1 1 
ATOM   1180 C CD2 . LEU A 1 159 ? -10.151 8.467   -5.565  1.00 22.29 ? 153  LEU A CD2 1 
ATOM   1181 N N   . ALA A 1 160 ? -13.960 9.802   -1.899  1.00 39.46 ? 154  ALA A N   1 
ATOM   1182 C CA  . ALA A 1 160 ? -15.305 9.751   -1.337  1.00 40.38 ? 154  ALA A CA  1 
ATOM   1183 C C   . ALA A 1 160 ? -16.287 10.515  -2.218  1.00 41.63 ? 154  ALA A C   1 
ATOM   1184 O O   . ALA A 1 160 ? -17.291 9.906   -2.645  1.00 42.35 ? 154  ALA A O   1 
ATOM   1185 C CB  . ALA A 1 160 ? -15.302 10.332  0.071   1.00 45.87 ? 154  ALA A CB  1 
ATOM   1186 O OXT . ALA A 1 160 ? -16.040 11.715  -2.470  1.00 48.98 ? 154  ALA A OXT 1 
HETATM 1187 S S   . SO4 B 2 .   ? -1.494  -13.062 -12.995 1.00 20.32 ? 6576 SO4 A S   1 
HETATM 1188 O O1  . SO4 B 2 .   ? -2.442  -12.690 -14.129 1.00 20.32 ? 6576 SO4 A O1  1 
HETATM 1189 O O2  . SO4 B 2 .   ? -0.357  -12.050 -13.111 1.00 20.32 ? 6576 SO4 A O2  1 
HETATM 1190 O O3  . SO4 B 2 .   ? -2.156  -12.898 -11.745 1.00 20.32 ? 6576 SO4 A O3  1 
HETATM 1191 O O4  . SO4 B 2 .   ? -0.980  -14.380 -13.234 1.00 20.32 ? 6576 SO4 A O4  1 
HETATM 1192 S S   . SO4 C 2 .   ? 1.266   -20.323 -3.993  1.00 20.30 ? 155  SO4 A S   1 
HETATM 1193 O O1  . SO4 C 2 .   ? 0.964   -19.220 -4.991  1.00 20.30 ? 155  SO4 A O1  1 
HETATM 1194 O O2  . SO4 C 2 .   ? 2.378   -19.756 -3.126  1.00 20.30 ? 155  SO4 A O2  1 
HETATM 1195 O O3  . SO4 C 2 .   ? 0.115   -20.564 -3.184  1.00 20.30 ? 155  SO4 A O3  1 
HETATM 1196 O O4  . SO4 C 2 .   ? 1.754   -21.464 -4.673  1.00 20.30 ? 155  SO4 A O4  1 
HETATM 1197 O O   . HOH D 3 .   ? -12.287 -12.467 6.936   1.00 21.01 ? 156  HOH A O   1 
HETATM 1198 O O   . HOH D 3 .   ? 7.153   -10.582 -5.103  1.00 21.17 ? 157  HOH A O   1 
HETATM 1199 O O   . HOH D 3 .   ? 9.656   -13.322 0.587   1.00 19.03 ? 158  HOH A O   1 
HETATM 1200 O O   . HOH D 3 .   ? 9.635   0.941   -5.769  1.00 22.46 ? 159  HOH A O   1 
HETATM 1201 O O   . HOH D 3 .   ? 9.056   -8.805  -11.664 1.00 21.65 ? 160  HOH A O   1 
HETATM 1202 O O   . HOH D 3 .   ? -0.002  -10.315 -1.540  1.00 20.49 ? 161  HOH A O   1 
HETATM 1203 O O   . HOH D 3 .   ? -6.476  -2.197  -11.656 1.00 22.86 ? 162  HOH A O   1 
HETATM 1204 O O   . HOH D 3 .   ? 6.766   -16.243 -1.445  1.00 17.89 ? 163  HOH A O   1 
HETATM 1205 O O   . HOH D 3 .   ? 3.784   -9.887  -7.365  1.00 18.42 ? 164  HOH A O   1 
HETATM 1206 O O   . HOH D 3 .   ? 10.033  -4.244  -7.403  1.00 17.27 ? 165  HOH A O   1 
HETATM 1207 O O   . HOH D 3 .   ? 2.545   1.779   -12.730 1.00 17.96 ? 166  HOH A O   1 
HETATM 1208 O O   . HOH D 3 .   ? 8.093   -15.508 1.040   1.00 20.42 ? 167  HOH A O   1 
HETATM 1209 O O   . HOH D 3 .   ? 6.885   -8.206  -8.216  1.00 21.80 ? 168  HOH A O   1 
HETATM 1210 O O   . HOH D 3 .   ? -3.256  7.449   11.563  1.00 21.53 ? 169  HOH A O   1 
HETATM 1211 O O   . HOH D 3 .   ? -7.540  -13.733 -7.780  1.00 21.20 ? 170  HOH A O   1 
HETATM 1212 O O   . HOH D 3 .   ? -10.853 -13.591 -4.552  1.00 19.15 ? 171  HOH A O   1 
HETATM 1213 O O   . HOH D 3 .   ? 12.429  17.485  6.022   1.00 18.69 ? 172  HOH A O   1 
HETATM 1214 O O   . HOH D 3 .   ? 7.957   -4.482  8.519   1.00 21.84 ? 173  HOH A O   1 
HETATM 1215 O O   . HOH D 3 .   ? 8.894   14.335  -3.436  1.00 22.18 ? 174  HOH A O   1 
HETATM 1216 O O   . HOH D 3 .   ? 14.062  -5.844  -6.342  1.00 34.33 ? 175  HOH A O   1 
HETATM 1217 O O   . HOH D 3 .   ? -8.045  2.990   5.595   1.00 23.94 ? 176  HOH A O   1 
HETATM 1218 O O   . HOH D 3 .   ? -8.142  13.976  -11.893 1.00 26.03 ? 177  HOH A O   1 
HETATM 1219 O O   . HOH D 3 .   ? -2.165  14.332  -9.084  1.00 25.21 ? 178  HOH A O   1 
HETATM 1220 O O   . HOH D 3 .   ? -6.241  4.402   6.965   1.00 22.92 ? 179  HOH A O   1 
HETATM 1221 O O   . HOH D 3 .   ? 5.222   -9.151  11.670  1.00 22.89 ? 180  HOH A O   1 
HETATM 1222 O O   . HOH D 3 .   ? -9.614  -16.716 -2.000  1.00 25.76 ? 181  HOH A O   1 
HETATM 1223 O O   . HOH D 3 .   ? 9.404   -6.714  -6.782  1.00 27.31 ? 182  HOH A O   1 
HETATM 1224 O O   . HOH D 3 .   ? -12.374 -1.186  -6.379  1.00 24.15 ? 183  HOH A O   1 
HETATM 1225 O O   . HOH D 3 .   ? 6.456   -11.628 10.017  1.00 29.40 ? 184  HOH A O   1 
HETATM 1226 O O   . HOH D 3 .   ? -15.943 -9.887  -2.432  1.00 27.87 ? 185  HOH A O   1 
HETATM 1227 O O   . HOH D 3 .   ? -8.068  14.684  0.632   1.00 23.13 ? 186  HOH A O   1 
HETATM 1228 O O   . HOH D 3 .   ? -5.283  11.925  7.396   1.00 27.72 ? 187  HOH A O   1 
HETATM 1229 O O   . HOH D 3 .   ? -2.512  -11.638 9.462   1.00 29.04 ? 188  HOH A O   1 
HETATM 1230 O O   . HOH D 3 .   ? -13.496 7.026   0.092   1.00 28.62 ? 189  HOH A O   1 
HETATM 1231 O O   . HOH D 3 .   ? 11.421  13.088  4.125   1.00 27.05 ? 190  HOH A O   1 
HETATM 1232 O O   . HOH D 3 .   ? -8.670  -18.309 -4.047  1.00 29.68 ? 191  HOH A O   1 
HETATM 1233 O O   . HOH D 3 .   ? 6.704   -0.696  16.189  1.00 37.01 ? 192  HOH A O   1 
HETATM 1234 O O   . HOH D 3 .   ? 7.788   -4.885  11.118  1.00 25.22 ? 193  HOH A O   1 
HETATM 1235 O O   . HOH D 3 .   ? 4.165   -9.052  -1.266  1.00 20.29 ? 194  HOH A O   1 
HETATM 1236 O O   . HOH D 3 .   ? -8.516  -22.237 -2.064  1.00 26.56 ? 195  HOH A O   1 
HETATM 1237 O O   . HOH D 3 .   ? -3.547  -3.302  11.986  1.00 33.31 ? 196  HOH A O   1 
HETATM 1238 O O   . HOH D 3 .   ? -1.510  -14.341 8.453   1.00 35.39 ? 197  HOH A O   1 
HETATM 1239 O O   . HOH D 3 .   ? 13.477  3.198   -1.467  1.00 25.28 ? 198  HOH A O   1 
HETATM 1240 O O   . HOH D 3 .   ? -11.648 -9.106  -11.802 1.00 33.27 ? 199  HOH A O   1 
HETATM 1241 O O   . HOH D 3 .   ? 3.303   -7.153  -2.917  1.00 25.87 ? 200  HOH A O   1 
HETATM 1242 O O   . HOH D 3 .   ? -9.178  -8.593  11.795  1.00 30.59 ? 201  HOH A O   1 
HETATM 1243 O O   . HOH D 3 .   ? 9.861   5.036   7.171   1.00 34.01 ? 202  HOH A O   1 
HETATM 1244 O O   . HOH D 3 .   ? -8.260  -13.456 7.139   1.00 34.10 ? 203  HOH A O   1 
HETATM 1245 O O   . HOH D 3 .   ? -15.983 -4.487  2.219   1.00 29.51 ? 204  HOH A O   1 
HETATM 1246 O O   . HOH D 3 .   ? -0.249  -6.344  11.428  1.00 31.22 ? 205  HOH A O   1 
HETATM 1247 O O   . HOH D 3 .   ? 8.726   6.130   10.907  1.00 29.57 ? 206  HOH A O   1 
HETATM 1248 O O   . HOH D 3 .   ? 12.969  12.480  0.258   1.00 42.13 ? 207  HOH A O   1 
HETATM 1249 O O   . HOH D 3 .   ? 10.703  7.166   8.673   1.00 29.33 ? 208  HOH A O   1 
HETATM 1250 O O   . HOH D 3 .   ? 13.207  7.352   -2.031  1.00 28.39 ? 209  HOH A O   1 
HETATM 1251 O O   . HOH D 3 .   ? 10.027  -5.364  12.818  1.00 29.01 ? 210  HOH A O   1 
HETATM 1252 O O   . HOH D 3 .   ? -5.748  10.615  9.728   1.00 31.67 ? 211  HOH A O   1 
HETATM 1253 O O   . HOH D 3 .   ? 7.263   -8.026  -4.009  1.00 29.22 ? 212  HOH A O   1 
HETATM 1254 O O   . HOH D 3 .   ? -2.501  -17.560 1.465   1.00 30.36 ? 213  HOH A O   1 
HETATM 1255 O O   . HOH D 3 .   ? -6.156  -1.180  10.086  1.00 37.26 ? 214  HOH A O   1 
HETATM 1256 O O   . HOH D 3 .   ? -3.855  5.101   12.571  1.00 34.82 ? 215  HOH A O   1 
HETATM 1257 O O   . HOH D 3 .   ? -2.562  -15.113 -8.752  1.00 36.27 ? 216  HOH A O   1 
HETATM 1258 O O   . HOH D 3 .   ? 15.908  -8.688  -0.934  1.00 34.55 ? 217  HOH A O   1 
HETATM 1259 O O   . HOH D 3 .   ? 17.066  -8.202  5.839   1.00 34.54 ? 218  HOH A O   1 
HETATM 1260 O O   . HOH D 3 .   ? 8.168   13.450  -5.798  1.00 33.29 ? 219  HOH A O   1 
HETATM 1261 O O   . HOH D 3 .   ? 14.625  -6.141  -3.907  1.00 32.57 ? 220  HOH A O   1 
HETATM 1262 O O   . HOH D 3 .   ? -14.995 -4.932  -0.060  1.00 30.20 ? 221  HOH A O   1 
HETATM 1263 O O   . HOH D 3 .   ? 12.685  7.976   -6.432  1.00 31.45 ? 222  HOH A O   1 
HETATM 1264 O O   . HOH D 3 .   ? 1.930   -15.452 10.422  1.00 43.10 ? 223  HOH A O   1 
HETATM 1265 O O   . HOH D 3 .   ? -6.717  16.362  -1.244  1.00 38.68 ? 224  HOH A O   1 
HETATM 1266 O O   . HOH D 3 .   ? -13.309 12.319  -6.361  1.00 34.81 ? 225  HOH A O   1 
HETATM 1267 O O   . HOH D 3 .   ? 10.303  5.017   12.925  1.00 36.54 ? 226  HOH A O   1 
HETATM 1268 O O   . HOH D 3 .   ? 12.304  11.032  2.588   1.00 31.67 ? 227  HOH A O   1 
HETATM 1269 O O   . HOH D 3 .   ? 9.671   9.124   10.216  1.00 32.30 ? 228  HOH A O   1 
HETATM 1270 O O   . HOH D 3 .   ? 11.160  -12.529 4.396   1.00 33.92 ? 229  HOH A O   1 
HETATM 1271 O O   . HOH D 3 .   ? 2.809   -1.868  13.482  1.00 37.12 ? 230  HOH A O   1 
HETATM 1272 O O   . HOH D 3 .   ? -13.227 -12.519 -10.376 1.00 47.02 ? 231  HOH A O   1 
HETATM 1273 O O   . HOH D 3 .   ? 11.866  0.040   -6.829  1.00 36.15 ? 232  HOH A O   1 
HETATM 1274 O O   . HOH D 3 .   ? -5.153  24.167  -1.110  1.00 37.15 ? 233  HOH A O   1 
HETATM 1275 O O   . HOH D 3 .   ? 1.029   16.843  8.291   1.00 31.57 ? 234  HOH A O   1 
HETATM 1276 O O   . HOH D 3 .   ? 18.506  -2.678  0.592   1.00 34.93 ? 235  HOH A O   1 
HETATM 1277 O O   . HOH D 3 .   ? 0.353   2.539   14.589  1.00 31.75 ? 236  HOH A O   1 
HETATM 1278 O O   . HOH D 3 .   ? 12.234  4.040   -3.492  1.00 35.52 ? 237  HOH A O   1 
HETATM 1279 O O   . HOH D 3 .   ? -2.077  13.129  10.214  1.00 38.45 ? 238  HOH A O   1 
HETATM 1280 O O   . HOH D 3 .   ? 12.007  -10.307 11.669  1.00 35.89 ? 239  HOH A O   1 
HETATM 1281 O O   . HOH D 3 .   ? -11.796 4.811   6.459   1.00 37.23 ? 240  HOH A O   1 
HETATM 1282 O O   . HOH D 3 .   ? -13.872 7.964   -6.701  1.00 42.30 ? 241  HOH A O   1 
HETATM 1283 O O   . HOH D 3 .   ? -16.385 -13.051 -8.996  1.00 34.02 ? 242  HOH A O   1 
HETATM 1284 O O   . HOH D 3 .   ? 9.959   15.538  -0.131  1.00 40.64 ? 243  HOH A O   1 
HETATM 1285 O O   . HOH D 3 .   ? 12.113  -16.455 7.301   1.00 44.51 ? 244  HOH A O   1 
HETATM 1286 O O   . HOH D 3 .   ? 15.516  -9.208  -5.149  1.00 42.48 ? 245  HOH A O   1 
HETATM 1287 O O   . HOH D 3 .   ? 17.642  1.831   10.590  1.00 44.23 ? 246  HOH A O   1 
HETATM 1288 O O   . HOH D 3 .   ? -9.049  -0.738  9.252   1.00 40.57 ? 247  HOH A O   1 
HETATM 1289 O O   . HOH D 3 .   ? 3.375   -6.190  -5.185  1.00 30.32 ? 248  HOH A O   1 
HETATM 1290 O O   . HOH D 3 .   ? 5.139   -7.733  -6.316  1.00 30.32 ? 249  HOH A O   1 
HETATM 1291 O O   . HOH D 3 .   ? 13.695  -8.632  -2.238  1.00 30.32 ? 250  HOH A O   1 
HETATM 1292 O O   . HOH D 3 .   ? 18.037  -8.336  2.242   1.00 30.32 ? 251  HOH A O   1 
HETATM 1293 O O   . HOH D 3 .   ? 6.038   -6.095  12.853  1.00 30.32 ? 252  HOH A O   1 
HETATM 1294 O O   . HOH D 3 .   ? 5.595   -3.179  13.616  1.00 30.32 ? 253  HOH A O   1 
HETATM 1295 O O   . HOH D 3 .   ? 7.279   2.878   15.918  1.00 30.32 ? 254  HOH A O   1 
HETATM 1296 O O   . HOH D 3 .   ? -9.882  2.663   7.790   1.00 30.32 ? 255  HOH A O   1 
HETATM 1297 O O   . HOH D 3 .   ? 11.727  -13.947 1.988   1.00 30.32 ? 256  HOH A O   1 
HETATM 1298 O O   . HOH D 3 .   ? -7.648  12.949  6.258   1.00 30.32 ? 257  HOH A O   1 
HETATM 1299 O O   . HOH D 3 .   ? 12.252  6.552   4.532   1.00 30.32 ? 258  HOH A O   1 
HETATM 1300 O O   . HOH D 3 .   ? -6.154  -14.280 8.380   1.00 30.32 ? 259  HOH A O   1 
HETATM 1301 O O   . HOH D 3 .   ? 12.061  5.241   9.591   1.00 30.32 ? 260  HOH A O   1 
HETATM 1302 O O   . HOH D 3 .   ? 13.693  8.648   0.322   1.00 30.32 ? 261  HOH A O   1 
HETATM 1303 O O   . HOH D 3 .   ? 13.767  5.765   -4.937  1.00 30.32 ? 262  HOH A O   1 
HETATM 1304 O O   . HOH D 3 .   ? 13.981  9.113   3.071   1.00 30.32 ? 263  HOH A O   1 
HETATM 1305 O O   . HOH D 3 .   ? 1.077   -16.672 -6.089  1.00 30.30 ? 264  HOH A O   1 
HETATM 1306 O O   . HOH D 3 .   ? -11.146 15.939  -12.888 1.00 30.21 ? 265  HOH A O   1 
HETATM 1307 O O   . HOH D 3 .   ? -11.041 6.998   -13.032 1.00 30.21 ? 266  HOH A O   1 
HETATM 1308 O O   . HOH D 3 .   ? -9.835  -14.737 -6.727  1.00 30.21 ? 267  HOH A O   1 
HETATM 1309 O O   . HOH D 3 .   ? -5.592  -15.571 -8.614  1.00 30.21 ? 268  HOH A O   1 
HETATM 1310 O O   . HOH D 3 .   ? -1.688  -16.421 -6.666  1.00 30.21 ? 269  HOH A O   1 
HETATM 1311 O O   . HOH D 3 .   ? -3.062  -17.443 -4.657  1.00 30.21 ? 270  HOH A O   1 
HETATM 1312 O O   . HOH D 3 .   ? -2.366  -19.478 -3.041  1.00 30.21 ? 271  HOH A O   1 
HETATM 1313 O O   . HOH D 3 .   ? -5.511  7.919   10.185  1.00 30.21 ? 272  HOH A O   1 
HETATM 1314 O O   . HOH D 3 .   ? -2.524  16.919  4.754   1.00 30.21 ? 273  HOH A O   1 
# 
